data_5UX3
# 
_entry.id   5UX3 
# 
_audit_conform.dict_name       mmcif_pdbx.dic 
_audit_conform.dict_version    5.379 
_audit_conform.dict_location   http://mmcif.pdb.org/dictionaries/ascii/mmcif_pdbx.dic 
# 
loop_
_database_2.database_id 
_database_2.database_code 
_database_2.pdbx_database_accession 
_database_2.pdbx_DOI 
PDB   5UX3         pdb_00005ux3 10.2210/pdb5ux3/pdb 
WWPDB D_1000226544 ?            ?                   
# 
_pdbx_database_status.status_code                     REL 
_pdbx_database_status.status_code_sf                  REL 
_pdbx_database_status.status_code_mr                  ? 
_pdbx_database_status.entry_id                        5UX3 
_pdbx_database_status.recvd_initial_deposition_date   2017-02-21 
_pdbx_database_status.SG_entry                        N 
_pdbx_database_status.deposit_site                    RCSB 
_pdbx_database_status.process_site                    RCSB 
_pdbx_database_status.status_code_cs                  ? 
_pdbx_database_status.methods_development_category    ? 
_pdbx_database_status.pdb_format_compatible           Y 
_pdbx_database_status.status_code_nmr_data            ? 
# 
loop_
_audit_author.name 
_audit_author.pdbx_ordinal 
_audit_author.identifier_ORCID 
'Zhang, W.'     1 ? 
'Oh, S.S.'      2 ? 
'Szostak, J.W.' 3 ? 
# 
_citation.abstract                  ? 
_citation.abstract_id_CAS           ? 
_citation.book_id_ISBN              ? 
_citation.book_publisher            ? 
_citation.book_publisher_city       ? 
_citation.book_title                ? 
_citation.coordinate_linkage        ? 
_citation.country                   US 
_citation.database_id_Medline       ? 
_citation.details                   ? 
_citation.id                        primary 
_citation.journal_abbrev            'J. Am. Chem. Soc.' 
_citation.journal_id_ASTM           JACSAT 
_citation.journal_id_CSD            ? 
_citation.journal_id_ISSN           1520-5126 
_citation.journal_full              ? 
_citation.journal_issue             ? 
_citation.journal_volume            140 
_citation.language                  ? 
_citation.page_first                2829 
_citation.page_last                 2840 
_citation.title                     
'Structural Rationale for the Enhanced Catalysis of Nonenzymatic RNA Primer Extension by a Downstream Oligonucleotide.' 
_citation.year                      2018 
_citation.database_id_CSD           ? 
_citation.pdbx_database_id_DOI      10.1021/jacs.7b11750 
_citation.pdbx_database_id_PubMed   29411978 
_citation.unpublished_flag          ? 
# 
loop_
_citation_author.citation_id 
_citation_author.name 
_citation_author.ordinal 
_citation_author.identifier_ORCID 
primary 'Zhang, W.'     1 ? 
primary 'Tam, C.P.'     2 ? 
primary 'Zhou, L.'      3 ? 
primary 'Oh, S.S.'      4 ? 
primary 'Wang, J.'      5 ? 
primary 'Szostak, J.W.' 6 ? 
# 
_cell.angle_alpha                  90.00 
_cell.angle_alpha_esd              ? 
_cell.angle_beta                   90.00 
_cell.angle_beta_esd               ? 
_cell.angle_gamma                  90.00 
_cell.angle_gamma_esd              ? 
_cell.entry_id                     5UX3 
_cell.details                      ? 
_cell.formula_units_Z              ? 
_cell.length_a                     46.527 
_cell.length_a_esd                 ? 
_cell.length_b                     46.527 
_cell.length_b_esd                 ? 
_cell.length_c                     156.938 
_cell.length_c_esd                 ? 
_cell.volume                       ? 
_cell.volume_esd                   ? 
_cell.Z_PDB                        8 
_cell.reciprocal_angle_alpha       ? 
_cell.reciprocal_angle_beta        ? 
_cell.reciprocal_angle_gamma       ? 
_cell.reciprocal_angle_alpha_esd   ? 
_cell.reciprocal_angle_beta_esd    ? 
_cell.reciprocal_angle_gamma_esd   ? 
_cell.reciprocal_length_a          ? 
_cell.reciprocal_length_b          ? 
_cell.reciprocal_length_c          ? 
_cell.reciprocal_length_a_esd      ? 
_cell.reciprocal_length_b_esd      ? 
_cell.reciprocal_length_c_esd      ? 
_cell.pdbx_unique_axis             ? 
# 
_symmetry.entry_id                         5UX3 
_symmetry.cell_setting                     ? 
_symmetry.Int_Tables_number                96 
_symmetry.space_group_name_Hall            ? 
_symmetry.space_group_name_H-M             'P 43 21 2' 
_symmetry.pdbx_full_space_group_name_H-M   ? 
# 
loop_
_entity.id 
_entity.type 
_entity.src_method 
_entity.pdbx_description 
_entity.formula_weight 
_entity.pdbx_number_of_molecules 
_entity.pdbx_ec 
_entity.pdbx_mutation 
_entity.pdbx_fragment 
_entity.details 
1 polymer     syn 'RNA (25-MER)'                                                     8238.869 1 ? ? ? ? 
2 polymer     syn 
;RNA (5'-D(*(RG))-R(P*CP*AP*CP*CP*UP*CP*A)-3')
;
2549.641 1 ? ? ? ? 
3 non-polymer syn "5'-O-[(S)-hydroxy(4-methyl-1H-imidazol-5-yl)phosphoryl]guanosine" 427.309  1 ? ? ? ? 
4 water       nat water                                                              18.015   1 ? ? ? ? 
# 
loop_
_entity_poly.entity_id 
_entity_poly.type 
_entity_poly.nstd_linkage 
_entity_poly.nstd_monomer 
_entity_poly.pdbx_seq_one_letter_code 
_entity_poly.pdbx_seq_one_letter_code_can 
_entity_poly.pdbx_strand_id 
_entity_poly.pdbx_target_identifier 
1 polyribonucleotide no yes 'UGAGG(5BU)G(LCC)(LCC)GAGCGCGAAAGCGCUC' UGAGGUGNNGAGCGCGAAAGCGCUC A ? 
2 polyribonucleotide no yes '(8OS)CACCUCA'                          XCACCUCA                  B ? 
# 
loop_
_entity_poly_seq.entity_id 
_entity_poly_seq.num 
_entity_poly_seq.mon_id 
_entity_poly_seq.hetero 
1 1  U   n 
1 2  G   n 
1 3  A   n 
1 4  G   n 
1 5  G   n 
1 6  5BU n 
1 7  G   n 
1 8  LCC n 
1 9  LCC n 
1 10 G   n 
1 11 A   n 
1 12 G   n 
1 13 C   n 
1 14 G   n 
1 15 C   n 
1 16 G   n 
1 17 A   n 
1 18 A   n 
1 19 A   n 
1 20 G   n 
1 21 C   n 
1 22 G   n 
1 23 C   n 
1 24 U   n 
1 25 C   n 
2 1  8OS n 
2 2  C   n 
2 3  A   n 
2 4  C   n 
2 5  C   n 
2 6  U   n 
2 7  C   n 
2 8  A   n 
# 
loop_
_pdbx_entity_src_syn.entity_id 
_pdbx_entity_src_syn.pdbx_src_id 
_pdbx_entity_src_syn.pdbx_alt_source_flag 
_pdbx_entity_src_syn.pdbx_beg_seq_num 
_pdbx_entity_src_syn.pdbx_end_seq_num 
_pdbx_entity_src_syn.organism_scientific 
_pdbx_entity_src_syn.organism_common_name 
_pdbx_entity_src_syn.ncbi_taxonomy_id 
_pdbx_entity_src_syn.details 
1 1 sample 1 25 'synthetic construct' ? 32630 ? 
2 1 sample 1 8  'synthetic construct' ? 32630 ? 
# 
loop_
_struct_ref.id 
_struct_ref.db_name 
_struct_ref.db_code 
_struct_ref.pdbx_db_accession 
_struct_ref.pdbx_db_isoform 
_struct_ref.entity_id 
_struct_ref.pdbx_seq_one_letter_code 
_struct_ref.pdbx_align_begin 
1 PDB 5UX3 5UX3 ? 1 ? 1 
2 PDB 5UX3 5UX3 ? 2 ? 1 
# 
loop_
_struct_ref_seq.align_id 
_struct_ref_seq.ref_id 
_struct_ref_seq.pdbx_PDB_id_code 
_struct_ref_seq.pdbx_strand_id 
_struct_ref_seq.seq_align_beg 
_struct_ref_seq.pdbx_seq_align_beg_ins_code 
_struct_ref_seq.seq_align_end 
_struct_ref_seq.pdbx_seq_align_end_ins_code 
_struct_ref_seq.pdbx_db_accession 
_struct_ref_seq.db_align_beg 
_struct_ref_seq.pdbx_db_align_beg_ins_code 
_struct_ref_seq.db_align_end 
_struct_ref_seq.pdbx_db_align_end_ins_code 
_struct_ref_seq.pdbx_auth_seq_align_beg 
_struct_ref_seq.pdbx_auth_seq_align_end 
1 1 5UX3 A 1 ? 25 ? 5UX3 1 ? 25 ? 1 25 
2 2 5UX3 B 1 ? 8  ? 5UX3 1 ? 8  ? 1 8  
# 
loop_
_chem_comp.id 
_chem_comp.type 
_chem_comp.mon_nstd_flag 
_chem_comp.name 
_chem_comp.pdbx_synonyms 
_chem_comp.formula 
_chem_comp.formula_weight 
5BU 'RNA linking' n "5-BROMO-URIDINE-5'-MONOPHOSPHATE" ? 'C9 H12 Br N2 O9 P' 403.077 
8OS 'RNA linking' n "5'-O-[(S)-hydroxy(4-methyl-1H-imidazol-5-yl)phosphoryl]guanosine" ? 'C14 H18 N7 O7 P'   427.309 
A   'RNA linking' y "ADENOSINE-5'-MONOPHOSPHATE" ? 'C10 H14 N5 O7 P'   347.221 
C   'RNA linking' y "CYTIDINE-5'-MONOPHOSPHATE" ? 'C9 H14 N3 O8 P'    323.197 
G   'RNA linking' y "GUANOSINE-5'-MONOPHOSPHATE" ? 'C10 H14 N5 O8 P'   363.221 
HOH non-polymer   . WATER ? 'H2 O'              18.015  
LCC 'RNA linking' . 
'[(1R,3R,4R,7S)-7-HYDROXY-3-(5-METHYLCYTOSIN-1-YL)-2,5-DIOXABICYCLO[2.2.1]HEPT-1-YL]METHYL DIHYDROGEN PHOSPHATE' ? 
'C11 H16 N3 O8 P'   349.234 
U   'RNA linking' y "URIDINE-5'-MONOPHOSPHATE" ? 'C9 H13 N2 O9 P'    324.181 
# 
_exptl.absorpt_coefficient_mu     ? 
_exptl.absorpt_correction_T_max   ? 
_exptl.absorpt_correction_T_min   ? 
_exptl.absorpt_correction_type    ? 
_exptl.absorpt_process_details    ? 
_exptl.entry_id                   5UX3 
_exptl.crystals_number            1 
_exptl.details                    ? 
_exptl.method                     'X-RAY DIFFRACTION' 
_exptl.method_details             ? 
# 
_exptl_crystal.colour                      ? 
_exptl_crystal.density_diffrn              ? 
_exptl_crystal.density_Matthews            3.8 
_exptl_crystal.density_method              ? 
_exptl_crystal.density_percent_sol         68.1 
_exptl_crystal.description                 ? 
_exptl_crystal.F_000                       ? 
_exptl_crystal.id                          1 
_exptl_crystal.preparation                 ? 
_exptl_crystal.size_max                    ? 
_exptl_crystal.size_mid                    ? 
_exptl_crystal.size_min                    ? 
_exptl_crystal.size_rad                    ? 
_exptl_crystal.colour_lustre               ? 
_exptl_crystal.colour_modifier             ? 
_exptl_crystal.colour_primary              ? 
_exptl_crystal.density_meas                ? 
_exptl_crystal.density_meas_esd            ? 
_exptl_crystal.density_meas_gt             ? 
_exptl_crystal.density_meas_lt             ? 
_exptl_crystal.density_meas_temp           ? 
_exptl_crystal.density_meas_temp_esd       ? 
_exptl_crystal.density_meas_temp_gt        ? 
_exptl_crystal.density_meas_temp_lt        ? 
_exptl_crystal.pdbx_crystal_image_url      ? 
_exptl_crystal.pdbx_crystal_image_format   ? 
_exptl_crystal.pdbx_mosaicity              ? 
_exptl_crystal.pdbx_mosaicity_esd          ? 
# 
_exptl_crystal_grow.apparatus       ? 
_exptl_crystal_grow.atmosphere      ? 
_exptl_crystal_grow.crystal_id      1 
_exptl_crystal_grow.details         ? 
_exptl_crystal_grow.method          'VAPOR DIFFUSION, SITTING DROP' 
_exptl_crystal_grow.method_ref      ? 
_exptl_crystal_grow.pH              7.5 
_exptl_crystal_grow.pressure        ? 
_exptl_crystal_grow.pressure_esd    ? 
_exptl_crystal_grow.seeding         ? 
_exptl_crystal_grow.seeding_ref     ? 
_exptl_crystal_grow.temp            292 
_exptl_crystal_grow.temp_details    ? 
_exptl_crystal_grow.temp_esd        ? 
_exptl_crystal_grow.time            ? 
_exptl_crystal_grow.pdbx_details    '50 mM MgCl2, 3 M ammonia sulfate, 100 mM HEPES 7.5' 
_exptl_crystal_grow.pdbx_pH_range   ? 
# 
_diffrn.ambient_environment    ? 
_diffrn.ambient_temp           99 
_diffrn.ambient_temp_details   ? 
_diffrn.ambient_temp_esd       ? 
_diffrn.crystal_id             1 
_diffrn.crystal_support        ? 
_diffrn.crystal_treatment      ? 
_diffrn.details                ? 
_diffrn.id                     1 
_diffrn.ambient_pressure       ? 
_diffrn.ambient_pressure_esd   ? 
_diffrn.ambient_pressure_gt    ? 
_diffrn.ambient_pressure_lt    ? 
_diffrn.ambient_temp_gt        ? 
_diffrn.ambient_temp_lt        ? 
# 
_diffrn_detector.details                      ? 
_diffrn_detector.detector                     CCD 
_diffrn_detector.diffrn_id                    1 
_diffrn_detector.type                         'ADSC QUANTUM 315' 
_diffrn_detector.area_resol_mean              ? 
_diffrn_detector.dtime                        ? 
_diffrn_detector.pdbx_frames_total            ? 
_diffrn_detector.pdbx_collection_time_total   ? 
_diffrn_detector.pdbx_collection_date         2016-10-28 
# 
_diffrn_radiation.collimation                      ? 
_diffrn_radiation.diffrn_id                        1 
_diffrn_radiation.filter_edge                      ? 
_diffrn_radiation.inhomogeneity                    ? 
_diffrn_radiation.monochromator                    ? 
_diffrn_radiation.polarisn_norm                    ? 
_diffrn_radiation.polarisn_ratio                   ? 
_diffrn_radiation.probe                            ? 
_diffrn_radiation.type                             ? 
_diffrn_radiation.xray_symbol                      ? 
_diffrn_radiation.wavelength_id                    1 
_diffrn_radiation.pdbx_monochromatic_or_laue_m_l   M 
_diffrn_radiation.pdbx_wavelength_list             ? 
_diffrn_radiation.pdbx_wavelength                  ? 
_diffrn_radiation.pdbx_diffrn_protocol             'SINGLE WAVELENGTH' 
_diffrn_radiation.pdbx_analyzer                    ? 
_diffrn_radiation.pdbx_scattering_type             x-ray 
# 
_diffrn_radiation_wavelength.id           1 
_diffrn_radiation_wavelength.wavelength   1 
_diffrn_radiation_wavelength.wt           1.0 
# 
_diffrn_source.current                     ? 
_diffrn_source.details                     ? 
_diffrn_source.diffrn_id                   1 
_diffrn_source.power                       ? 
_diffrn_source.size                        ? 
_diffrn_source.source                      SYNCHROTRON 
_diffrn_source.target                      ? 
_diffrn_source.type                        'ALS BEAMLINE 8.2.2' 
_diffrn_source.voltage                     ? 
_diffrn_source.take-off_angle              ? 
_diffrn_source.pdbx_wavelength_list        1 
_diffrn_source.pdbx_wavelength             ? 
_diffrn_source.pdbx_synchrotron_beamline   8.2.2 
_diffrn_source.pdbx_synchrotron_site       ALS 
# 
_reflns.B_iso_Wilson_estimate            ? 
_reflns.entry_id                         5UX3 
_reflns.data_reduction_details           ? 
_reflns.data_reduction_method            ? 
_reflns.d_resolution_high                2.50 
_reflns.d_resolution_low                 50 
_reflns.details                          ? 
_reflns.limit_h_max                      ? 
_reflns.limit_h_min                      ? 
_reflns.limit_k_max                      ? 
_reflns.limit_k_min                      ? 
_reflns.limit_l_max                      ? 
_reflns.limit_l_min                      ? 
_reflns.number_all                       ? 
_reflns.number_obs                       6436 
_reflns.observed_criterion               ? 
_reflns.observed_criterion_F_max         ? 
_reflns.observed_criterion_F_min         ? 
_reflns.observed_criterion_I_max         ? 
_reflns.observed_criterion_I_min         ? 
_reflns.observed_criterion_sigma_F       ? 
_reflns.observed_criterion_sigma_I       ? 
_reflns.percent_possible_obs             98.7 
_reflns.R_free_details                   ? 
_reflns.Rmerge_F_all                     ? 
_reflns.Rmerge_F_obs                     ? 
_reflns.Friedel_coverage                 ? 
_reflns.number_gt                        ? 
_reflns.threshold_expression             ? 
_reflns.pdbx_redundancy                  5.1 
_reflns.pdbx_Rmerge_I_obs                0.080 
_reflns.pdbx_Rmerge_I_all                ? 
_reflns.pdbx_Rsym_value                  0.067 
_reflns.pdbx_netI_over_av_sigmaI         ? 
_reflns.pdbx_netI_over_sigmaI            20.3 
_reflns.pdbx_res_netI_over_av_sigmaI_2   ? 
_reflns.pdbx_res_netI_over_sigmaI_2      ? 
_reflns.pdbx_chi_squared                 1.02 
_reflns.pdbx_scaling_rejects             ? 
_reflns.pdbx_d_res_high_opt              ? 
_reflns.pdbx_d_res_low_opt               ? 
_reflns.pdbx_d_res_opt_method            ? 
_reflns.phase_calculation_details        ? 
_reflns.pdbx_Rrim_I_all                  ? 
_reflns.pdbx_Rpim_I_all                  ? 
_reflns.pdbx_d_opt                       ? 
_reflns.pdbx_number_measured_all         ? 
_reflns.pdbx_diffrn_id                   1 
_reflns.pdbx_ordinal                     1 
_reflns.pdbx_CC_half                     0.943 
_reflns.pdbx_R_split                     ? 
# 
_reflns_shell.d_res_high                  2.50 
_reflns_shell.d_res_low                   2.59 
_reflns_shell.meanI_over_sigI_all         ? 
_reflns_shell.meanI_over_sigI_obs         1 
_reflns_shell.number_measured_all         ? 
_reflns_shell.number_measured_obs         ? 
_reflns_shell.number_possible             ? 
_reflns_shell.number_unique_all           ? 
_reflns_shell.number_unique_obs           604 
_reflns_shell.percent_possible_all        94.1 
_reflns_shell.percent_possible_obs        ? 
_reflns_shell.Rmerge_F_all                ? 
_reflns_shell.Rmerge_F_obs                ? 
_reflns_shell.Rmerge_I_all                ? 
_reflns_shell.Rmerge_I_obs                0.695 
_reflns_shell.meanI_over_sigI_gt          ? 
_reflns_shell.meanI_over_uI_all           ? 
_reflns_shell.meanI_over_uI_gt            ? 
_reflns_shell.number_measured_gt          ? 
_reflns_shell.number_unique_gt            ? 
_reflns_shell.percent_possible_gt         ? 
_reflns_shell.Rmerge_F_gt                 ? 
_reflns_shell.Rmerge_I_gt                 ? 
_reflns_shell.pdbx_redundancy             3.9 
_reflns_shell.pdbx_Rsym_value             0.463 
_reflns_shell.pdbx_chi_squared            0.639 
_reflns_shell.pdbx_netI_over_sigmaI_all   ? 
_reflns_shell.pdbx_netI_over_sigmaI_obs   ? 
_reflns_shell.pdbx_Rrim_I_all             ? 
_reflns_shell.pdbx_Rpim_I_all             ? 
_reflns_shell.pdbx_rejects                ? 
_reflns_shell.pdbx_ordinal                1 
_reflns_shell.pdbx_diffrn_id              1 
_reflns_shell.pdbx_CC_half                0.754 
_reflns_shell.pdbx_R_split                ? 
# 
_refine.aniso_B[1][1]                            -0.07 
_refine.aniso_B[1][2]                            0.00 
_refine.aniso_B[1][3]                            0.00 
_refine.aniso_B[2][2]                            -0.07 
_refine.aniso_B[2][3]                            0.00 
_refine.aniso_B[3][3]                            0.15 
_refine.B_iso_max                                ? 
_refine.B_iso_mean                               77.743 
_refine.B_iso_min                                ? 
_refine.correlation_coeff_Fo_to_Fc               0.893 
_refine.correlation_coeff_Fo_to_Fc_free          0.957 
_refine.details                                  'HYDROGENS HAVE BEEN ADDED IN THE RIDING POSITIONS' 
_refine.diff_density_max                         ? 
_refine.diff_density_max_esd                     ? 
_refine.diff_density_min                         ? 
_refine.diff_density_min_esd                     ? 
_refine.diff_density_rms                         ? 
_refine.diff_density_rms_esd                     ? 
_refine.entry_id                                 5UX3 
_refine.pdbx_refine_id                           'X-RAY DIFFRACTION' 
_refine.ls_abs_structure_details                 ? 
_refine.ls_abs_structure_Flack                   ? 
_refine.ls_abs_structure_Flack_esd               ? 
_refine.ls_abs_structure_Rogers                  ? 
_refine.ls_abs_structure_Rogers_esd              ? 
_refine.ls_d_res_high                            2.50 
_refine.ls_d_res_low                             44.61 
_refine.ls_extinction_coef                       ? 
_refine.ls_extinction_coef_esd                   ? 
_refine.ls_extinction_expression                 ? 
_refine.ls_extinction_method                     ? 
_refine.ls_goodness_of_fit_all                   ? 
_refine.ls_goodness_of_fit_all_esd               ? 
_refine.ls_goodness_of_fit_obs                   ? 
_refine.ls_goodness_of_fit_obs_esd               ? 
_refine.ls_hydrogen_treatment                    ? 
_refine.ls_matrix_type                           ? 
_refine.ls_number_constraints                    ? 
_refine.ls_number_parameters                     ? 
_refine.ls_number_reflns_all                     ? 
_refine.ls_number_reflns_obs                     6154 
_refine.ls_number_reflns_R_free                  281 
_refine.ls_number_reflns_R_work                  ? 
_refine.ls_number_restraints                     ? 
_refine.ls_percent_reflns_obs                    98.74 
_refine.ls_percent_reflns_R_free                 4.4 
_refine.ls_R_factor_all                          ? 
_refine.ls_R_factor_obs                          0.22040 
_refine.ls_R_factor_R_free                       0.26127 
_refine.ls_R_factor_R_free_error                 ? 
_refine.ls_R_factor_R_free_error_details         ? 
_refine.ls_R_factor_R_work                       0.21848 
_refine.ls_R_Fsqd_factor_obs                     ? 
_refine.ls_R_I_factor_obs                        ? 
_refine.ls_redundancy_reflns_all                 ? 
_refine.ls_redundancy_reflns_obs                 ? 
_refine.ls_restrained_S_all                      ? 
_refine.ls_restrained_S_obs                      ? 
_refine.ls_shift_over_esd_max                    ? 
_refine.ls_shift_over_esd_mean                   ? 
_refine.ls_structure_factor_coef                 ? 
_refine.ls_weighting_details                     ? 
_refine.ls_weighting_scheme                      ? 
_refine.ls_wR_factor_all                         ? 
_refine.ls_wR_factor_obs                         ? 
_refine.ls_wR_factor_R_free                      ? 
_refine.ls_wR_factor_R_work                      ? 
_refine.occupancy_max                            ? 
_refine.occupancy_min                            ? 
_refine.solvent_model_details                    ? 
_refine.solvent_model_param_bsol                 ? 
_refine.solvent_model_param_ksol                 ? 
_refine.ls_R_factor_gt                           ? 
_refine.ls_goodness_of_fit_gt                    ? 
_refine.ls_goodness_of_fit_ref                   ? 
_refine.ls_shift_over_su_max                     ? 
_refine.ls_shift_over_su_max_lt                  ? 
_refine.ls_shift_over_su_mean                    ? 
_refine.ls_shift_over_su_mean_lt                 ? 
_refine.pdbx_ls_sigma_I                          ? 
_refine.pdbx_ls_sigma_F                          ? 
_refine.pdbx_ls_sigma_Fsqd                       ? 
_refine.pdbx_data_cutoff_high_absF               ? 
_refine.pdbx_data_cutoff_high_rms_absF           ? 
_refine.pdbx_data_cutoff_low_absF                ? 
_refine.pdbx_isotropic_thermal_model             ? 
_refine.pdbx_ls_cross_valid_method               THROUGHOUT 
_refine.pdbx_method_to_determine_struct          'MOLECULAR REPLACEMENT' 
_refine.pdbx_starting_model                      4FNJ 
_refine.pdbx_stereochemistry_target_values       ? 
_refine.pdbx_R_Free_selection_details            RANDOM 
_refine.pdbx_stereochem_target_val_spec_case     ? 
_refine.pdbx_overall_ESU_R                       0.270 
_refine.pdbx_overall_ESU_R_Free                  0.232 
_refine.pdbx_solvent_vdw_probe_radii             1.20 
_refine.pdbx_solvent_ion_probe_radii             0.80 
_refine.pdbx_solvent_shrinkage_radii             0.80 
_refine.pdbx_real_space_R                        ? 
_refine.pdbx_density_correlation                 ? 
_refine.pdbx_pd_number_of_powder_patterns        ? 
_refine.pdbx_pd_number_of_points                 ? 
_refine.pdbx_pd_meas_number_of_points            ? 
_refine.pdbx_pd_proc_ls_prof_R_factor            ? 
_refine.pdbx_pd_proc_ls_prof_wR_factor           ? 
_refine.pdbx_pd_Marquardt_correlation_coeff      ? 
_refine.pdbx_pd_Fsqrd_R_factor                   ? 
_refine.pdbx_pd_ls_matrix_band_width             ? 
_refine.pdbx_overall_phase_error                 ? 
_refine.pdbx_overall_SU_R_free_Cruickshank_DPI   ? 
_refine.pdbx_overall_SU_R_free_Blow_DPI          ? 
_refine.pdbx_overall_SU_R_Blow_DPI               ? 
_refine.pdbx_TLS_residual_ADP_flag               ? 
_refine.pdbx_diffrn_id                           1 
_refine.overall_SU_B                             13.705 
_refine.overall_SU_ML                            0.260 
_refine.overall_SU_R_Cruickshank_DPI             ? 
_refine.overall_SU_R_free                        ? 
_refine.overall_FOM_free_R_set                   ? 
_refine.overall_FOM_work_R_set                   ? 
_refine.pdbx_average_fsc_overall                 ? 
_refine.pdbx_average_fsc_work                    ? 
_refine.pdbx_average_fsc_free                    ? 
# 
_refine_hist.pdbx_refine_id                   'X-RAY DIFFRACTION' 
_refine_hist.cycle_id                         1 
_refine_hist.pdbx_number_atoms_protein        0 
_refine_hist.pdbx_number_atoms_nucleic_acid   714 
_refine_hist.pdbx_number_atoms_ligand         29 
_refine_hist.number_atoms_solvent             1 
_refine_hist.number_atoms_total               744 
_refine_hist.d_res_high                       2.50 
_refine_hist.d_res_low                        44.61 
# 
loop_
_refine_ls_restr.pdbx_refine_id 
_refine_ls_restr.criterion 
_refine_ls_restr.dev_ideal 
_refine_ls_restr.dev_ideal_target 
_refine_ls_restr.number 
_refine_ls_restr.rejects 
_refine_ls_restr.type 
_refine_ls_restr.weight 
_refine_ls_restr.pdbx_restraint_function 
'X-RAY DIFFRACTION' ? 0.015  0.013  826  ? r_bond_refined_d             ? ? 
'X-RAY DIFFRACTION' ? 0.013  0.022  355  ? r_bond_other_d               ? ? 
'X-RAY DIFFRACTION' ? 2.564  1.552  1275 ? r_angle_refined_deg          ? ? 
'X-RAY DIFFRACTION' ? 2.791  3.108  852  ? r_angle_other_deg            ? ? 
'X-RAY DIFFRACTION' ? ?      ?      ?    ? r_dihedral_angle_1_deg       ? ? 
'X-RAY DIFFRACTION' ? ?      ?      ?    ? r_dihedral_angle_2_deg       ? ? 
'X-RAY DIFFRACTION' ? ?      ?      ?    ? r_dihedral_angle_3_deg       ? ? 
'X-RAY DIFFRACTION' ? ?      ?      ?    ? r_dihedral_angle_4_deg       ? ? 
'X-RAY DIFFRACTION' ? 0.252  0.200  141  ? r_chiral_restr               ? ? 
'X-RAY DIFFRACTION' ? 0.012  0.020  433  ? r_gen_planes_refined         ? ? 
'X-RAY DIFFRACTION' ? 0.003  0.020  185  ? r_gen_planes_other           ? ? 
'X-RAY DIFFRACTION' ? ?      ?      ?    ? r_nbd_refined                ? ? 
'X-RAY DIFFRACTION' ? ?      ?      ?    ? r_nbd_other                  ? ? 
'X-RAY DIFFRACTION' ? ?      ?      ?    ? r_nbtor_refined              ? ? 
'X-RAY DIFFRACTION' ? ?      ?      ?    ? r_nbtor_other                ? ? 
'X-RAY DIFFRACTION' ? ?      ?      ?    ? r_xyhbond_nbd_refined        ? ? 
'X-RAY DIFFRACTION' ? ?      ?      ?    ? r_xyhbond_nbd_other          ? ? 
'X-RAY DIFFRACTION' ? ?      ?      ?    ? r_metal_ion_refined          ? ? 
'X-RAY DIFFRACTION' ? ?      ?      ?    ? r_metal_ion_other            ? ? 
'X-RAY DIFFRACTION' ? ?      ?      ?    ? r_symmetry_vdw_refined       ? ? 
'X-RAY DIFFRACTION' ? ?      ?      ?    ? r_symmetry_vdw_other         ? ? 
'X-RAY DIFFRACTION' ? ?      ?      ?    ? r_symmetry_hbond_refined     ? ? 
'X-RAY DIFFRACTION' ? ?      ?      ?    ? r_symmetry_hbond_other       ? ? 
'X-RAY DIFFRACTION' ? ?      ?      ?    ? r_symmetry_metal_ion_refined ? ? 
'X-RAY DIFFRACTION' ? ?      ?      ?    ? r_symmetry_metal_ion_other   ? ? 
'X-RAY DIFFRACTION' ? ?      ?      ?    ? r_mcbond_it                  ? ? 
'X-RAY DIFFRACTION' ? ?      ?      ?    ? r_mcbond_other               ? ? 
'X-RAY DIFFRACTION' ? ?      ?      ?    ? r_mcangle_it                 ? ? 
'X-RAY DIFFRACTION' ? ?      ?      ?    ? r_mcangle_other              ? ? 
'X-RAY DIFFRACTION' ? 7.000  8.246  826  ? r_scbond_it                  ? ? 
'X-RAY DIFFRACTION' ? 6.997  8.248  827  ? r_scbond_other               ? ? 
'X-RAY DIFFRACTION' ? ?      ?      ?    ? r_scangle_it                 ? ? 
'X-RAY DIFFRACTION' ? 9.462  12.321 1276 ? r_scangle_other              ? ? 
'X-RAY DIFFRACTION' ? 10.276 84.278 1203 ? r_long_range_B_refined       ? ? 
'X-RAY DIFFRACTION' ? 10.275 84.290 1204 ? r_long_range_B_other         ? ? 
'X-RAY DIFFRACTION' ? ?      ?      ?    ? r_rigid_bond_restr           ? ? 
'X-RAY DIFFRACTION' ? ?      ?      ?    ? r_sphericity_free            ? ? 
'X-RAY DIFFRACTION' ? ?      ?      ?    ? r_sphericity_bonded          ? ? 
# 
_refine_ls_shell.pdbx_refine_id                   'X-RAY DIFFRACTION' 
_refine_ls_shell.d_res_high                       2.501 
_refine_ls_shell.d_res_low                        2.566 
_refine_ls_shell.number_reflns_all                ? 
_refine_ls_shell.number_reflns_obs                ? 
_refine_ls_shell.number_reflns_R_free             18 
_refine_ls_shell.number_reflns_R_work             423 
_refine_ls_shell.percent_reflns_obs               94.43 
_refine_ls_shell.percent_reflns_R_free            ? 
_refine_ls_shell.R_factor_all                     ? 
_refine_ls_shell.R_factor_obs                     ? 
_refine_ls_shell.R_factor_R_free                  0.598 
_refine_ls_shell.R_factor_R_free_error            ? 
_refine_ls_shell.R_factor_R_work                  0.476 
_refine_ls_shell.redundancy_reflns_all            ? 
_refine_ls_shell.redundancy_reflns_obs            ? 
_refine_ls_shell.wR_factor_all                    ? 
_refine_ls_shell.wR_factor_obs                    ? 
_refine_ls_shell.wR_factor_R_free                 ? 
_refine_ls_shell.wR_factor_R_work                 ? 
_refine_ls_shell.pdbx_total_number_of_bins_used   20 
_refine_ls_shell.pdbx_phase_error                 ? 
_refine_ls_shell.pdbx_fsc_work                    ? 
_refine_ls_shell.pdbx_fsc_free                    ? 
# 
_struct.entry_id                     5UX3 
_struct.title                        'RNA hairpin structure containing 2-MeImpG monomer analogue and 2-MeImp-oligomer analogue' 
_struct.pdbx_model_details           ? 
_struct.pdbx_formula_weight          ? 
_struct.pdbx_formula_weight_method   ? 
_struct.pdbx_model_type_details      ? 
_struct.pdbx_CASP_flag               N 
# 
_struct_keywords.entry_id        5UX3 
_struct_keywords.text            RNA 
_struct_keywords.pdbx_keywords   RNA 
# 
loop_
_struct_asym.id 
_struct_asym.pdbx_blank_PDB_chainid_flag 
_struct_asym.pdbx_modified 
_struct_asym.entity_id 
_struct_asym.details 
A N N 1 ? 
B N N 2 ? 
C N N 3 ? 
D N N 4 ? 
# 
loop_
_struct_conn.id 
_struct_conn.conn_type_id 
_struct_conn.pdbx_leaving_atom_flag 
_struct_conn.pdbx_PDB_id 
_struct_conn.ptnr1_label_asym_id 
_struct_conn.ptnr1_label_comp_id 
_struct_conn.ptnr1_label_seq_id 
_struct_conn.ptnr1_label_atom_id 
_struct_conn.pdbx_ptnr1_label_alt_id 
_struct_conn.pdbx_ptnr1_PDB_ins_code 
_struct_conn.pdbx_ptnr1_standard_comp_id 
_struct_conn.ptnr1_symmetry 
_struct_conn.ptnr2_label_asym_id 
_struct_conn.ptnr2_label_comp_id 
_struct_conn.ptnr2_label_seq_id 
_struct_conn.ptnr2_label_atom_id 
_struct_conn.pdbx_ptnr2_label_alt_id 
_struct_conn.pdbx_ptnr2_PDB_ins_code 
_struct_conn.ptnr1_auth_asym_id 
_struct_conn.ptnr1_auth_comp_id 
_struct_conn.ptnr1_auth_seq_id 
_struct_conn.ptnr2_auth_asym_id 
_struct_conn.ptnr2_auth_comp_id 
_struct_conn.ptnr2_auth_seq_id 
_struct_conn.ptnr2_symmetry 
_struct_conn.pdbx_ptnr3_label_atom_id 
_struct_conn.pdbx_ptnr3_label_seq_id 
_struct_conn.pdbx_ptnr3_label_comp_id 
_struct_conn.pdbx_ptnr3_label_asym_id 
_struct_conn.pdbx_ptnr3_label_alt_id 
_struct_conn.pdbx_ptnr3_PDB_ins_code 
_struct_conn.details 
_struct_conn.pdbx_dist_value 
_struct_conn.pdbx_value_order 
_struct_conn.pdbx_role 
covale1  covale both ? A G   5  "O3'" ? ? ? 1_555 A 5BU 6  P  ? ? A G   5  A 5BU 6  1_555 ? ? ? ? ? ? ?             1.674 ? ? 
covale2  covale both ? A 5BU 6  "O3'" ? ? ? 1_555 A G   7  P  ? ? A 5BU 6  A G   7  1_555 ? ? ? ? ? ? ?             1.705 ? ? 
covale3  covale both ? A G   7  "O3'" ? ? ? 1_555 A LCC 8  P  ? ? A G   7  A LCC 8  1_555 ? ? ? ? ? ? ?             1.626 ? ? 
covale4  covale both ? A LCC 8  "O3'" ? ? ? 1_555 A LCC 9  P  ? ? A LCC 8  A LCC 9  1_555 ? ? ? ? ? ? ?             1.656 ? ? 
covale5  covale both ? A LCC 9  "O3'" ? ? ? 1_555 A G   10 P  ? ? A LCC 9  A G   10 1_555 ? ? ? ? ? ? ?             1.704 ? ? 
covale6  covale one  ? B 8OS 1  O4    ? ? ? 1_555 B C   2  P  ? ? B 8OS 1  B C   2  1_555 ? ? ? ? ? ? ?             1.681 ? ? 
hydrog1  hydrog ?    ? A G   2  N1    ? ? ? 1_555 B C   7  N3 ? ? A G   2  B C   7  1_555 ? ? ? ? ? ? WATSON-CRICK  ?     ? ? 
hydrog2  hydrog ?    ? A G   2  N2    ? ? ? 1_555 B C   7  O2 ? ? A G   2  B C   7  1_555 ? ? ? ? ? ? WATSON-CRICK  ?     ? ? 
hydrog3  hydrog ?    ? A G   2  O6    ? ? ? 1_555 B C   7  N4 ? ? A G   2  B C   7  1_555 ? ? ? ? ? ? WATSON-CRICK  ?     ? ? 
hydrog4  hydrog ?    ? A A   3  N1    ? ? ? 1_555 B U   6  N3 ? ? A A   3  B U   6  1_555 ? ? ? ? ? ? WATSON-CRICK  ?     ? ? 
hydrog5  hydrog ?    ? A A   3  N6    ? ? ? 1_555 B U   6  O4 ? ? A A   3  B U   6  1_555 ? ? ? ? ? ? WATSON-CRICK  ?     ? ? 
hydrog6  hydrog ?    ? A G   4  N1    ? ? ? 1_555 B C   5  N3 ? ? A G   4  B C   5  1_555 ? ? ? ? ? ? WATSON-CRICK  ?     ? ? 
hydrog7  hydrog ?    ? A G   4  N2    ? ? ? 1_555 B C   5  O2 ? ? A G   4  B C   5  1_555 ? ? ? ? ? ? WATSON-CRICK  ?     ? ? 
hydrog8  hydrog ?    ? A G   4  O6    ? ? ? 1_555 B C   5  N4 ? ? A G   4  B C   5  1_555 ? ? ? ? ? ? WATSON-CRICK  ?     ? ? 
hydrog9  hydrog ?    ? A G   5  N1    ? ? ? 1_555 B C   4  N3 ? ? A G   5  B C   4  1_555 ? ? ? ? ? ? WATSON-CRICK  ?     ? ? 
hydrog10 hydrog ?    ? A G   5  N2    ? ? ? 1_555 B C   4  O2 ? ? A G   5  B C   4  1_555 ? ? ? ? ? ? WATSON-CRICK  ?     ? ? 
hydrog11 hydrog ?    ? A G   5  O6    ? ? ? 1_555 B C   4  N4 ? ? A G   5  B C   4  1_555 ? ? ? ? ? ? WATSON-CRICK  ?     ? ? 
hydrog12 hydrog ?    ? A 5BU 6  N3    ? ? ? 1_555 B A   3  N1 ? ? A 5BU 6  B A   3  1_555 ? ? ? ? ? ? WATSON-CRICK  ?     ? ? 
hydrog13 hydrog ?    ? A 5BU 6  O4    ? ? ? 1_555 B A   3  N6 ? ? A 5BU 6  B A   3  1_555 ? ? ? ? ? ? WATSON-CRICK  ?     ? ? 
hydrog14 hydrog ?    ? A G   7  N1    ? ? ? 1_555 B C   2  N3 ? ? A G   7  B C   2  1_555 ? ? ? ? ? ? WATSON-CRICK  ?     ? ? 
hydrog15 hydrog ?    ? A G   7  N2    ? ? ? 1_555 B C   2  O2 ? ? A G   7  B C   2  1_555 ? ? ? ? ? ? WATSON-CRICK  ?     ? ? 
hydrog16 hydrog ?    ? A G   7  O6    ? ? ? 1_555 B C   2  N4 ? ? A G   7  B C   2  1_555 ? ? ? ? ? ? WATSON-CRICK  ?     ? ? 
hydrog17 hydrog ?    ? A G   10 N1    ? ? ? 1_555 A C   25 N3 ? ? A G   10 A C   25 1_555 ? ? ? ? ? ? WATSON-CRICK  ?     ? ? 
hydrog18 hydrog ?    ? A G   10 N2    ? ? ? 1_555 A C   25 O2 ? ? A G   10 A C   25 1_555 ? ? ? ? ? ? WATSON-CRICK  ?     ? ? 
hydrog19 hydrog ?    ? A G   10 O6    ? ? ? 1_555 A C   25 N4 ? ? A G   10 A C   25 1_555 ? ? ? ? ? ? WATSON-CRICK  ?     ? ? 
hydrog20 hydrog ?    ? A A   11 N1    ? ? ? 1_555 A U   24 N3 ? ? A A   11 A U   24 1_555 ? ? ? ? ? ? WATSON-CRICK  ?     ? ? 
hydrog21 hydrog ?    ? A A   11 N6    ? ? ? 1_555 A U   24 O4 ? ? A A   11 A U   24 1_555 ? ? ? ? ? ? WATSON-CRICK  ?     ? ? 
hydrog22 hydrog ?    ? A G   12 N1    ? ? ? 1_555 A C   23 N3 ? ? A G   12 A C   23 1_555 ? ? ? ? ? ? WATSON-CRICK  ?     ? ? 
hydrog23 hydrog ?    ? A G   12 N2    ? ? ? 1_555 A C   23 O2 ? ? A G   12 A C   23 1_555 ? ? ? ? ? ? WATSON-CRICK  ?     ? ? 
hydrog24 hydrog ?    ? A G   12 O6    ? ? ? 1_555 A C   23 N4 ? ? A G   12 A C   23 1_555 ? ? ? ? ? ? WATSON-CRICK  ?     ? ? 
hydrog25 hydrog ?    ? A C   13 N3    ? ? ? 1_555 A G   22 N1 ? ? A C   13 A G   22 1_555 ? ? ? ? ? ? WATSON-CRICK  ?     ? ? 
hydrog26 hydrog ?    ? A C   13 N4    ? ? ? 1_555 A G   22 O6 ? ? A C   13 A G   22 1_555 ? ? ? ? ? ? WATSON-CRICK  ?     ? ? 
hydrog27 hydrog ?    ? A C   13 O2    ? ? ? 1_555 A G   22 N2 ? ? A C   13 A G   22 1_555 ? ? ? ? ? ? WATSON-CRICK  ?     ? ? 
hydrog28 hydrog ?    ? A G   14 N1    ? ? ? 1_555 A C   21 N3 ? ? A G   14 A C   21 1_555 ? ? ? ? ? ? WATSON-CRICK  ?     ? ? 
hydrog29 hydrog ?    ? A G   14 N2    ? ? ? 1_555 A C   21 O2 ? ? A G   14 A C   21 1_555 ? ? ? ? ? ? WATSON-CRICK  ?     ? ? 
hydrog30 hydrog ?    ? A G   14 O6    ? ? ? 1_555 A C   21 N4 ? ? A G   14 A C   21 1_555 ? ? ? ? ? ? WATSON-CRICK  ?     ? ? 
hydrog31 hydrog ?    ? A C   15 N3    ? ? ? 1_555 A G   20 N1 ? ? A C   15 A G   20 1_555 ? ? ? ? ? ? WATSON-CRICK  ?     ? ? 
hydrog32 hydrog ?    ? A C   15 N4    ? ? ? 1_555 A G   20 O6 ? ? A C   15 A G   20 1_555 ? ? ? ? ? ? WATSON-CRICK  ?     ? ? 
hydrog33 hydrog ?    ? A C   15 O2    ? ? ? 1_555 A G   20 N2 ? ? A C   15 A G   20 1_555 ? ? ? ? ? ? WATSON-CRICK  ?     ? ? 
hydrog34 hydrog ?    ? A G   16 N2    ? ? ? 1_555 A A   19 N7 ? ? A G   16 A A   19 1_555 ? ? ? ? ? ? 'G-A MISPAIR' ?     ? ? 
# 
loop_
_struct_conn_type.id 
_struct_conn_type.criteria 
_struct_conn_type.reference 
covale ? ? 
hydrog ? ? 
# 
loop_
_struct_site.id 
_struct_site.pdbx_evidence_code 
_struct_site.pdbx_auth_asym_id 
_struct_site.pdbx_auth_comp_id 
_struct_site.pdbx_auth_seq_id 
_struct_site.pdbx_auth_ins_code 
_struct_site.pdbx_num_residues 
_struct_site.details 
AC1 Software B 8OS 101 ? 8 'binding site for residue 8OS B 101'            
AC2 Software A LCC 8   ? 5 'binding site for residues LCC A 8 and LCC A 9' 
# 
loop_
_struct_site_gen.id 
_struct_site_gen.site_id 
_struct_site_gen.pdbx_num_res 
_struct_site_gen.label_comp_id 
_struct_site_gen.label_asym_id 
_struct_site_gen.label_seq_id 
_struct_site_gen.pdbx_auth_ins_code 
_struct_site_gen.auth_comp_id 
_struct_site_gen.auth_asym_id 
_struct_site_gen.auth_seq_id 
_struct_site_gen.label_atom_id 
_struct_site_gen.label_alt_id 
_struct_site_gen.symmetry 
_struct_site_gen.details 
1  AC1 8 G   A 2  ? G   A 2   . ? 6_567 ? 
2  AC1 8 A   A 3  ? A   A 3   . ? 6_567 ? 
3  AC1 8 LCC A 9  ? LCC A 9   . ? 1_555 ? 
4  AC1 8 G   A 10 ? G   A 10  . ? 1_555 ? 
5  AC1 8 A   A 17 ? A   A 17  . ? 3_744 ? 
6  AC1 8 C   A 25 ? C   A 25  . ? 1_555 ? 
7  AC1 8 8OS B 1  ? 8OS B 1   . ? 1_555 ? 
8  AC1 8 C   B 7  ? C   B 7   . ? 6_567 ? 
9  AC2 5 G   A 2  ? G   A 2   . ? 6_567 ? 
10 AC2 5 G   A 7  ? G   A 7   . ? 1_555 ? 
11 AC2 5 G   A 10 ? G   A 10  . ? 1_555 ? 
12 AC2 5 8OS B 1  ? 8OS B 1   . ? 1_555 ? 
13 AC2 5 8OS C .  ? 8OS B 101 . ? 1_555 ? 
# 
_atom_sites.entry_id                    5UX3 
_atom_sites.fract_transf_matrix[1][1]   0.01890422 
_atom_sites.fract_transf_matrix[1][2]   -0.00119793 
_atom_sites.fract_transf_matrix[1][3]   0.01015601 
_atom_sites.fract_transf_matrix[2][1]   0.00513460 
_atom_sites.fract_transf_matrix[2][2]   -0.01734763 
_atom_sites.fract_transf_matrix[2][3]   -0.01160366 
_atom_sites.fract_transf_matrix[3][1]   0.00262195 
_atom_sites.fract_transf_matrix[3][2]   0.00374507 
_atom_sites.fract_transf_matrix[3][3]   -0.00443872 
_atom_sites.fract_transf_vector[1]      1.277367 
_atom_sites.fract_transf_vector[2]      0.859655 
_atom_sites.fract_transf_vector[3]      1.190485 
# 
loop_
_atom_type.symbol 
BR 
C  
N  
O  
P  
# 
loop_
_atom_site.group_PDB 
_atom_site.id 
_atom_site.type_symbol 
_atom_site.label_atom_id 
_atom_site.label_alt_id 
_atom_site.label_comp_id 
_atom_site.label_asym_id 
_atom_site.label_entity_id 
_atom_site.label_seq_id 
_atom_site.pdbx_PDB_ins_code 
_atom_site.Cartn_x 
_atom_site.Cartn_y 
_atom_site.Cartn_z 
_atom_site.occupancy 
_atom_site.B_iso_or_equiv 
_atom_site.pdbx_formal_charge 
_atom_site.auth_seq_id 
_atom_site.auth_comp_id 
_atom_site.auth_asym_id 
_atom_site.auth_atom_id 
_atom_site.pdbx_PDB_model_num 
ATOM   1   O  "O5'" . U   A 1 1  ? -16.419 -6.791  17.256  1.00 166.59 ? 1   U   A "O5'" 1 
ATOM   2   C  "C5'" . U   A 1 1  ? -16.718 -6.678  15.841  1.00 165.21 ? 1   U   A "C5'" 1 
ATOM   3   C  "C4'" . U   A 1 1  ? -17.056 -5.239  15.467  1.00 155.23 ? 1   U   A "C4'" 1 
ATOM   4   O  "O4'" . U   A 1 1  ? -17.162 -4.440  16.662  1.00 160.94 ? 1   U   A "O4'" 1 
ATOM   5   C  "C3'" . U   A 1 1  ? -16.019 -4.498  14.614  1.00 134.14 ? 1   U   A "C3'" 1 
ATOM   6   O  "O3'" . U   A 1 1  ? -16.342 -4.788  13.255  1.00 105.90 ? 1   U   A "O3'" 1 
ATOM   7   C  "C2'" . U   A 1 1  ? -16.172 -3.015  15.013  1.00 136.76 ? 1   U   A "C2'" 1 
ATOM   8   O  "O2'" . U   A 1 1  ? -16.844 -2.228  14.041  1.00 126.89 ? 1   U   A "O2'" 1 
ATOM   9   C  "C1'" . U   A 1 1  ? -16.994 -3.079  16.311  1.00 166.53 ? 1   U   A "C1'" 1 
ATOM   10  N  N1    . U   A 1 1  ? -16.370 -2.370  17.450  1.00 197.03 ? 1   U   A N1    1 
ATOM   11  C  C2    . U   A 1 1  ? -16.850 -1.101  17.765  1.00 193.06 ? 1   U   A C2    1 
ATOM   12  O  O2    . U   A 1 1  ? -17.760 -0.548  17.144  1.00 170.25 ? 1   U   A O2    1 
ATOM   13  N  N3    . U   A 1 1  ? -16.223 -0.504  18.838  1.00 188.80 ? 1   U   A N3    1 
ATOM   14  C  C4    . U   A 1 1  ? -15.189 -1.025  19.613  1.00 187.90 ? 1   U   A C4    1 
ATOM   15  O  O4    . U   A 1 1  ? -14.729 -0.357  20.543  1.00 176.35 ? 1   U   A O4    1 
ATOM   16  C  C5    . U   A 1 1  ? -14.748 -2.337  19.225  1.00 187.70 ? 1   U   A C5    1 
ATOM   17  C  C6    . U   A 1 1  ? -15.338 -2.949  18.184  1.00 198.28 ? 1   U   A C6    1 
ATOM   18  P  P     . G   A 1 2  ? -15.591 -4.079  12.018  1.00 101.31 ? 2   G   A P     1 
ATOM   19  O  OP1   . G   A 1 2  ? -15.020 -5.142  11.136  1.00 82.35  ? 2   G   A OP1   1 
ATOM   20  O  OP2   . G   A 1 2  ? -14.775 -2.949  12.512  1.00 89.90  ? 2   G   A OP2   1 
ATOM   21  O  "O5'" . G   A 1 2  ? -16.787 -3.424  11.197  1.00 93.48  ? 2   G   A "O5'" 1 
ATOM   22  C  "C5'" . G   A 1 2  ? -17.833 -4.268  10.695  1.00 88.65  ? 2   G   A "C5'" 1 
ATOM   23  C  "C4'" . G   A 1 2  ? -18.899 -3.458  10.005  1.00 78.88  ? 2   G   A "C4'" 1 
ATOM   24  O  "O4'" . G   A 1 2  ? -19.338 -2.355  10.840  1.00 71.18  ? 2   G   A "O4'" 1 
ATOM   25  C  "C3'" . G   A 1 2  ? -18.475 -2.786  8.723   1.00 75.34  ? 2   G   A "C3'" 1 
ATOM   26  O  "O3'" . G   A 1 2  ? -18.397 -3.733  7.665   1.00 74.41  ? 2   G   A "O3'" 1 
ATOM   27  C  "C2'" . G   A 1 2  ? -19.542 -1.719  8.594   1.00 74.71  ? 2   G   A "C2'" 1 
ATOM   28  O  "O2'" . G   A 1 2  ? -20.779 -2.278  8.216   1.00 74.47  ? 2   G   A "O2'" 1 
ATOM   29  C  "C1'" . G   A 1 2  ? -19.616 -1.227  10.033  1.00 74.01  ? 2   G   A "C1'" 1 
ATOM   30  N  N9    . G   A 1 2  ? -18.674 -0.163  10.393  1.00 81.13  ? 2   G   A N9    1 
ATOM   31  C  C8    . G   A 1 2  ? -17.581 -0.261  11.222  1.00 79.98  ? 2   G   A C8    1 
ATOM   32  N  N7    . G   A 1 2  ? -16.968 0.878   11.395  1.00 84.59  ? 2   G   A N7    1 
ATOM   33  C  C5    . G   A 1 2  ? -17.690 1.779   10.625  1.00 81.08  ? 2   G   A C5    1 
ATOM   34  C  C6    . G   A 1 2  ? -17.497 3.171   10.411  1.00 78.63  ? 2   G   A C6    1 
ATOM   35  O  O6    . G   A 1 2  ? -16.606 3.900   10.849  1.00 79.97  ? 2   G   A O6    1 
ATOM   36  N  N1    . G   A 1 2  ? -18.470 3.700   9.573   1.00 74.29  ? 2   G   A N1    1 
ATOM   37  C  C2    . G   A 1 2  ? -19.491 2.983   9.002   1.00 69.41  ? 2   G   A C2    1 
ATOM   38  N  N2    . G   A 1 2  ? -20.346 3.675   8.239   1.00 65.55  ? 2   G   A N2    1 
ATOM   39  N  N3    . G   A 1 2  ? -19.675 1.686   9.184   1.00 83.72  ? 2   G   A N3    1 
ATOM   40  C  C4    . G   A 1 2  ? -18.746 1.152   10.002  1.00 76.88  ? 2   G   A C4    1 
ATOM   41  P  P     . A   A 1 3  ? -17.248 -3.565  6.566   1.00 70.09  ? 3   A   A P     1 
ATOM   42  O  OP1   . A   A 1 3  ? -17.363 -4.687  5.594   1.00 63.76  ? 3   A   A OP1   1 
ATOM   43  O  OP2   . A   A 1 3  ? -15.978 -3.312  7.285   1.00 70.57  ? 3   A   A OP2   1 
ATOM   44  O  "O5'" . A   A 1 3  ? -17.655 -2.196  5.865   1.00 71.90  ? 3   A   A "O5'" 1 
ATOM   45  C  "C5'" . A   A 1 3  ? -18.822 -2.165  5.006   1.00 78.25  ? 3   A   A "C5'" 1 
ATOM   46  C  "C4'" . A   A 1 3  ? -19.132 -0.759  4.557   1.00 70.29  ? 3   A   A "C4'" 1 
ATOM   47  O  "O4'" . A   A 1 3  ? -19.260 0.109   5.708   1.00 81.15  ? 3   A   A "O4'" 1 
ATOM   48  C  "C3'" . A   A 1 3  ? -18.054 -0.077  3.736   1.00 76.11  ? 3   A   A "C3'" 1 
ATOM   49  O  "O3'" . A   A 1 3  ? -18.076 -0.493  2.383   1.00 82.42  ? 3   A   A "O3'" 1 
ATOM   50  C  "C2'" . A   A 1 3  ? -18.430 1.380   3.903   1.00 81.77  ? 3   A   A "C2'" 1 
ATOM   51  O  "O2'" . A   A 1 3  ? -19.545 1.745   3.121   1.00 81.67  ? 3   A   A "O2'" 1 
ATOM   52  C  "C1'" . A   A 1 3  ? -18.775 1.402   5.386   1.00 76.18  ? 3   A   A "C1'" 1 
ATOM   53  N  N9    . A   A 1 3  ? -17.620 1.701   6.227   1.00 71.68  ? 3   A   A N9    1 
ATOM   54  C  C8    . A   A 1 3  ? -16.827 0.857   6.967   1.00 80.61  ? 3   A   A C8    1 
ATOM   55  N  N7    . A   A 1 3  ? -15.860 1.470   7.609   1.00 79.23  ? 3   A   A N7    1 
ATOM   56  C  C5    . A   A 1 3  ? -16.018 2.801   7.258   1.00 73.26  ? 3   A   A C5    1 
ATOM   57  C  C6    . A   A 1 3  ? -15.293 3.957   7.589   1.00 74.33  ? 3   A   A C6    1 
ATOM   58  N  N6    . A   A 1 3  ? -14.240 3.957   8.401   1.00 75.04  ? 3   A   A N6    1 
ATOM   59  N  N1    . A   A 1 3  ? -15.703 5.129   7.060   1.00 82.13  ? 3   A   A N1    1 
ATOM   60  C  C2    . A   A 1 3  ? -16.772 5.128   6.248   1.00 90.39  ? 3   A   A C2    1 
ATOM   61  N  N3    . A   A 1 3  ? -17.524 4.104   5.847   1.00 77.40  ? 3   A   A N3    1 
ATOM   62  C  C4    . A   A 1 3  ? -17.094 2.958   6.402   1.00 78.13  ? 3   A   A C4    1 
ATOM   63  P  P     . G   A 1 4  ? -16.697 -0.602  1.603   1.00 81.96  ? 4   G   A P     1 
ATOM   64  O  OP1   . G   A 1 4  ? -16.933 -1.402  0.358   1.00 60.86  ? 4   G   A OP1   1 
ATOM   65  O  OP2   . G   A 1 4  ? -15.646 -1.004  2.583   1.00 74.43  ? 4   G   A OP2   1 
ATOM   66  O  "O5'" . G   A 1 4  ? -16.374 0.925   1.300   1.00 74.79  ? 4   G   A "O5'" 1 
ATOM   67  C  "C5'" . G   A 1 4  ? -17.218 1.653   0.405   1.00 79.49  ? 4   G   A "C5'" 1 
ATOM   68  C  "C4'" . G   A 1 4  ? -16.783 3.086   0.350   1.00 75.39  ? 4   G   A "C4'" 1 
ATOM   69  O  "O4'" . G   A 1 4  ? -16.892 3.682   1.668   1.00 79.18  ? 4   G   A "O4'" 1 
ATOM   70  C  "C3'" . G   A 1 4  ? -15.338 3.352   -0.032  1.00 73.31  ? 4   G   A "C3'" 1 
ATOM   71  O  "O3'" . G   A 1 4  ? -15.173 3.250   -1.435  1.00 72.44  ? 4   G   A "O3'" 1 
ATOM   72  C  "C2'" . G   A 1 4  ? -15.175 4.775   0.472   1.00 75.28  ? 4   G   A "C2'" 1 
ATOM   73  O  "O2'" . G   A 1 4  ? -15.794 5.724   -0.360  1.00 65.16  ? 4   G   A "O2'" 1 
ATOM   74  C  "C1'" . G   A 1 4  ? -15.918 4.702   1.803   1.00 68.74  ? 4   G   A "C1'" 1 
ATOM   75  N  N9    . G   A 1 4  ? -15.027 4.341   2.897   1.00 74.55  ? 4   G   A N9    1 
ATOM   76  C  C8    . G   A 1 4  ? -14.835 3.101   3.461   1.00 71.32  ? 4   G   A C8    1 
ATOM   77  N  N7    . G   A 1 4  ? -13.967 3.111   4.436   1.00 67.71  ? 4   G   A N7    1 
ATOM   78  C  C5    . G   A 1 4  ? -13.541 4.432   4.503   1.00 64.46  ? 4   G   A C5    1 
ATOM   79  C  C6    . G   A 1 4  ? -12.602 5.051   5.364   1.00 65.51  ? 4   G   A C6    1 
ATOM   80  O  O6    . G   A 1 4  ? -11.917 4.536   6.255   1.00 70.58  ? 4   G   A O6    1 
ATOM   81  N  N1    . G   A 1 4  ? -12.500 6.415   5.113   1.00 70.11  ? 4   G   A N1    1 
ATOM   82  C  C2    . G   A 1 4  ? -13.183 7.090   4.132   1.00 74.70  ? 4   G   A C2    1 
ATOM   83  N  N2    . G   A 1 4  ? -12.922 8.398   4.019   1.00 73.28  ? 4   G   A N2    1 
ATOM   84  N  N3    . G   A 1 4  ? -14.072 6.527   3.329   1.00 72.34  ? 4   G   A N3    1 
ATOM   85  C  C4    . G   A 1 4  ? -14.196 5.205   3.567   1.00 67.36  ? 4   G   A C4    1 
ATOM   86  P  P     . G   A 1 5  ? -13.717 3.119   -2.070  1.00 74.90  ? 5   G   A P     1 
ATOM   87  O  OP1   . G   A 1 5  ? -13.870 3.172   -3.532  1.00 80.82  ? 5   G   A OP1   1 
ATOM   88  O  OP2   . G   A 1 5  ? -13.036 1.956   -1.469  1.00 66.05  ? 5   G   A OP2   1 
ATOM   89  O  "O5'" . G   A 1 5  ? -13.030 4.474   -1.602  1.00 76.74  ? 5   G   A "O5'" 1 
ATOM   90  C  "C5'" . G   A 1 5  ? -11.626 4.590   -1.288  1.00 75.20  ? 5   G   A "C5'" 1 
ATOM   91  C  "C4'" . G   A 1 5  ? -11.389 5.984   -0.749  1.00 75.52  ? 5   G   A "C4'" 1 
ATOM   92  O  "O4'" . G   A 1 5  ? -11.955 6.064   0.578   1.00 89.40  ? 5   G   A "O4'" 1 
ATOM   93  C  "C3'" . G   A 1 5  ? -9.952  6.428   -0.595  1.00 76.05  ? 5   G   A "C3'" 1 
ATOM   94  O  "O3'" . G   A 1 5  ? -9.502  7.002   -1.867  1.00 76.57  ? 5   G   A "O3'" 1 
ATOM   95  C  "C2'" . G   A 1 5  ? -9.997  7.381   0.583   1.00 76.37  ? 5   G   A "C2'" 1 
ATOM   96  O  "O2'" . G   A 1 5  ? -10.317 8.716   0.267   1.00 76.41  ? 5   G   A "O2'" 1 
ATOM   97  C  "C1'" . G   A 1 5  ? -11.079 6.744   1.442   1.00 79.76  ? 5   G   A "C1'" 1 
ATOM   98  N  N9    . G   A 1 5  ? -10.562 5.792   2.415   1.00 73.24  ? 5   G   A N9    1 
ATOM   99  C  C8    . G   A 1 5  ? -10.824 4.447   2.508   1.00 66.31  ? 5   G   A C8    1 
ATOM   100 N  N7    . G   A 1 5  ? -10.233 3.883   3.524   1.00 66.33  ? 5   G   A N7    1 
ATOM   101 C  C5    . G   A 1 5  ? -9.507  4.908   4.111   1.00 68.24  ? 5   G   A C5    1 
ATOM   102 C  C6    . G   A 1 5  ? -8.655  4.898   5.240   1.00 66.69  ? 5   G   A C6    1 
ATOM   103 O  O6    . G   A 1 5  ? -8.368  3.954   5.975   1.00 68.75  ? 5   G   A O6    1 
ATOM   104 N  N1    . G   A 1 5  ? -8.139  6.162   5.503   1.00 79.21  ? 5   G   A N1    1 
ATOM   105 C  C2    . G   A 1 5  ? -8.409  7.292   4.770   1.00 79.31  ? 5   G   A C2    1 
ATOM   106 N  N2    . G   A 1 5  ? -7.810  8.418   5.174   1.00 75.91  ? 5   G   A N2    1 
ATOM   107 N  N3    . G   A 1 5  ? -9.229  7.321   3.735   1.00 74.61  ? 5   G   A N3    1 
ATOM   108 C  C4    . G   A 1 5  ? -9.722  6.098   3.452   1.00 70.70  ? 5   G   A C4    1 
HETATM 109 P  P     . 5BU A 1 6  ? -8.190  6.283   -2.619  1.00 70.90  ? 6   5BU A P     1 
HETATM 110 O  OP1   . 5BU A 1 6  ? -7.979  6.847   -3.938  1.00 71.28  ? 6   5BU A OP1   1 
HETATM 111 O  OP2   . 5BU A 1 6  ? -7.420  4.982   -1.953  1.00 76.94  ? 6   5BU A OP2   1 
HETATM 112 O  "O5'" . 5BU A 1 6  ? -7.472  7.210   -1.447  1.00 65.22  ? 6   5BU A "O5'" 1 
HETATM 113 C  "C5'" . 5BU A 1 6  ? -6.818  8.404   -1.840  1.00 69.67  ? 6   5BU A "C5'" 1 
HETATM 114 C  "C4'" . 5BU A 1 6  ? -6.166  9.086   -0.602  1.00 76.10  ? 6   5BU A "C4'" 1 
HETATM 115 O  "O4'" . 5BU A 1 6  ? -6.794  9.070   0.748   1.00 82.46  ? 6   5BU A "O4'" 1 
HETATM 116 C  "C3'" . 5BU A 1 6  ? -4.806  8.513   -0.364  1.00 66.35  ? 6   5BU A "C3'" 1 
HETATM 117 O  "O3'" . 5BU A 1 6  ? -3.938  9.247   -1.142  1.00 72.91  ? 6   5BU A "O3'" 1 
HETATM 118 C  "C2'" . 5BU A 1 6  ? -4.467  8.934   1.030   1.00 76.03  ? 6   5BU A "C2'" 1 
HETATM 119 O  "O2'" . 5BU A 1 6  ? -3.926  10.272  1.130   1.00 61.06  ? 6   5BU A "O2'" 1 
HETATM 120 C  "C1'" . 5BU A 1 6  ? -5.789  8.793   1.759   1.00 76.20  ? 6   5BU A "C1'" 1 
HETATM 121 N  N1    . 5BU A 1 6  ? -5.794  7.417   2.335   1.00 69.06  ? 6   5BU A N1    1 
HETATM 122 C  C2    . 5BU A 1 6  ? -5.136  7.142   3.459   1.00 72.22  ? 6   5BU A C2    1 
HETATM 123 N  N3    . 5BU A 1 6  ? -5.130  5.857   3.986   1.00 84.73  ? 6   5BU A N3    1 
HETATM 124 C  C4    . 5BU A 1 6  ? -5.806  4.834   3.368   1.00 74.74  ? 6   5BU A C4    1 
HETATM 125 O  O4    . 5BU A 1 6  ? -5.769  3.720   3.846   1.00 73.28  ? 6   5BU A O4    1 
HETATM 126 C  C5    . 5BU A 1 6  ? -6.500  5.102   2.220   1.00 74.57  ? 6   5BU A C5    1 
HETATM 127 C  C6    . 5BU A 1 6  ? -6.466  6.386   1.706   1.00 73.90  ? 6   5BU A C6    1 
HETATM 128 BR BR    . 5BU A 1 6  ? -7.476  3.779   1.328   1.00 84.37  ? 6   5BU A BR    1 
ATOM   129 P  P     . G   A 1 7  ? -2.525  8.483   -1.714  1.00 66.88  ? 7   G   A P     1 
ATOM   130 O  OP1   . G   A 1 7  ? -1.903  9.266   -2.786  1.00 66.77  ? 7   G   A OP1   1 
ATOM   131 O  OP2   . G   A 1 7  ? -2.445  6.838   -1.901  1.00 74.06  ? 7   G   A OP2   1 
ATOM   132 O  "O5'" . G   A 1 7  ? -1.691  8.268   -0.230  1.00 61.91  ? 7   G   A "O5'" 1 
ATOM   133 C  "C5'" . G   A 1 7  ? -1.193  9.573   0.064   1.00 70.49  ? 7   G   A "C5'" 1 
ATOM   134 C  "C4'" . G   A 1 7  ? -0.546  9.608   1.433   1.00 79.57  ? 7   G   A "C4'" 1 
ATOM   135 O  "O4'" . G   A 1 7  ? -1.469  9.194   2.483   1.00 90.18  ? 7   G   A "O4'" 1 
ATOM   136 C  "C3'" . G   A 1 7  ? 0.654   8.691   1.590   1.00 69.84  ? 7   G   A "C3'" 1 
ATOM   137 O  "O3'" . G   A 1 7  ? 1.783   9.397   1.158   1.00 58.39  ? 7   G   A "O3'" 1 
ATOM   138 C  "C2'" . G   A 1 7  ? 0.701   8.459   3.091   1.00 73.53  ? 7   G   A "C2'" 1 
ATOM   139 O  "O2'" . G   A 1 7  ? 1.319   9.488   3.817   1.00 65.73  ? 7   G   A "O2'" 1 
ATOM   140 C  "C1'" . G   A 1 7  ? -0.783  8.358   3.412   1.00 82.10  ? 7   G   A "C1'" 1 
ATOM   141 N  N9    . G   A 1 7  ? -1.265  6.986   3.276   1.00 85.89  ? 7   G   A N9    1 
ATOM   142 C  C8    . G   A 1 7  ? -2.020  6.441   2.264   1.00 82.49  ? 7   G   A C8    1 
ATOM   143 N  N7    . G   A 1 7  ? -2.304  5.183   2.459   1.00 84.55  ? 7   G   A N7    1 
ATOM   144 C  C5    . G   A 1 7  ? -1.685  4.876   3.662   1.00 88.25  ? 7   G   A C5    1 
ATOM   145 C  C6    . G   A 1 7  ? -1.644  3.657   4.389   1.00 79.84  ? 7   G   A C6    1 
ATOM   146 O  O6    . G   A 1 7  ? -2.147  2.572   4.092   1.00 72.23  ? 7   G   A O6    1 
ATOM   147 N  N1    . G   A 1 7  ? -0.893  3.781   5.555   1.00 72.19  ? 7   G   A N1    1 
ATOM   148 C  C2    . G   A 1 7  ? -0.288  4.939   5.983   1.00 77.96  ? 7   G   A C2    1 
ATOM   149 N  N2    . G   A 1 7  ? 0.377   4.869   7.138   1.00 74.70  ? 7   G   A N2    1 
ATOM   150 N  N3    . G   A 1 7  ? -0.326  6.082   5.317   1.00 90.25  ? 7   G   A N3    1 
ATOM   151 C  C4    . G   A 1 7  ? -1.030  5.975   4.171   1.00 86.58  ? 7   G   A C4    1 
HETATM 152 O  "O5'" . LCC A 1 8  ? 3.373   7.773   1.749   1.00 84.65  ? 8   LCC A "O5'" 1 
HETATM 153 C  "C5'" . LCC A 1 8  ? 4.396   8.188   2.687   1.00 90.12  ? 8   LCC A "C5'" 1 
HETATM 154 C  "C4'" . LCC A 1 8  ? 4.370   7.094   3.763   1.00 84.31  ? 8   LCC A "C4'" 1 
HETATM 155 O  "O4'" . LCC A 1 8  ? 3.082   6.727   4.293   1.00 81.42  ? 8   LCC A "O4'" 1 
HETATM 156 C  "C1'" . LCC A 1 8  ? 3.297   5.379   4.681   1.00 77.76  ? 8   LCC A "C1'" 1 
HETATM 157 N  N1    . LCC A 1 8  ? 2.444   4.429   3.973   1.00 83.25  ? 8   LCC A N1    1 
HETATM 158 C  C6    . LCC A 1 8  ? 1.846   4.777   2.766   1.00 78.94  ? 8   LCC A C6    1 
HETATM 159 C  C5    . LCC A 1 8  ? 1.051   3.842   2.149   1.00 83.16  ? 8   LCC A C5    1 
HETATM 160 C  C5M   . LCC A 1 8  ? 0.430   4.138   0.927   1.00 83.49  ? 8   LCC A C5M   1 
HETATM 161 C  C4    . LCC A 1 8  ? 0.887   2.615   2.799   1.00 74.57  ? 8   LCC A C4    1 
HETATM 162 N  N4    . LCC A 1 8  ? 0.119   1.719   2.223   1.00 59.87  ? 8   LCC A N4    1 
HETATM 163 N  N3    . LCC A 1 8  ? 1.475   2.322   3.960   1.00 77.86  ? 8   LCC A N3    1 
HETATM 164 C  C2    . LCC A 1 8  ? 2.249   3.217   4.549   1.00 82.43  ? 8   LCC A C2    1 
HETATM 165 O  O2    . LCC A 1 8  ? 2.785   2.914   5.619   1.00 77.86  ? 8   LCC A O2    1 
HETATM 166 C  "C3'" . LCC A 1 8  ? 4.865   5.762   3.180   1.00 71.30  ? 8   LCC A "C3'" 1 
HETATM 167 C  "C2'" . LCC A 1 8  ? 4.720   5.088   4.396   1.00 68.24  ? 8   LCC A "C2'" 1 
HETATM 168 O  "O2'" . LCC A 1 8  ? 5.543   5.921   5.299   1.00 78.85  ? 8   LCC A "O2'" 1 
HETATM 169 O  "O3'" . LCC A 1 8  ? 6.179   5.879   2.932   1.00 54.17  ? 8   LCC A "O3'" 1 
HETATM 170 C  "C6'" . LCC A 1 8  ? 5.309   7.389   4.956   1.00 78.37  ? 8   LCC A "C6'" 1 
HETATM 171 P  P     . LCC A 1 8  ? 2.959   8.547   0.425   1.00 70.04  ? 8   LCC A P     1 
HETATM 172 O  O1P   . LCC A 1 8  ? 4.104   9.473   -0.139  1.00 97.86  ? 8   LCC A O1P   1 
HETATM 173 O  O2P   . LCC A 1 8  ? 2.330   7.414   -0.627  1.00 68.18  ? 8   LCC A O2P   1 
HETATM 174 O  "O5'" . LCC A 1 9  ? 6.931   3.659   3.346   1.00 86.67  ? 9   LCC A "O5'" 1 
HETATM 175 C  "C5'" . LCC A 1 9  ? 8.017   3.499   4.277   1.00 86.70  ? 9   LCC A "C5'" 1 
HETATM 176 C  "C4'" . LCC A 1 9  ? 7.596   2.415   5.232   1.00 80.17  ? 9   LCC A "C4'" 1 
HETATM 177 O  "O4'" . LCC A 1 9  ? 6.204   2.339   5.595   1.00 88.46  ? 9   LCC A "O4'" 1 
HETATM 178 C  "C1'" . LCC A 1 9  ? 6.047   0.917   5.889   1.00 84.98  ? 9   LCC A "C1'" 1 
HETATM 179 N  N1    . LCC A 1 9  ? 5.126   0.189   4.968   1.00 86.41  ? 9   LCC A N1    1 
HETATM 180 C  C6    . LCC A 1 9  ? 4.597   0.809   3.826   1.00 84.55  ? 9   LCC A C6    1 
HETATM 181 C  C5    . LCC A 1 9  ? 3.764   0.078   2.999   1.00 94.17  ? 9   LCC A C5    1 
HETATM 182 C  C5M   . LCC A 1 9  ? 3.241   0.645   1.839   1.00 97.68  ? 9   LCC A C5M   1 
HETATM 183 C  C4    . LCC A 1 9  ? 3.494   -1.238  3.362   1.00 88.71  ? 9   LCC A C4    1 
HETATM 184 N  N4    . LCC A 1 9  ? 2.704   -1.952  2.608   1.00 78.29  ? 9   LCC A N4    1 
HETATM 185 N  N3    . LCC A 1 9  ? 3.996   -1.784  4.456   1.00 85.53  ? 9   LCC A N3    1 
HETATM 186 C  C2    . LCC A 1 9  ? 4.808   -1.093  5.252   1.00 85.78  ? 9   LCC A C2    1 
HETATM 187 O  O2    . LCC A 1 9  ? 5.256   -1.672  6.243   1.00 79.66  ? 9   LCC A O2    1 
HETATM 188 C  "C3'" . LCC A 1 9  ? 7.906   1.055   4.603   1.00 77.69  ? 9   LCC A "C3'" 1 
HETATM 189 C  "C2'" . LCC A 1 9  ? 7.495   0.359   5.772   1.00 76.17  ? 9   LCC A "C2'" 1 
HETATM 190 O  "O2'" . LCC A 1 9  ? 8.407   0.963   6.746   1.00 79.42  ? 9   LCC A "O2'" 1 
HETATM 191 O  "O3'" . LCC A 1 9  ? 9.254   0.846   4.451   1.00 64.10  ? 9   LCC A "O3'" 1 
HETATM 192 C  "C6'" . LCC A 1 9  ? 8.394   2.433   6.540   1.00 75.84  ? 9   LCC A "C6'" 1 
HETATM 193 P  P     . LCC A 1 9  ? 7.168   4.813   2.141   1.00 74.44  ? 9   LCC A P     1 
HETATM 194 O  O1P   . LCC A 1 9  ? 8.761   5.061   2.198   1.00 73.99  ? 9   LCC A O1P   1 
HETATM 195 O  O2P   . LCC A 1 9  ? 6.558   3.615   0.843   1.00 73.13  ? 9   LCC A O2P   1 
ATOM   196 P  P     . G   A 1 10 ? 10.292  -0.319  3.767   1.00 76.20  ? 10  G   A P     1 
ATOM   197 O  OP1   . G   A 1 10 ? 11.746  -0.607  3.697   1.00 87.20  ? 10  G   A OP1   1 
ATOM   198 O  OP2   . G   A 1 10 ? 9.625   -0.374  2.410   1.00 78.24  ? 10  G   A OP2   1 
ATOM   199 O  "O5'" . G   A 1 10 ? 9.673   -1.612  4.448   1.00 71.41  ? 10  G   A "O5'" 1 
ATOM   200 C  "C5'" . G   A 1 10 ? 10.123  -1.995  5.740   1.00 80.52  ? 10  G   A "C5'" 1 
ATOM   201 C  "C4'" . G   A 1 10 ? 9.607   -3.369  6.098   1.00 75.86  ? 10  G   A "C4'" 1 
ATOM   202 O  "O4'" . G   A 1 10 ? 8.166   -3.338  6.257   1.00 69.22  ? 10  G   A "O4'" 1 
ATOM   203 C  "C3'" . G   A 1 10 ? 9.851   -4.490  5.104   1.00 77.62  ? 10  G   A "C3'" 1 
ATOM   204 O  "O3'" . G   A 1 10 ? 11.144  -5.008  5.291   1.00 78.85  ? 10  G   A "O3'" 1 
ATOM   205 C  "C2'" . G   A 1 10 ? 8.789   -5.490  5.526   1.00 78.37  ? 10  G   A "C2'" 1 
ATOM   206 O  "O2'" . G   A 1 10 ? 9.102   -6.263  6.682   1.00 65.37  ? 10  G   A "O2'" 1 
ATOM   207 C  "C1'" . G   A 1 10 ? 7.615   -4.542  5.762   1.00 76.63  ? 10  G   A "C1'" 1 
ATOM   208 N  N9    . G   A 1 10 ? 6.854   -4.215  4.562   1.00 72.17  ? 10  G   A N9    1 
ATOM   209 C  C8    . G   A 1 10 ? 6.939   -3.064  3.819   1.00 70.64  ? 10  G   A C8    1 
ATOM   210 N  N7    . G   A 1 10 ? 6.089   -3.029  2.832   1.00 72.13  ? 10  G   A N7    1 
ATOM   211 C  C5    . G   A 1 10 ? 5.402   -4.230  2.928   1.00 74.07  ? 10  G   A C5    1 
ATOM   212 C  C6    . G   A 1 10 ? 4.360   -4.754  2.129   1.00 80.18  ? 10  G   A C6    1 
ATOM   213 O  O6    . G   A 1 10 ? 3.828   -4.247  1.138   1.00 77.91  ? 10  G   A O6    1 
ATOM   214 N  N1    . G   A 1 10 ? 3.942   -6.003  2.583   1.00 82.51  ? 10  G   A N1    1 
ATOM   215 C  C2    . G   A 1 10 ? 4.465   -6.661  3.668   1.00 78.13  ? 10  G   A C2    1 
ATOM   216 N  N2    . G   A 1 10 ? 3.934   -7.855  3.954   1.00 91.31  ? 10  G   A N2    1 
ATOM   217 N  N3    . G   A 1 10 ? 5.436   -6.179  4.423   1.00 87.09  ? 10  G   A N3    1 
ATOM   218 C  C4    . G   A 1 10 ? 5.861   -4.972  3.992   1.00 77.04  ? 10  G   A C4    1 
ATOM   219 P  P     . A   A 1 11 ? 11.907  -5.633  4.081   1.00 79.73  ? 11  A   A P     1 
ATOM   220 O  OP1   . A   A 1 11 ? 13.189  -6.152  4.603   1.00 75.46  ? 11  A   A OP1   1 
ATOM   221 O  OP2   . A   A 1 11 ? 11.846  -4.665  2.963   1.00 88.18  ? 11  A   A OP2   1 
ATOM   222 O  "O5'" . A   A 1 11 ? 11.054  -6.913  3.709   1.00 81.30  ? 11  A   A "O5'" 1 
ATOM   223 C  "C5'" . A   A 1 11 ? 11.222  -8.088  4.497   1.00 74.14  ? 11  A   A "C5'" 1 
ATOM   224 C  "C4'" . A   A 1 11 ? 10.233  -9.122  4.058   1.00 75.46  ? 11  A   A "C4'" 1 
ATOM   225 O  "O4'" . A   A 1 11 ? 8.902   -8.567  4.128   1.00 71.01  ? 11  A   A "O4'" 1 
ATOM   226 C  "C3'" . A   A 1 11 ? 10.356  -9.560  2.606   1.00 77.68  ? 11  A   A "C3'" 1 
ATOM   227 O  "O3'" . A   A 1 11 ? 11.423  -10.478 2.438   1.00 79.21  ? 11  A   A "O3'" 1 
ATOM   228 C  "C2'" . A   A 1 11 ? 8.976   -10.128 2.342   1.00 72.46  ? 11  A   A "C2'" 1 
ATOM   229 O  "O2'" . A   A 1 11 ? 8.828   -11.446 2.824   1.00 68.54  ? 11  A   A "O2'" 1 
ATOM   230 C  "C1'" . A   A 1 11 ? 8.106   -9.131  3.104   1.00 74.59  ? 11  A   A "C1'" 1 
ATOM   231 N  N9    . A   A 1 11 ? 7.638   -8.049  2.253   1.00 80.33  ? 11  A   A N9    1 
ATOM   232 C  C8    . A   A 1 11 ? 8.082   -6.755  2.150   1.00 79.09  ? 11  A   A C8    1 
ATOM   233 N  N7    . A   A 1 11 ? 7.433   -6.044  1.262   1.00 85.58  ? 11  A   A N7    1 
ATOM   234 C  C5    . A   A 1 11 ? 6.510   -6.935  0.734   1.00 78.76  ? 11  A   A C5    1 
ATOM   235 C  C6    . A   A 1 11 ? 5.523   -6.799  -0.257  1.00 80.14  ? 11  A   A C6    1 
ATOM   236 N  N6    . A   A 1 11 ? 5.297   -5.669  -0.924  1.00 85.81  ? 11  A   A N6    1 
ATOM   237 N  N1    . A   A 1 11 ? 4.768   -7.881  -0.547  1.00 76.86  ? 11  A   A N1    1 
ATOM   238 C  C2    . A   A 1 11 ? 4.999   -9.017  0.118   1.00 90.43  ? 11  A   A C2    1 
ATOM   239 N  N3    . A   A 1 11 ? 5.895   -9.267  1.072   1.00 92.63  ? 11  A   A N3    1 
ATOM   240 C  C4    . A   A 1 11 ? 6.627   -8.172  1.334   1.00 83.11  ? 11  A   A C4    1 
ATOM   241 P  P     . G   A 1 12 ? 12.253  -10.452 1.090   1.00 87.35  ? 12  G   A P     1 
ATOM   242 O  OP1   . G   A 1 12 ? 13.365  -11.425 1.202   1.00 78.11  ? 12  G   A OP1   1 
ATOM   243 O  OP2   . G   A 1 12 ? 12.559  -9.028  0.784   1.00 85.86  ? 12  G   A OP2   1 
ATOM   244 O  "O5'" . G   A 1 12 ? 11.209  -11.076 0.061   1.00 83.13  ? 12  G   A "O5'" 1 
ATOM   245 C  "C5'" . G   A 1 12 ? 10.794  -12.433 0.233   1.00 76.13  ? 12  G   A "C5'" 1 
ATOM   246 C  "C4'" . G   A 1 12 ? 9.612   -12.755 -0.644  1.00 80.23  ? 12  G   A "C4'" 1 
ATOM   247 O  "O4'" . G   A 1 12 ? 8.482   -11.903 -0.339  1.00 81.52  ? 12  G   A "O4'" 1 
ATOM   248 C  "C3'" . G   A 1 12 ? 9.812   -12.558 -2.131  1.00 83.50  ? 12  G   A "C3'" 1 
ATOM   249 O  "O3'" . G   A 1 12 ? 10.574  -13.632 -2.638  1.00 88.56  ? 12  G   A "O3'" 1 
ATOM   250 C  "C2'" . G   A 1 12 ? 8.377   -12.513 -2.629  1.00 83.13  ? 12  G   A "C2'" 1 
ATOM   251 O  "O2'" . G   A 1 12 ? 7.724   -13.744 -2.818  1.00 74.90  ? 12  G   A "O2'" 1 
ATOM   252 C  "C1'" . G   A 1 12 ? 7.726   -11.688 -1.525  1.00 83.92  ? 12  G   A "C1'" 1 
ATOM   253 N  N9    . G   A 1 12 ? 7.781   -10.270 -1.852  1.00 80.80  ? 12  G   A N9    1 
ATOM   254 C  C8    . G   A 1 12 ? 8.688   -9.342  -1.401  1.00 77.31  ? 12  G   A C8    1 
ATOM   255 N  N7    . G   A 1 12 ? 8.472   -8.145  -1.876  1.00 84.88  ? 12  G   A N7    1 
ATOM   256 C  C5    . G   A 1 12 ? 7.388   -8.303  -2.725  1.00 83.68  ? 12  G   A C5    1 
ATOM   257 C  C6    . G   A 1 12 ? 6.702   -7.354  -3.524  1.00 84.63  ? 12  G   A C6    1 
ATOM   258 O  O6    . G   A 1 12 ? 6.936   -6.152  -3.657  1.00 89.91  ? 12  G   A O6    1 
ATOM   259 N  N1    . G   A 1 12 ? 5.646   -7.934  -4.219  1.00 86.41  ? 12  G   A N1    1 
ATOM   260 C  C2    . G   A 1 12 ? 5.298   -9.260  -4.158  1.00 87.24  ? 12  G   A C2    1 
ATOM   261 N  N2    . G   A 1 12 ? 4.246   -9.626  -4.898  1.00 89.01  ? 12  G   A N2    1 
ATOM   262 N  N3    . G   A 1 12 ? 5.927   -10.157 -3.411  1.00 82.30  ? 12  G   A N3    1 
ATOM   263 C  C4    . G   A 1 12 ? 6.946   -9.609  -2.717  1.00 80.89  ? 12  G   A C4    1 
ATOM   264 P  P     . C   A 1 13 ? 11.589  -13.381 -3.823  1.00 88.37  ? 13  C   A P     1 
ATOM   265 O  OP1   . C   A 1 13 ? 12.375  -14.621 -3.966  1.00 83.66  ? 13  C   A OP1   1 
ATOM   266 O  OP2   . C   A 1 13 ? 12.306  -12.114 -3.575  1.00 82.65  ? 13  C   A OP2   1 
ATOM   267 O  "O5'" . C   A 1 13 ? 10.605  -13.179 -5.056  1.00 84.58  ? 13  C   A "O5'" 1 
ATOM   268 C  "C5'" . C   A 1 13 ? 9.782   -14.288 -5.439  1.00 92.87  ? 13  C   A "C5'" 1 
ATOM   269 C  "C4'" . C   A 1 13 ? 8.769   -13.890 -6.476  1.00 94.45  ? 13  C   A "C4'" 1 
ATOM   270 O  "O4'" . C   A 1 13 ? 7.804   -12.972 -5.909  1.00 100.42 ? 13  C   A "O4'" 1 
ATOM   271 C  "C3'" . C   A 1 13 ? 9.286   -13.154 -7.698  1.00 96.59  ? 13  C   A "C3'" 1 
ATOM   272 O  "O3'" . C   A 1 13 ? 9.938   -14.005 -8.618  1.00 103.62 ? 13  C   A "O3'" 1 
ATOM   273 C  "C2'" . C   A 1 13 ? 8.000   -12.533 -8.215  1.00 92.34  ? 13  C   A "C2'" 1 
ATOM   274 O  "O2'" . C   A 1 13 ? 7.127   -13.408 -8.884  1.00 93.74  ? 13  C   A "O2'" 1 
ATOM   275 C  "C1'" . C   A 1 13 ? 7.396   -12.048 -6.902  1.00 94.68  ? 13  C   A "C1'" 1 
ATOM   276 N  N1    . C   A 1 13 ? 7.934   -10.726 -6.556  1.00 97.13  ? 13  C   A N1    1 
ATOM   277 C  C2    . C   A 1 13 ? 7.336   -9.600  -7.129  1.00 90.56  ? 13  C   A C2    1 
ATOM   278 O  O2    . C   A 1 13 ? 6.350   -9.757  -7.865  1.00 85.50  ? 13  C   A O2    1 
ATOM   279 N  N3    . C   A 1 13 ? 7.841   -8.373  -6.858  1.00 78.97  ? 13  C   A N3    1 
ATOM   280 C  C4    . C   A 1 13 ? 8.896   -8.251  -6.046  1.00 80.59  ? 13  C   A C4    1 
ATOM   281 N  N4    . C   A 1 13 ? 9.356   -7.028  -5.800  1.00 76.64  ? 13  C   A N4    1 
ATOM   282 C  C5    . C   A 1 13 ? 9.547   -9.386  -5.480  1.00 86.36  ? 13  C   A C5    1 
ATOM   283 C  C6    . C   A 1 13 ? 9.044   -10.592 -5.765  1.00 96.22  ? 13  C   A C6    1 
ATOM   284 P  P     . G   A 1 14 ? 10.968  -13.387 -9.642  1.00 103.17 ? 14  G   A P     1 
ATOM   285 O  OP1   . G   A 1 14 ? 11.153  -14.378 -10.721 1.00 99.74  ? 14  G   A OP1   1 
ATOM   286 O  OP2   . G   A 1 14 ? 12.137  -12.854 -8.886  1.00 82.42  ? 14  G   A OP2   1 
ATOM   287 O  "O5'" . G   A 1 14 ? 10.161  -12.155 -10.227 1.00 89.23  ? 14  G   A "O5'" 1 
ATOM   288 C  "C5'" . G   A 1 14 ? 10.590  -11.488 -11.405 1.00 88.41  ? 14  G   A "C5'" 1 
ATOM   289 C  "C4'" . G   A 1 14 ? 9.396   -10.982 -12.174 1.00 87.12  ? 14  G   A "C4'" 1 
ATOM   290 O  "O4'" . G   A 1 14 ? 8.328   -10.549 -11.280 1.00 90.35  ? 14  G   A "O4'" 1 
ATOM   291 C  "C3'" . G   A 1 14 ? 9.717   -9.782  -13.048 1.00 90.55  ? 14  G   A "C3'" 1 
ATOM   292 O  "O3'" . G   A 1 14 ? 10.132  -10.317 -14.288 1.00 86.68  ? 14  G   A "O3'" 1 
ATOM   293 C  "C2'" . G   A 1 14 ? 8.426   -8.978  -12.998 1.00 88.18  ? 14  G   A "C2'" 1 
ATOM   294 O  "O2'" . G   A 1 14 ? 7.435   -9.477  -13.850 1.00 87.75  ? 14  G   A "O2'" 1 
ATOM   295 C  "C1'" . G   A 1 14 ? 8.013   -9.194  -11.545 1.00 92.40  ? 14  G   A "C1'" 1 
ATOM   296 N  N9    . G   A 1 14 ? 8.774   -8.347  -10.628 1.00 91.74  ? 14  G   A N9    1 
ATOM   297 C  C8    . G   A 1 14 ? 9.687   -8.738  -9.677  1.00 89.99  ? 14  G   A C8    1 
ATOM   298 N  N7    . G   A 1 14 ? 10.232  -7.733  -9.046  1.00 76.62  ? 14  G   A N7    1 
ATOM   299 C  C5    . G   A 1 14 ? 9.644   -6.613  -9.614  1.00 78.50  ? 14  G   A C5    1 
ATOM   300 C  C6    . G   A 1 14 ? 9.835   -5.233  -9.334  1.00 84.14  ? 14  G   A C6    1 
ATOM   301 O  O6    . G   A 1 14 ? 10.575  -4.712  -8.489  1.00 70.28  ? 14  G   A O6    1 
ATOM   302 N  N1    . G   A 1 14 ? 9.051   -4.430  -10.159 1.00 82.41  ? 14  G   A N1    1 
ATOM   303 C  C2    . G   A 1 14 ? 8.189   -4.895  -11.124 1.00 89.05  ? 14  G   A C2    1 
ATOM   304 N  N2    . G   A 1 14 ? 7.509   -3.966  -11.811 1.00 89.11  ? 14  G   A N2    1 
ATOM   305 N  N3    . G   A 1 14 ? 8.005   -6.180  -11.393 1.00 86.76  ? 14  G   A N3    1 
ATOM   306 C  C4    . G   A 1 14 ? 8.757   -6.974  -10.607 1.00 86.13  ? 14  G   A C4    1 
ATOM   307 P  P     . C   A 1 15 ? 11.543  -9.907  -14.885 1.00 96.84  ? 15  C   A P     1 
ATOM   308 O  OP1   . C   A 1 15 ? 11.706  -10.650 -16.142 1.00 102.00 ? 15  C   A OP1   1 
ATOM   309 O  OP2   . C   A 1 15 ? 12.582  -9.986  -13.815 1.00 82.04  ? 15  C   A OP2   1 
ATOM   310 O  "O5'" . C   A 1 15 ? 11.269  -8.423  -15.368 1.00 88.01  ? 15  C   A "O5'" 1 
ATOM   311 C  "C5'" . C   A 1 15 ? 10.107  -8.215  -16.184 1.00 99.05  ? 15  C   A "C5'" 1 
ATOM   312 C  "C4'" . C   A 1 15 ? 9.812   -6.750  -16.334 1.00 102.10 ? 15  C   A "C4'" 1 
ATOM   313 O  "O4'" . C   A 1 15 ? 9.307   -6.194  -15.088 1.00 100.54 ? 15  C   A "O4'" 1 
ATOM   314 C  "C3'" . C   A 1 15 ? 10.988  -5.848  -16.664 1.00 96.66  ? 15  C   A "C3'" 1 
ATOM   315 O  "O3'" . C   A 1 15 ? 11.355  -5.936  -18.032 1.00 89.31  ? 15  C   A "O3'" 1 
ATOM   316 C  "C2'" . C   A 1 15 ? 10.391  -4.501  -16.316 1.00 95.64  ? 15  C   A "C2'" 1 
ATOM   317 O  "O2'" . C   A 1 15 ? 9.422   -4.111  -17.256 1.00 89.66  ? 15  C   A "O2'" 1 
ATOM   318 C  "C1'" . C   A 1 15 ? 9.689   -4.830  -15.003 1.00 94.59  ? 15  C   A "C1'" 1 
ATOM   319 N  N1    . C   A 1 15 ? 10.570  -4.635  -13.839 1.00 92.43  ? 15  C   A N1    1 
ATOM   320 C  C2    . C   A 1 15 ? 10.841  -3.326  -13.441 1.00 81.72  ? 15  C   A C2    1 
ATOM   321 O  O2    . C   A 1 15 ? 10.325  -2.397  -14.069 1.00 82.39  ? 15  C   A O2    1 
ATOM   322 N  N3    . C   A 1 15 ? 11.644  -3.108  -12.376 1.00 78.95  ? 15  C   A N3    1 
ATOM   323 C  C4    . C   A 1 15 ? 12.160  -4.141  -11.709 1.00 83.72  ? 15  C   A C4    1 
ATOM   324 N  N4    . C   A 1 15 ? 12.942  -3.882  -10.662 1.00 77.43  ? 15  C   A N4    1 
ATOM   325 C  C5    . C   A 1 15 ? 11.919  -5.489  -12.106 1.00 91.95  ? 15  C   A C5    1 
ATOM   326 C  C6    . C   A 1 15 ? 11.133  -5.688  -13.172 1.00 96.36  ? 15  C   A C6    1 
ATOM   327 P  P     . G   A 1 16 ? 12.890  -5.871  -18.476 1.00 93.81  ? 16  G   A P     1 
ATOM   328 O  OP1   . G   A 1 16 ? 12.926  -6.115  -19.932 1.00 86.40  ? 16  G   A OP1   1 
ATOM   329 O  OP2   . G   A 1 16 ? 13.717  -6.692  -17.561 1.00 73.22  ? 16  G   A OP2   1 
ATOM   330 O  "O5'" . G   A 1 16 ? 13.319  -4.383  -18.128 1.00 95.05  ? 16  G   A "O5'" 1 
ATOM   331 C  "C5'" . G   A 1 16 ? 12.575  -3.237  -18.585 1.00 90.76  ? 16  G   A "C5'" 1 
ATOM   332 C  "C4'" . G   A 1 16 ? 13.172  -1.992  -17.981 1.00 92.29  ? 16  G   A "C4'" 1 
ATOM   333 O  "O4'" . G   A 1 16 ? 12.669  -1.780  -16.631 1.00 92.20  ? 16  G   A "O4'" 1 
ATOM   334 C  "C3'" . G   A 1 16 ? 14.686  -2.011  -17.808 1.00 87.51  ? 16  G   A "C3'" 1 
ATOM   335 O  "O3'" . G   A 1 16 ? 15.334  -1.754  -19.046 1.00 93.53  ? 16  G   A "O3'" 1 
ATOM   336 C  "C2'" . G   A 1 16 ? 14.886  -0.915  -16.773 1.00 88.28  ? 16  G   A "C2'" 1 
ATOM   337 O  "O2'" . G   A 1 16 ? 14.977  0.390   -17.320 1.00 87.18  ? 16  G   A "O2'" 1 
ATOM   338 C  "C1'" . G   A 1 16 ? 13.686  -1.166  -15.845 1.00 92.90  ? 16  G   A "C1'" 1 
ATOM   339 N  N9    . G   A 1 16 ? 14.096  -2.074  -14.776 1.00 84.99  ? 16  G   A N9    1 
ATOM   340 C  C8    . G   A 1 16 ? 13.995  -3.445  -14.757 1.00 85.63  ? 16  G   A C8    1 
ATOM   341 N  N7    . G   A 1 16 ? 14.587  -3.986  -13.729 1.00 83.41  ? 16  G   A N7    1 
ATOM   342 C  C5    . G   A 1 16 ? 15.137  -2.911  -13.044 1.00 77.29  ? 16  G   A C5    1 
ATOM   343 C  C6    . G   A 1 16 ? 15.894  -2.876  -11.846 1.00 78.84  ? 16  G   A C6    1 
ATOM   344 O  O6    . G   A 1 16 ? 16.228  -3.818  -11.121 1.00 82.72  ? 16  G   A O6    1 
ATOM   345 N  N1    . G   A 1 16 ? 16.265  -1.579  -11.510 1.00 80.99  ? 16  G   A N1    1 
ATOM   346 C  C2    . G   A 1 16 ? 15.948  -0.455  -12.236 1.00 83.48  ? 16  G   A C2    1 
ATOM   347 N  N2    . G   A 1 16 ? 16.396  0.715   -11.748 1.00 74.24  ? 16  G   A N2    1 
ATOM   348 N  N3    . G   A 1 16 ? 15.238  -0.476  -13.356 1.00 69.28  ? 16  G   A N3    1 
ATOM   349 C  C4    . G   A 1 16 ? 14.864  -1.728  -13.693 1.00 73.94  ? 16  G   A C4    1 
ATOM   350 P  P     . A   A 1 17 ? 16.718  -2.465  -19.406 1.00 97.60  ? 17  A   A P     1 
ATOM   351 O  OP1   . A   A 1 17 ? 17.178  -1.959  -20.737 1.00 96.97  ? 17  A   A OP1   1 
ATOM   352 O  OP2   . A   A 1 17 ? 16.593  -3.930  -19.145 1.00 69.30  ? 17  A   A OP2   1 
ATOM   353 O  "O5'" . A   A 1 17 ? 17.719  -1.880  -18.327 1.00 78.54  ? 17  A   A "O5'" 1 
ATOM   354 C  "C5'" . A   A 1 17 ? 18.867  -2.652  -17.994 1.00 79.43  ? 17  A   A "C5'" 1 
ATOM   355 C  "C4'" . A   A 1 17 ? 19.975  -1.695  -17.739 1.00 77.74  ? 17  A   A "C4'" 1 
ATOM   356 O  "O4'" . A   A 1 17 ? 20.032  -0.788  -18.855 1.00 86.07  ? 17  A   A "O4'" 1 
ATOM   357 C  "C3'" . A   A 1 17 ? 19.716  -0.795  -16.546 1.00 84.84  ? 17  A   A "C3'" 1 
ATOM   358 O  "O3'" . A   A 1 17 ? 20.090  -1.590  -15.438 1.00 103.18 ? 17  A   A "O3'" 1 
ATOM   359 C  "C2'" . A   A 1 17 ? 20.521  0.447   -16.890 1.00 81.82  ? 17  A   A "C2'" 1 
ATOM   360 O  "O2'" . A   A 1 17 ? 21.897  0.345   -16.633 1.00 73.43  ? 17  A   A "O2'" 1 
ATOM   361 C  "C1'" . A   A 1 17 ? 20.322  0.513   -18.396 1.00 75.01  ? 17  A   A "C1'" 1 
ATOM   362 N  N9    . A   A 1 17 ? 19.242  1.378   -18.825 1.00 70.64  ? 17  A   A N9    1 
ATOM   363 C  C8    . A   A 1 17 ? 18.071  1.089   -19.491 1.00 77.92  ? 17  A   A C8    1 
ATOM   364 N  N7    . A   A 1 17 ? 17.351  2.148   -19.778 1.00 71.71  ? 17  A   A N7    1 
ATOM   365 C  C5    . A   A 1 17 ? 18.115  3.205   -19.301 1.00 69.47  ? 17  A   A C5    1 
ATOM   366 C  C6    . A   A 1 17 ? 17.914  4.596   -19.312 1.00 64.75  ? 17  A   A C6    1 
ATOM   367 N  N6    . A   A 1 17 ? 16.830  5.178   -19.829 1.00 69.73  ? 17  A   A N6    1 
ATOM   368 N  N1    . A   A 1 17 ? 18.857  5.375   -18.733 1.00 60.07  ? 17  A   A N1    1 
ATOM   369 C  C2    . A   A 1 17 ? 19.933  4.776   -18.180 1.00 78.66  ? 17  A   A C2    1 
ATOM   370 N  N3    . A   A 1 17 ? 20.244  3.476   -18.125 1.00 66.56  ? 17  A   A N3    1 
ATOM   371 C  C4    . A   A 1 17 ? 19.283  2.742   -18.710 1.00 71.19  ? 17  A   A C4    1 
ATOM   372 P  P     . A   A 1 18 ? 19.357  -1.397  -14.056 1.00 90.71  ? 18  A   A P     1 
ATOM   373 O  OP1   . A   A 1 18 ? 19.437  -2.664  -13.292 1.00 95.07  ? 18  A   A OP1   1 
ATOM   374 O  OP2   . A   A 1 18 ? 18.024  -0.854  -14.342 1.00 73.91  ? 18  A   A OP2   1 
ATOM   375 O  "O5'" . A   A 1 18 ? 20.385  -0.406  -13.369 1.00 86.20  ? 18  A   A "O5'" 1 
ATOM   376 C  "C5'" . A   A 1 18 ? 19.985  0.476   -12.346 1.00 92.06  ? 18  A   A "C5'" 1 
ATOM   377 C  "C4'" . A   A 1 18 ? 20.248  1.886   -12.779 1.00 81.01  ? 18  A   A "C4'" 1 
ATOM   378 O  "O4'" . A   A 1 18 ? 19.974  2.021   -14.187 1.00 72.18  ? 18  A   A "O4'" 1 
ATOM   379 C  "C3'" . A   A 1 18 ? 19.321  2.905   -12.133 1.00 85.71  ? 18  A   A "C3'" 1 
ATOM   380 O  "O3'" . A   A 1 18 ? 19.831  3.257   -10.871 1.00 86.87  ? 18  A   A "O3'" 1 
ATOM   381 C  "C2'" . A   A 1 18 ? 19.369  4.067   -13.105 1.00 75.52  ? 18  A   A "C2'" 1 
ATOM   382 O  "O2'" . A   A 1 18 ? 20.411  4.952   -12.764 1.00 63.46  ? 18  A   A "O2'" 1 
ATOM   383 C  "C1'" . A   A 1 18 ? 19.469  3.326   -14.436 1.00 73.02  ? 18  A   A "C1'" 1 
ATOM   384 N  N9    . A   A 1 18 ? 18.185  3.212   -15.128 1.00 69.19  ? 18  A   A N9    1 
ATOM   385 C  C8    . A   A 1 18 ? 17.462  2.101   -15.486 1.00 69.62  ? 18  A   A C8    1 
ATOM   386 N  N7    . A   A 1 18 ? 16.383  2.372   -16.181 1.00 60.62  ? 18  A   A N7    1 
ATOM   387 C  C5    . A   A 1 18 ? 16.409  3.752   -16.304 1.00 58.84  ? 18  A   A C5    1 
ATOM   388 C  C6    . A   A 1 18 ? 15.541  4.657   -16.926 1.00 60.37  ? 18  A   A C6    1 
ATOM   389 N  N6    . A   A 1 18 ? 14.444  4.289   -17.577 1.00 59.21  ? 18  A   A N6    1 
ATOM   390 N  N1    . A   A 1 18 ? 15.847  5.972   -16.863 1.00 64.00  ? 18  A   A N1    1 
ATOM   391 C  C2    . A   A 1 18 ? 16.961  6.339   -16.211 1.00 65.08  ? 18  A   A C2    1 
ATOM   392 N  N3    . A   A 1 18 ? 17.860  5.577   -15.588 1.00 62.05  ? 18  A   A N3    1 
ATOM   393 C  C4    . A   A 1 18 ? 17.509  4.282   -15.654 1.00 62.47  ? 18  A   A C4    1 
ATOM   394 P  P     . A   A 1 19 ? 18.944  3.057   -9.594  1.00 81.86  ? 19  A   A P     1 
ATOM   395 O  OP1   . A   A 1 19 ? 19.849  3.237   -8.423  1.00 82.66  ? 19  A   A OP1   1 
ATOM   396 O  OP2   . A   A 1 19 ? 18.107  1.818   -9.764  1.00 65.86  ? 19  A   A OP2   1 
ATOM   397 O  "O5'" . A   A 1 19 ? 17.951  4.293   -9.678  1.00 79.43  ? 19  A   A "O5'" 1 
ATOM   398 C  "C5'" . A   A 1 19 ? 18.436  5.619   -9.430  1.00 75.21  ? 19  A   A "C5'" 1 
ATOM   399 C  "C4'" . A   A 1 19 ? 17.545  6.605   -10.129 1.00 76.41  ? 19  A   A "C4'" 1 
ATOM   400 O  "O4'" . A   A 1 19 ? 17.451  6.256   -11.530 1.00 76.89  ? 19  A   A "O4'" 1 
ATOM   401 C  "C3'" . A   A 1 19 ? 16.089  6.609   -9.683  1.00 79.55  ? 19  A   A "C3'" 1 
ATOM   402 O  "O3'" . A   A 1 19 ? 15.944  7.307   -8.455  1.00 78.71  ? 19  A   A "O3'" 1 
ATOM   403 C  "C2'" . A   A 1 19 ? 15.424  7.278   -10.872 1.00 70.67  ? 19  A   A "C2'" 1 
ATOM   404 O  "O2'" . A   A 1 19 ? 15.663  8.665   -10.856 1.00 67.49  ? 19  A   A "O2'" 1 
ATOM   405 C  "C1'" . A   A 1 19 ? 16.174  6.623   -12.026 1.00 69.30  ? 19  A   A "C1'" 1 
ATOM   406 N  N9    . A   A 1 19 ? 15.524  5.429   -12.552 1.00 69.63  ? 19  A   A N9    1 
ATOM   407 C  C8    . A   A 1 19 ? 15.793  4.112   -12.274 1.00 73.75  ? 19  A   A C8    1 
ATOM   408 N  N7    . A   A 1 19 ? 15.043  3.266   -12.941 1.00 64.26  ? 19  A   A N7    1 
ATOM   409 C  C5    . A   A 1 19 ? 14.233  4.082   -13.716 1.00 64.08  ? 19  A   A C5    1 
ATOM   410 C  C6    . A   A 1 19 ? 13.215  3.797   -14.641 1.00 68.93  ? 19  A   A C6    1 
ATOM   411 N  N6    . A   A 1 19 ? 12.833  2.560   -14.957 1.00 77.68  ? 19  A   A N6    1 
ATOM   412 N  N1    . A   A 1 19 ? 12.590  4.842   -15.237 1.00 61.12  ? 19  A   A N1    1 
ATOM   413 C  C2    . A   A 1 19 ? 13.007  6.081   -14.948 1.00 67.52  ? 19  A   A C2    1 
ATOM   414 N  N3    . A   A 1 19 ? 13.962  6.475   -14.099 1.00 70.80  ? 19  A   A N3    1 
ATOM   415 C  C4    . A   A 1 19 ? 14.533  5.416   -13.502 1.00 70.31  ? 19  A   A C4    1 
ATOM   416 P  P     . G   A 1 20 ? 14.898  6.815   -7.366  1.00 78.53  ? 20  G   A P     1 
ATOM   417 O  OP1   . G   A 1 20 ? 14.500  7.990   -6.556  1.00 63.75  ? 20  G   A OP1   1 
ATOM   418 O  OP2   . G   A 1 20 ? 15.442  5.582   -6.733  1.00 75.40  ? 20  G   A OP2   1 
ATOM   419 O  "O5'" . G   A 1 20 ? 13.648  6.328   -8.216  1.00 69.92  ? 20  G   A "O5'" 1 
ATOM   420 C  "C5'" . G   A 1 20 ? 12.330  6.897   -8.121  1.00 60.67  ? 20  G   A "C5'" 1 
ATOM   421 C  "C4'" . G   A 1 20 ? 11.579  6.507   -9.375  1.00 72.15  ? 20  G   A "C4'" 1 
ATOM   422 O  "O4'" . G   A 1 20 ? 12.536  5.868   -10.263 1.00 87.93  ? 20  G   A "O4'" 1 
ATOM   423 C  "C3'" . G   A 1 20 ? 10.474  5.474   -9.241  1.00 73.53  ? 20  G   A "C3'" 1 
ATOM   424 O  "O3'" . G   A 1 20 ? 9.230   6.036   -8.857  1.00 75.47  ? 20  G   A "O3'" 1 
ATOM   425 C  "C2'" . G   A 1 20 ? 10.444  4.843   -10.628 1.00 73.89  ? 20  G   A "C2'" 1 
ATOM   426 O  "O2'" . G   A 1 20 ? 9.814   5.504   -11.707 1.00 85.78  ? 20  G   A "O2'" 1 
ATOM   427 C  "C1'" . G   A 1 20 ? 11.927  4.802   -10.953 1.00 71.15  ? 20  G   A "C1'" 1 
ATOM   428 N  N9    . G   A 1 20 ? 12.550  3.565   -10.525 1.00 66.88  ? 20  G   A N9    1 
ATOM   429 C  C8    . G   A 1 20 ? 13.550  3.379   -9.598  1.00 72.12  ? 20  G   A C8    1 
ATOM   430 N  N7    . G   A 1 20 ? 13.896  2.128   -9.463  1.00 69.46  ? 20  G   A N7    1 
ATOM   431 C  C5    . G   A 1 20 ? 13.074  1.448   -10.351 1.00 71.35  ? 20  G   A C5    1 
ATOM   432 C  C6    . G   A 1 20 ? 12.964  0.064   -10.622 1.00 77.42  ? 20  G   A C6    1 
ATOM   433 O  O6    . G   A 1 20 ? 13.597  -0.869  -10.119 1.00 82.81  ? 20  G   A O6    1 
ATOM   434 N  N1    . G   A 1 20 ? 12.010  -0.193  -11.603 1.00 71.03  ? 20  G   A N1    1 
ATOM   435 C  C2    . G   A 1 20 ? 11.230  0.763   -12.212 1.00 70.52  ? 20  G   A C2    1 
ATOM   436 N  N2    . G   A 1 20 ? 10.338  0.320   -13.102 1.00 62.85  ? 20  G   A N2    1 
ATOM   437 N  N3    . G   A 1 20 ? 11.316  2.059   -11.962 1.00 63.82  ? 20  G   A N3    1 
ATOM   438 C  C4    . G   A 1 20 ? 12.254  2.327   -11.031 1.00 66.62  ? 20  G   A C4    1 
ATOM   439 P  P     . C   A 1 21 ? 8.277   5.224   -7.858  1.00 71.62  ? 21  C   A P     1 
ATOM   440 O  OP1   . C   A 1 21 ? 7.254   6.155   -7.320  1.00 66.40  ? 21  C   A OP1   1 
ATOM   441 O  OP2   . C   A 1 21 ? 9.131   4.394   -6.967  1.00 70.75  ? 21  C   A OP2   1 
ATOM   442 O  "O5'" . C   A 1 21 ? 7.491   4.239   -8.819  1.00 67.46  ? 21  C   A "O5'" 1 
ATOM   443 C  "C5'" . C   A 1 21 ? 6.699   4.712   -9.896  1.00 74.63  ? 21  C   A "C5'" 1 
ATOM   444 C  "C4'" . C   A 1 21 ? 6.471   3.560   -10.837 1.00 82.07  ? 21  C   A "C4'" 1 
ATOM   445 O  "O4'" . C   A 1 21 ? 7.730   2.913   -11.142 1.00 83.31  ? 21  C   A "O4'" 1 
ATOM   446 C  "C3'" . C   A 1 21 ? 5.661   2.425   -10.255 1.00 78.66  ? 21  C   A "C3'" 1 
ATOM   447 O  "O3'" . C   A 1 21 ? 4.289   2.725   -10.328 1.00 92.16  ? 21  C   A "O3'" 1 
ATOM   448 C  "C2'" . C   A 1 21 ? 6.013   1.278   -11.170 1.00 72.45  ? 21  C   A "C2'" 1 
ATOM   449 O  "O2'" . C   A 1 21 ? 5.320   1.380   -12.382 1.00 73.00  ? 21  C   A "O2'" 1 
ATOM   450 C  "C1'" . C   A 1 21 ? 7.488   1.544   -11.418 1.00 74.85  ? 21  C   A "C1'" 1 
ATOM   451 N  N1    . C   A 1 21 ? 8.331   0.727   -10.555 1.00 75.34  ? 21  C   A N1    1 
ATOM   452 C  C2    . C   A 1 21 ? 8.358   -0.645  -10.791 1.00 72.40  ? 21  C   A C2    1 
ATOM   453 O  O2    . C   A 1 21 ? 7.649   -1.106  -11.697 1.00 72.88  ? 21  C   A O2    1 
ATOM   454 N  N3    . C   A 1 21 ? 9.153   -1.433  -10.029 1.00 75.23  ? 21  C   A N3    1 
ATOM   455 C  C4    . C   A 1 21 ? 9.907   -0.890  -9.071  1.00 77.73  ? 21  C   A C4    1 
ATOM   456 N  N4    . C   A 1 21 ? 10.667  -1.700  -8.338  1.00 83.74  ? 21  C   A N4    1 
ATOM   457 C  C5    . C   A 1 21 ? 9.922   0.515   -8.830  1.00 76.06  ? 21  C   A C5    1 
ATOM   458 C  C6    . C   A 1 21 ? 9.118   1.278   -9.580  1.00 78.95  ? 21  C   A C6    1 
ATOM   459 P  P     . G   A 1 22 ? 3.328   2.079   -9.268  1.00 80.68  ? 22  G   A P     1 
ATOM   460 O  OP1   . G   A 1 22 ? 2.035   2.790   -9.348  1.00 73.47  ? 22  G   A OP1   1 
ATOM   461 O  OP2   . G   A 1 22 ? 4.060   2.029   -7.994  1.00 65.78  ? 22  G   A OP2   1 
ATOM   462 O  "O5'" . G   A 1 22 ? 3.184   0.605   -9.843  1.00 79.20  ? 22  G   A "O5'" 1 
ATOM   463 C  "C5'" . G   A 1 22 ? 2.406   0.402   -11.017 1.00 80.01  ? 22  G   A "C5'" 1 
ATOM   464 C  "C4'" . G   A 1 22 ? 2.388   -1.064  -11.356 1.00 88.33  ? 22  G   A "C4'" 1 
ATOM   465 O  "O4'" . G   A 1 22 ? 3.742   -1.579  -11.432 1.00 87.95  ? 22  G   A "O4'" 1 
ATOM   466 C  "C3'" . G   A 1 22 ? 1.733   -1.965  -10.334 1.00 85.50  ? 22  G   A "C3'" 1 
ATOM   467 O  "O3'" . G   A 1 22 ? 0.328   -1.950  -10.480 1.00 78.97  ? 22  G   A "O3'" 1 
ATOM   468 C  "C2'" . G   A 1 22 ? 2.318   -3.314  -10.698 1.00 85.67  ? 22  G   A "C2'" 1 
ATOM   469 O  "O2'" . G   A 1 22 ? 1.696   -3.795  -11.861 1.00 82.82  ? 22  G   A "O2'" 1 
ATOM   470 C  "C1'" . G   A 1 22 ? 3.754   -2.934  -11.035 1.00 82.24  ? 22  G   A "C1'" 1 
ATOM   471 N  N9    . G   A 1 22 ? 4.693   -3.052  -9.935  1.00 79.11  ? 22  G   A N9    1 
ATOM   472 C  C8    . G   A 1 22 ? 5.229   -2.021  -9.200  1.00 78.68  ? 22  G   A C8    1 
ATOM   473 N  N7    . G   A 1 22 ? 6.103   -2.423  -8.319  1.00 86.11  ? 22  G   A N7    1 
ATOM   474 C  C5    . G   A 1 22 ? 6.146   -3.800  -8.481  1.00 81.26  ? 22  G   A C5    1 
ATOM   475 C  C6    . G   A 1 22 ? 6.913   -4.779  -7.802  1.00 78.97  ? 22  G   A C6    1 
ATOM   476 O  O6    . G   A 1 22 ? 7.732   -4.616  -6.897  1.00 76.77  ? 22  G   A O6    1 
ATOM   477 N  N1    . G   A 1 22 ? 6.657   -6.059  -8.284  1.00 85.46  ? 22  G   A N1    1 
ATOM   478 C  C2    . G   A 1 22 ? 5.762   -6.360  -9.282  1.00 91.26  ? 22  G   A C2    1 
ATOM   479 N  N2    . G   A 1 22 ? 5.665   -7.653  -9.617  1.00 96.34  ? 22  G   A N2    1 
ATOM   480 N  N3    . G   A 1 22 ? 5.037   -5.453  -9.925  1.00 86.27  ? 22  G   A N3    1 
ATOM   481 C  C4    . G   A 1 22 ? 5.279   -4.204  -9.474  1.00 81.23  ? 22  G   A C4    1 
ATOM   482 P  P     . C   A 1 23 ? -0.557  -2.162  -9.185  1.00 86.92  ? 23  C   A P     1 
ATOM   483 O  OP1   . C   A 1 23 ? -1.981  -1.843  -9.519  1.00 71.94  ? 23  C   A OP1   1 
ATOM   484 O  OP2   . C   A 1 23 ? 0.100   -1.425  -8.060  1.00 72.55  ? 23  C   A OP2   1 
ATOM   485 O  "O5'" . C   A 1 23 ? -0.365  -3.720  -8.923  1.00 77.82  ? 23  C   A "O5'" 1 
ATOM   486 C  "C5'" . C   A 1 23 ? -1.112  -4.704  -9.658  1.00 79.83  ? 23  C   A "C5'" 1 
ATOM   487 C  "C4'" . C   A 1 23 ? -0.594  -6.096  -9.377  1.00 78.32  ? 23  C   A "C4'" 1 
ATOM   488 O  "O4'" . C   A 1 23 ? 0.852   -6.142  -9.519  1.00 80.15  ? 23  C   A "O4'" 1 
ATOM   489 C  "C3'" . C   A 1 23 ? -0.843  -6.627  -7.977  1.00 81.10  ? 23  C   A "C3'" 1 
ATOM   490 O  "O3'" . C   A 1 23 ? -2.182  -7.065  -7.848  1.00 79.74  ? 23  C   A "O3'" 1 
ATOM   491 C  "C2'" . C   A 1 23 ? 0.218   -7.712  -7.863  1.00 80.72  ? 23  C   A "C2'" 1 
ATOM   492 O  "O2'" . C   A 1 23 ? 0.025   -8.913  -8.563  1.00 77.35  ? 23  C   A "O2'" 1 
ATOM   493 C  "C1'" . C   A 1 23 ? 1.392   -7.047  -8.571  1.00 85.70  ? 23  C   A "C1'" 1 
ATOM   494 N  N1    . C   A 1 23 ? 2.263   -6.307  -7.649  1.00 85.66  ? 23  C   A N1    1 
ATOM   495 C  C2    . C   A 1 23 ? 3.271   -7.009  -6.985  1.00 82.97  ? 23  C   A C2    1 
ATOM   496 O  O2    . C   A 1 23 ? 3.391   -8.221  -7.195  1.00 83.82  ? 23  C   A O2    1 
ATOM   497 N  N3    . C   A 1 23 ? 4.092   -6.350  -6.139  1.00 84.66  ? 23  C   A N3    1 
ATOM   498 C  C4    . C   A 1 23 ? 3.929   -5.039  -5.942  1.00 78.43  ? 23  C   A C4    1 
ATOM   499 N  N4    . C   A 1 23 ? 4.764   -4.427  -5.109  1.00 79.91  ? 23  C   A N4    1 
ATOM   500 C  C5    . C   A 1 23 ? 2.886   -4.305  -6.576  1.00 82.52  ? 23  C   A C5    1 
ATOM   501 C  C6    . C   A 1 23 ? 2.085   -4.972  -7.414  1.00 81.10  ? 23  C   A C6    1 
ATOM   502 P  P     . U   A 1 24 ? -2.986  -6.805  -6.485  1.00 88.60  ? 24  U   A P     1 
ATOM   503 O  OP1   . U   A 1 24 ? -4.424  -7.050  -6.766  1.00 87.89  ? 24  U   A OP1   1 
ATOM   504 O  OP2   . U   A 1 24 ? -2.625  -5.471  -5.953  1.00 74.67  ? 24  U   A OP2   1 
ATOM   505 O  "O5'" . U   A 1 24 ? -2.375  -7.923  -5.527  1.00 86.07  ? 24  U   A "O5'" 1 
ATOM   506 C  "C5'" . U   A 1 24 ? -2.308  -9.296  -5.964  1.00 84.18  ? 24  U   A "C5'" 1 
ATOM   507 C  "C4'" . U   A 1 24 ? -1.572  -10.165 -4.969  1.00 92.65  ? 24  U   A "C4'" 1 
ATOM   508 O  "O4'" . U   A 1 24 ? -0.130  -10.066 -5.156  1.00 92.43  ? 24  U   A "O4'" 1 
ATOM   509 C  "C3'" . U   A 1 24 ? -1.786  -9.886  -3.488  1.00 89.98  ? 24  U   A "C3'" 1 
ATOM   510 O  "O3'" . U   A 1 24 ? -2.993  -10.512 -3.109  1.00 82.50  ? 24  U   A "O3'" 1 
ATOM   511 C  "C2'" . U   A 1 24 ? -0.559  -10.556 -2.888  1.00 92.82  ? 24  U   A "C2'" 1 
ATOM   512 O  "O2'" . U   A 1 24 ? -0.606  -11.965 -2.871  1.00 84.09  ? 24  U   A "O2'" 1 
ATOM   513 C  "C1'" . U   A 1 24 ? 0.513   -10.140 -3.893  1.00 89.05  ? 24  U   A "C1'" 1 
ATOM   514 N  N1    . U   A 1 24 ? 1.095   -8.827  -3.574  1.00 88.89  ? 24  U   A N1    1 
ATOM   515 C  C2    . U   A 1 24 ? 2.150   -8.813  -2.686  1.00 88.75  ? 24  U   A C2    1 
ATOM   516 O  O2    . U   A 1 24 ? 2.603   -9.823  -2.184  1.00 93.19  ? 24  U   A O2    1 
ATOM   517 N  N3    . U   A 1 24 ? 2.672   -7.569  -2.429  1.00 92.66  ? 24  U   A N3    1 
ATOM   518 C  C4    . U   A 1 24 ? 2.238   -6.360  -2.930  1.00 86.81  ? 24  U   A C4    1 
ATOM   519 O  O4    . U   A 1 24 ? 2.795   -5.321  -2.573  1.00 80.06  ? 24  U   A O4    1 
ATOM   520 C  C5    . U   A 1 24 ? 1.129   -6.454  -3.831  1.00 89.59  ? 24  U   A C5    1 
ATOM   521 C  C6    . U   A 1 24 ? 0.600   -7.653  -4.105  1.00 93.38  ? 24  U   A C6    1 
ATOM   522 P  P     . C   A 1 25 ? -3.976  -9.848  -2.052  1.00 91.38  ? 25  C   A P     1 
ATOM   523 O  OP1   . C   A 1 25 ? -5.252  -10.581 -2.151  1.00 99.72  ? 25  C   A OP1   1 
ATOM   524 O  OP2   . C   A 1 25 ? -3.997  -8.380  -2.217  1.00 75.39  ? 25  C   A OP2   1 
ATOM   525 O  "O5'" . C   A 1 25 ? -3.259  -10.218 -0.684  1.00 93.56  ? 25  C   A "O5'" 1 
ATOM   526 C  "C5'" . C   A 1 25 ? -2.954  -11.591 -0.405  1.00 99.80  ? 25  C   A "C5'" 1 
ATOM   527 C  "C4'" . C   A 1 25 ? -1.985  -11.703 0.740   1.00 95.27  ? 25  C   A "C4'" 1 
ATOM   528 O  "O4'" . C   A 1 25 ? -0.645  -11.385 0.283   1.00 99.79  ? 25  C   A "O4'" 1 
ATOM   529 C  "C3'" . C   A 1 25 ? -2.202  -10.765 1.917   1.00 93.68  ? 25  C   A "C3'" 1 
ATOM   530 O  "O3'" . C   A 1 25 ? -3.294  -11.136 2.746   1.00 94.79  ? 25  C   A "O3'" 1 
ATOM   531 C  "C2'" . C   A 1 25 ? -0.828  -10.812 2.570   1.00 93.78  ? 25  C   A "C2'" 1 
ATOM   532 O  "O2'" . C   A 1 25 ? -0.491  -11.979 3.289   1.00 90.70  ? 25  C   A "O2'" 1 
ATOM   533 C  "C1'" . C   A 1 25 ? 0.069   -10.750 1.335   1.00 101.45 ? 25  C   A "C1'" 1 
ATOM   534 N  N1    . C   A 1 25 ? 0.357   -9.352  0.962   1.00 92.30  ? 25  C   A N1    1 
ATOM   535 C  C2    . C   A 1 25 ? 1.487   -8.734  1.509   1.00 88.82  ? 25  C   A C2    1 
ATOM   536 O  O2    . C   A 1 25 ? 2.236   -9.393  2.239   1.00 100.80 ? 25  C   A O2    1 
ATOM   537 N  N3    . C   A 1 25 ? 1.752   -7.446  1.196   1.00 83.37  ? 25  C   A N3    1 
ATOM   538 C  C4    . C   A 1 25 ? 0.908   -6.763  0.423   1.00 82.28  ? 25  C   A C4    1 
ATOM   539 N  N4    . C   A 1 25 ? 1.197   -5.493  0.155   1.00 82.30  ? 25  C   A N4    1 
ATOM   540 C  C5    . C   A 1 25 ? -0.263  -7.358  -0.126  1.00 91.27  ? 25  C   A C5    1 
ATOM   541 C  C6    . C   A 1 25 ? -0.503  -8.639  0.174   1.00 96.32  ? 25  C   A C6    1 
HETATM 542 O  O1    . 8OS B 2 1  ? -1.092  -0.701  3.813   1.00 67.07  ? 1   8OS B O1    1 
HETATM 543 C  C1    . 8OS B 2 1  ? -0.441  -1.018  4.794   1.00 80.69  ? 1   8OS B C1    1 
HETATM 544 N  N1    . 8OS B 2 1  ? 0.526   -0.152  5.293   1.00 78.27  ? 1   8OS B N1    1 
HETATM 545 C  C2    . 8OS B 2 1  ? 1.222   -0.551  6.423   1.00 78.15  ? 1   8OS B C2    1 
HETATM 546 N  N2    . 8OS B 2 1  ? 2.128   0.227   6.935   1.00 72.35  ? 1   8OS B N2    1 
HETATM 547 N  N3    . 8OS B 2 1  ? 0.973   -1.742  6.982   1.00 88.34  ? 1   8OS B N3    1 
HETATM 548 C  C3    . 8OS B 2 1  ? 0.031   -2.551  6.461   1.00 84.94  ? 1   8OS B C3    1 
HETATM 549 C  C4    . 8OS B 2 1  ? -0.670  -2.187  5.389   1.00 84.75  ? 1   8OS B C4    1 
HETATM 550 N  N4    . 8OS B 2 1  ? -1.515  -3.156  5.087   1.00 78.87  ? 1   8OS B N4    1 
HETATM 551 C  C5    . 8OS B 2 1  ? -1.339  -4.120  5.974   1.00 86.12  ? 1   8OS B C5    1 
HETATM 552 N  N5    . 8OS B 2 1  ? -0.396  -3.746  6.831   1.00 82.85  ? 1   8OS B N5    1 
HETATM 553 C  C6    . 8OS B 2 1  ? 0.109   -4.524  7.966   1.00 81.46  ? 1   8OS B C6    1 
HETATM 554 O  O2    . 8OS B 2 1  ? -0.781  -5.622  8.099   1.00 83.75  ? 1   8OS B O2    1 
HETATM 555 C  C7    . 8OS B 2 1  ? 0.102   -3.790  9.291   1.00 81.11  ? 1   8OS B C7    1 
HETATM 556 O  O3    . 8OS B 2 1  ? 1.172   -4.224  10.162  1.00 88.95  ? 1   8OS B O3    1 
HETATM 557 C  C8    . 8OS B 2 1  ? -1.214  -4.184  9.808   1.00 76.24  ? 1   8OS B C8    1 
HETATM 558 O  O4    . 8OS B 2 1  ? -1.232  -4.200  11.245  1.00 65.96  ? 1   8OS B O4    1 
HETATM 559 C  C9    . 8OS B 2 1  ? -1.363  -5.559  9.395   1.00 73.17  ? 1   8OS B C9    1 
HETATM 560 C  C10   . 8OS B 2 1  ? -2.834  -5.917  9.302   1.00 79.68  ? 1   8OS B C10   1 
HETATM 561 O  O5    . 8OS B 2 1  ? -3.514  -5.180  8.288   1.00 90.30  ? 1   8OS B O5    1 
HETATM 562 P  P1    . 8OS B 2 1  ? -4.927  -5.748  7.752   1.00 97.76  ? 1   8OS B P1    1 
HETATM 563 O  O6    . 8OS B 2 1  ? -5.419  -4.492  7.009   1.00 86.39  ? 1   8OS B O6    1 
HETATM 564 O  O7    . 8OS B 2 1  ? -5.880  -6.079  8.884   1.00 98.66  ? 1   8OS B O7    1 
HETATM 565 C  C11   . 8OS B 2 1  ? -4.654  -6.922  6.539   1.00 128.57 ? 1   8OS B C11   1 
HETATM 566 N  N6    . 8OS B 2 1  ? -3.907  -6.746  5.443   1.00 142.50 ? 1   8OS B N6    1 
HETATM 567 C  C12   . 8OS B 2 1  ? -3.958  -7.889  4.748   1.00 152.16 ? 1   8OS B C12   1 
HETATM 568 N  N7    . 8OS B 2 1  ? -4.743  -8.752  5.418   1.00 163.93 ? 1   8OS B N7    1 
HETATM 569 C  C13   . 8OS B 2 1  ? -5.186  -8.148  6.533   1.00 150.59 ? 1   8OS B C13   1 
HETATM 570 C  C14   . 8OS B 2 1  ? -6.128  -8.778  7.617   1.00 123.11 ? 1   8OS B C14   1 
ATOM   571 P  P     . C   B 2 2  ? -2.550  -3.408  11.924  1.00 70.53  ? 2   C   B P     1 
ATOM   572 O  OP1   . C   B 2 2  ? -2.695  -4.155  13.212  1.00 84.13  ? 2   C   B OP1   1 
ATOM   573 O  OP2   . C   B 2 2  ? -3.623  -3.497  10.853  1.00 59.23  ? 2   C   B OP2   1 
ATOM   574 O  "O5'" . C   B 2 2  ? -2.181  -1.916  12.329  1.00 72.04  ? 2   C   B "O5'" 1 
ATOM   575 C  "C5'" . C   B 2 2  ? -1.012  -1.804  13.165  1.00 80.55  ? 2   C   B "C5'" 1 
ATOM   576 C  "C4'" . C   B 2 2  ? -0.194  -0.593  12.804  1.00 75.67  ? 2   C   B "C4'" 1 
ATOM   577 O  "O4'" . C   B 2 2  ? 0.409   -0.746  11.491  1.00 78.02  ? 2   C   B "O4'" 1 
ATOM   578 C  "C3'" . C   B 2 2  ? -0.955  0.711   12.706  1.00 75.99  ? 2   C   B "C3'" 1 
ATOM   579 O  "O3'" . C   B 2 2  ? -1.096  1.263   13.988  1.00 71.94  ? 2   C   B "O3'" 1 
ATOM   580 C  "C2'" . C   B 2 2  ? 0.007   1.548   11.886  1.00 82.11  ? 2   C   B "C2'" 1 
ATOM   581 O  "O2'" . C   B 2 2  ? 1.081   2.053   12.637  1.00 78.67  ? 2   C   B "O2'" 1 
ATOM   582 C  "C1'" . C   B 2 2  ? 0.477   0.520   10.859  1.00 82.52  ? 2   C   B "C1'" 1 
ATOM   583 N  N1    . C   B 2 2  ? -0.386  0.501   9.667   1.00 85.15  ? 2   C   B N1    1 
ATOM   584 C  C2    . C   B 2 2  ? -0.352  1.595   8.796   1.00 81.12  ? 2   C   B C2    1 
ATOM   585 O  O2    . C   B 2 2  ? 0.401   2.543   9.049   1.00 85.04  ? 2   C   B O2    1 
ATOM   586 N  N3    . C   B 2 2  ? -1.150  1.598   7.710   1.00 82.48  ? 2   C   B N3    1 
ATOM   587 C  C4    . C   B 2 2  ? -1.947  0.559   7.466   1.00 81.86  ? 2   C   B C4    1 
ATOM   588 N  N4    . C   B 2 2  ? -2.710  0.605   6.378   1.00 80.72  ? 2   C   B N4    1 
ATOM   589 C  C5    . C   B 2 2  ? -2.015  -0.561  8.343   1.00 88.76  ? 2   C   B C5    1 
ATOM   590 C  C6    . C   B 2 2  ? -1.235  -0.542  9.430   1.00 83.98  ? 2   C   B C6    1 
ATOM   591 P  P     . A   B 2 3  ? -2.404  2.048   14.369  1.00 79.14  ? 3   A   B P     1 
ATOM   592 O  OP1   . A   B 2 3  ? -2.301  2.372   15.813  1.00 80.57  ? 3   A   B OP1   1 
ATOM   593 O  OP2   . A   B 2 3  ? -3.567  1.331   13.800  1.00 66.26  ? 3   A   B OP2   1 
ATOM   594 O  "O5'" . A   B 2 3  ? -2.229  3.454   13.654  1.00 73.38  ? 3   A   B "O5'" 1 
ATOM   595 C  "C5'" . A   B 2 3  ? -1.137  4.304   14.054  1.00 80.16  ? 3   A   B "C5'" 1 
ATOM   596 C  "C4'" . A   B 2 3  ? -0.984  5.461   13.103  1.00 78.79  ? 3   A   B "C4'" 1 
ATOM   597 O  "O4'" . A   B 2 3  ? -0.562  5.005   11.790  1.00 81.76  ? 3   A   B "O4'" 1 
ATOM   598 C  "C3'" . A   B 2 3  ? -2.263  6.231   12.820  1.00 74.65  ? 3   A   B "C3'" 1 
ATOM   599 O  "O3'" . A   B 2 3  ? -2.516  7.070   13.921  1.00 73.11  ? 3   A   B "O3'" 1 
ATOM   600 C  "C2'" . A   B 2 3  ? -1.914  6.921   11.520  1.00 73.69  ? 3   A   B "C2'" 1 
ATOM   601 O  "O2'" . A   B 2 3  ? -1.023  7.978   11.727  1.00 78.33  ? 3   A   B "O2'" 1 
ATOM   602 C  "C1'" . A   B 2 3  ? -1.193  5.795   10.794  1.00 78.45  ? 3   A   B "C1'" 1 
ATOM   603 N  N9    . A   B 2 3  ? -2.118  4.951   10.047  1.00 79.03  ? 3   A   B N9    1 
ATOM   604 C  C8    . A   B 2 3  ? -2.620  3.710   10.349  1.00 79.42  ? 3   A   B C8    1 
ATOM   605 N  N7    . A   B 2 3  ? -3.433  3.233   9.439   1.00 78.59  ? 3   A   B N7    1 
ATOM   606 C  C5    . A   B 2 3  ? -3.473  4.230   8.477   1.00 86.19  ? 3   A   B C5    1 
ATOM   607 C  C6    . A   B 2 3  ? -4.141  4.329   7.252   1.00 82.67  ? 3   A   B C6    1 
ATOM   608 N  N6    . A   B 2 3  ? -4.951  3.388   6.778   1.00 90.75  ? 3   A   B N6    1 
ATOM   609 N  N1    . A   B 2 3  ? -3.980  5.460   6.539   1.00 79.82  ? 3   A   B N1    1 
ATOM   610 C  C2    . A   B 2 3  ? -3.188  6.419   7.030   1.00 85.15  ? 3   A   B C2    1 
ATOM   611 N  N3    . A   B 2 3  ? -2.489  6.435   8.159   1.00 80.58  ? 3   A   B N3    1 
ATOM   612 C  C4    . A   B 2 3  ? -2.671  5.294   8.841   1.00 84.51  ? 3   A   B C4    1 
ATOM   613 P  P     . C   B 2 4  ? -4.012  7.439   14.268  1.00 81.84  ? 4   C   B P     1 
ATOM   614 O  OP1   . C   B 2 4  ? -4.000  8.257   15.493  1.00 73.40  ? 4   C   B OP1   1 
ATOM   615 O  OP2   . C   B 2 4  ? -4.852  6.210   14.166  1.00 60.80  ? 4   C   B OP2   1 
ATOM   616 O  "O5'" . C   B 2 4  ? -4.418  8.386   13.067  1.00 69.07  ? 4   C   B "O5'" 1 
ATOM   617 C  "C5'" . C   B 2 4  ? -3.788  9.644   12.918  1.00 79.20  ? 4   C   B "C5'" 1 
ATOM   618 C  "C4'" . C   B 2 4  ? -4.206  10.242  11.606  1.00 78.24  ? 4   C   B "C4'" 1 
ATOM   619 O  "O4'" . C   B 2 4  ? -3.777  9.377   10.521  1.00 81.34  ? 4   C   B "O4'" 1 
ATOM   620 C  "C3'" . C   B 2 4  ? -5.700  10.378  11.382  1.00 74.54  ? 4   C   B "C3'" 1 
ATOM   621 O  "O3'" . C   B 2 4  ? -6.241  11.455  12.130  1.00 74.66  ? 4   C   B "O3'" 1 
ATOM   622 C  "C2'" . C   B 2 4  ? -5.737  10.515  9.871   1.00 75.93  ? 4   C   B "C2'" 1 
ATOM   623 O  "O2'" . C   B 2 4  ? -5.302  11.768  9.406   1.00 85.63  ? 4   C   B "O2'" 1 
ATOM   624 C  "C1'" . C   B 2 4  ? -4.720  9.453   9.465   1.00 83.36  ? 4   C   B "C1'" 1 
ATOM   625 N  N1    . C   B 2 4  ? -5.349  8.137   9.279   1.00 89.44  ? 4   C   B N1    1 
ATOM   626 C  C2    . C   B 2 4  ? -6.032  7.905   8.085   1.00 83.44  ? 4   C   B C2    1 
ATOM   627 O  O2    . C   B 2 4  ? -6.053  8.795   7.226   1.00 92.00  ? 4   C   B O2    1 
ATOM   628 N  N3    . C   B 2 4  ? -6.652  6.719   7.895   1.00 82.53  ? 4   C   B N3    1 
ATOM   629 C  C4    . C   B 2 4  ? -6.606  5.787   8.847   1.00 78.99  ? 4   C   B C4    1 
ATOM   630 N  N4    . C   B 2 4  ? -7.207  4.626   8.607   1.00 70.68  ? 4   C   B N4    1 
ATOM   631 C  C5    . C   B 2 4  ? -5.918  5.997   10.076  1.00 79.17  ? 4   C   B C5    1 
ATOM   632 C  C6    . C   B 2 4  ? -5.329  7.182   10.260  1.00 78.01  ? 4   C   B C6    1 
ATOM   633 P  P     . C   B 2 5  ? -7.782  11.791  12.023  1.00 73.21  ? 5   C   B P     1 
ATOM   634 O  OP1   . C   B 2 5  ? -8.062  13.034  12.753  1.00 72.84  ? 5   C   B OP1   1 
ATOM   635 O  OP2   . C   B 2 5  ? -8.551  10.584  12.314  1.00 73.68  ? 5   C   B OP2   1 
ATOM   636 O  "O5'" . C   B 2 5  ? -7.975  11.955  10.465  1.00 77.39  ? 5   C   B "O5'" 1 
ATOM   637 C  "C5'" . C   B 2 5  ? -7.977  13.211  9.817   1.00 79.53  ? 5   C   B "C5'" 1 
ATOM   638 C  "C4'" . C   B 2 5  ? -8.764  13.058  8.548   1.00 76.63  ? 5   C   B "C4'" 1 
ATOM   639 O  "O4'" . C   B 2 5  ? -8.338  11.880  7.808   1.00 75.60  ? 5   C   B "O4'" 1 
ATOM   640 C  "C3'" . C   B 2 5  ? -10.221 12.768  8.789   1.00 72.27  ? 5   C   B "C3'" 1 
ATOM   641 O  "O3'" . C   B 2 5  ? -10.878 13.906  9.301   1.00 84.33  ? 5   C   B "O3'" 1 
ATOM   642 C  "C2'" . C   B 2 5  ? -10.655 12.240  7.434   1.00 67.41  ? 5   C   B "C2'" 1 
ATOM   643 O  "O2'" . C   B 2 5  ? -10.923 13.224  6.472   1.00 70.28  ? 5   C   B "O2'" 1 
ATOM   644 C  "C1'" . C   B 2 5  ? -9.440  11.396  7.053   1.00 74.64  ? 5   C   B "C1'" 1 
ATOM   645 N  N1    . C   B 2 5  ? -9.660  9.986   7.393   1.00 81.73  ? 5   C   B N1    1 
ATOM   646 C  C2    . C   B 2 5  ? -10.470 9.217   6.554   1.00 75.47  ? 5   C   B C2    1 
ATOM   647 O  O2    . C   B 2 5  ? -10.933 9.733   5.529   1.00 81.37  ? 5   C   B O2    1 
ATOM   648 N  N3    . C   B 2 5  ? -10.697 7.923   6.862   1.00 76.85  ? 5   C   B N3    1 
ATOM   649 C  C4    . C   B 2 5  ? -10.150 7.393   7.957   1.00 70.95  ? 5   C   B C4    1 
ATOM   650 N  N4    . C   B 2 5  ? -10.387 6.109   8.212   1.00 68.78  ? 5   C   B N4    1 
ATOM   651 C  C5    . C   B 2 5  ? -9.350  8.163   8.848   1.00 74.51  ? 5   C   B C5    1 
ATOM   652 C  C6    . C   B 2 5  ? -9.140  9.445   8.537   1.00 72.95  ? 5   C   B C6    1 
ATOM   653 P  P     . U   B 2 6  ? -12.381 13.759  9.700   1.00 81.64  ? 6   U   B P     1 
ATOM   654 O  OP1   . U   B 2 6  ? -12.868 15.040  10.282  1.00 79.84  ? 6   U   B OP1   1 
ATOM   655 O  OP2   . U   B 2 6  ? -12.499 12.514  10.486  1.00 75.57  ? 6   U   B OP2   1 
ATOM   656 O  "O5'" . U   B 2 6  ? -13.039 13.581  8.265   1.00 78.44  ? 6   U   B "O5'" 1 
ATOM   657 C  "C5'" . U   B 2 6  ? -14.438 13.749  8.153   1.00 82.39  ? 6   U   B "C5'" 1 
ATOM   658 C  "C4'" . U   B 2 6  ? -14.995 13.116  6.904   1.00 77.87  ? 6   U   B "C4'" 1 
ATOM   659 O  "O4'" . U   B 2 6  ? -14.144 12.076  6.357   1.00 75.52  ? 6   U   B "O4'" 1 
ATOM   660 C  "C3'" . U   B 2 6  ? -16.325 12.438  7.150   1.00 66.55  ? 6   U   B "C3'" 1 
ATOM   661 O  "O3'" . U   B 2 6  ? -17.181 13.540  7.063   1.00 68.82  ? 6   U   B "O3'" 1 
ATOM   662 C  "C2'" . U   B 2 6  ? -16.388 11.445  6.025   1.00 64.64  ? 6   U   B "C2'" 1 
ATOM   663 O  "O2'" . U   B 2 6  ? -16.613 12.192  4.851   1.00 67.01  ? 6   U   B "O2'" 1 
ATOM   664 C  "C1'" . U   B 2 6  ? -14.948 10.956  6.020   1.00 73.81  ? 6   U   B "C1'" 1 
ATOM   665 N  N1    . U   B 2 6  ? -14.612 9.847   6.927   1.00 73.09  ? 6   U   B N1    1 
ATOM   666 C  C2    . U   B 2 6  ? -15.018 8.575   6.563   1.00 75.39  ? 6   U   B C2    1 
ATOM   667 O  O2    . U   B 2 6  ? -15.732 8.356   5.601   1.00 87.45  ? 6   U   B O2    1 
ATOM   668 N  N3    . U   B 2 6  ? -14.565 7.569   7.380   1.00 77.43  ? 6   U   B N3    1 
ATOM   669 C  C4    . U   B 2 6  ? -13.772 7.695   8.498   1.00 79.65  ? 6   U   B C4    1 
ATOM   670 O  O4    . U   B 2 6  ? -13.471 6.693   9.140   1.00 73.45  ? 6   U   B O4    1 
ATOM   671 C  C5    . U   B 2 6  ? -13.385 9.038   8.805   1.00 80.63  ? 6   U   B C5    1 
ATOM   672 C  C6    . U   B 2 6  ? -13.787 10.041  8.015   1.00 81.20  ? 6   U   B C6    1 
ATOM   673 P  P     . C   B 2 7  ? -17.986 13.954  8.333   1.00 82.99  ? 7   C   B P     1 
ATOM   674 O  OP1   . C   B 2 7  ? -18.597 15.294  8.056   1.00 78.16  ? 7   C   B OP1   1 
ATOM   675 O  OP2   . C   B 2 7  ? -17.109 13.767  9.531   1.00 75.40  ? 7   C   B OP2   1 
ATOM   676 O  "O5'" . C   B 2 7  ? -19.114 12.836  8.293   1.00 77.29  ? 7   C   B "O5'" 1 
ATOM   677 C  "C5'" . C   B 2 7  ? -19.900 12.746  7.089   1.00 80.78  ? 7   C   B "C5'" 1 
ATOM   678 C  "C4'" . C   B 2 7  ? -20.659 11.460  7.043   1.00 73.37  ? 7   C   B "C4'" 1 
ATOM   679 O  "O4'" . C   B 2 7  ? -19.775 10.350  6.797   1.00 80.85  ? 7   C   B "O4'" 1 
ATOM   680 C  "C3'" . C   B 2 7  ? -21.357 11.047  8.314   1.00 76.19  ? 7   C   B "C3'" 1 
ATOM   681 O  "O3'" . C   B 2 7  ? -22.471 11.906  8.335   1.00 78.94  ? 7   C   B "O3'" 1 
ATOM   682 C  "C2'" . C   B 2 7  ? -21.656 9.593   8.000   1.00 77.10  ? 7   C   B "C2'" 1 
ATOM   683 O  "O2'" . C   B 2 7  ? -22.695 9.493   7.052   1.00 78.05  ? 7   C   B "O2'" 1 
ATOM   684 C  "C1'" . C   B 2 7  ? -20.357 9.169   7.319   1.00 76.05  ? 7   C   B "C1'" 1 
ATOM   685 N  N1    . C   B 2 7  ? -19.372 8.556   8.215   1.00 78.49  ? 7   C   B N1    1 
ATOM   686 C  C2    . C   B 2 7  ? -19.302 7.160   8.305   1.00 79.09  ? 7   C   B C2    1 
ATOM   687 O  O2    . C   B 2 7  ? -20.109 6.475   7.661   1.00 81.74  ? 7   C   B O2    1 
ATOM   688 N  N3    . C   B 2 7  ? -18.367 6.596   9.108   1.00 77.34  ? 7   C   B N3    1 
ATOM   689 C  C4    . C   B 2 7  ? -17.508 7.373   9.777   1.00 74.59  ? 7   C   B C4    1 
ATOM   690 N  N4    . C   B 2 7  ? -16.594 6.782   10.545  1.00 71.10  ? 7   C   B N4    1 
ATOM   691 C  C5    . C   B 2 7  ? -17.553 8.795   9.693   1.00 76.45  ? 7   C   B C5    1 
ATOM   692 C  C6    . C   B 2 7  ? -18.479 9.339   8.894   1.00 75.46  ? 7   C   B C6    1 
ATOM   693 P  P     . A   B 2 8  ? -23.091 12.441  9.686   1.00 87.29  ? 8   A   B P     1 
ATOM   694 O  OP1   . A   B 2 8  ? -23.164 13.910  9.624   1.00 96.49  ? 8   A   B OP1   1 
ATOM   695 O  OP2   . A   B 2 8  ? -22.386 11.831  10.844  1.00 80.26  ? 8   A   B OP2   1 
ATOM   696 O  "O5'" . A   B 2 8  ? -24.594 12.003  9.428   1.00 95.01  ? 8   A   B "O5'" 1 
ATOM   697 C  "C5'" . A   B 2 8  ? -25.361 11.375  10.436  1.00 106.97 ? 8   A   B "C5'" 1 
ATOM   698 C  "C4'" . A   B 2 8  ? -25.518 9.884   10.214  1.00 92.86  ? 8   A   B "C4'" 1 
ATOM   699 O  "O4'" . A   B 2 8  ? -24.226 9.205   10.034  1.00 79.34  ? 8   A   B "O4'" 1 
ATOM   700 C  "C3'" . A   B 2 8  ? -26.120 9.249   11.465  1.00 84.78  ? 8   A   B "C3'" 1 
ATOM   701 O  "O3'" . A   B 2 8  ? -26.964 8.165   11.119  1.00 80.23  ? 8   A   B "O3'" 1 
ATOM   702 C  "C2'" . A   B 2 8  ? -24.858 8.869   12.209  1.00 79.14  ? 8   A   B "C2'" 1 
ATOM   703 O  "O2'" . A   B 2 8  ? -25.040 8.225   13.453  1.00 87.20  ? 8   A   B "O2'" 1 
ATOM   704 C  "C1'" . A   B 2 8  ? -24.085 8.228   11.054  1.00 75.49  ? 8   A   B "C1'" 1 
ATOM   705 N  N9    . A   B 2 8  ? -22.677 8.003   11.390  1.00 77.04  ? 8   A   B N9    1 
ATOM   706 C  C8    . A   B 2 8  ? -21.781 8.894   11.932  1.00 79.49  ? 8   A   B C8    1 
ATOM   707 N  N7    . A   B 2 8  ? -20.619 8.360   12.229  1.00 69.25  ? 8   A   B N7    1 
ATOM   708 C  C5    . A   B 2 8  ? -20.783 7.016   11.925  1.00 71.61  ? 8   A   B C5    1 
ATOM   709 C  C6    . A   B 2 8  ? -19.923 5.908   12.039  1.00 73.83  ? 8   A   B C6    1 
ATOM   710 N  N6    . A   B 2 8  ? -18.679 5.985   12.504  1.00 87.05  ? 8   A   B N6    1 
ATOM   711 N  N1    . A   B 2 8  ? -20.386 4.706   11.633  1.00 75.84  ? 8   A   B N1    1 
ATOM   712 C  C2    . A   B 2 8  ? -21.633 4.631   11.147  1.00 76.30  ? 8   A   B C2    1 
ATOM   713 N  N3    . A   B 2 8  ? -22.545 5.598   11.009  1.00 80.81  ? 8   A   B N3    1 
ATOM   714 C  C4    . A   B 2 8  ? -22.050 6.780   11.418  1.00 78.11  ? 8   A   B C4    1 
HETATM 715 O  O1    . 8OS C 3 .  ? 1.237   -4.449  3.854   1.00 79.09  ? 101 8OS B O1    1 
HETATM 716 C  C1    . 8OS C 3 .  ? 1.786   -4.974  4.805   1.00 78.93  ? 101 8OS B C1    1 
HETATM 717 N  N1    . 8OS C 3 .  ? 2.772   -4.252  5.447   1.00 77.35  ? 101 8OS B N1    1 
HETATM 718 C  C2    . 8OS C 3 .  ? 3.412   -4.813  6.523   1.00 78.52  ? 101 8OS B C2    1 
HETATM 719 N  N2    . 8OS C 3 .  ? 4.365   -4.155  7.176   1.00 76.12  ? 101 8OS B N2    1 
HETATM 720 N  N3    . 8OS C 3 .  ? 3.037   -6.035  6.892   1.00 86.83  ? 101 8OS B N3    1 
HETATM 721 C  C3    . 8OS C 3 .  ? 2.060   -6.707  6.261   1.00 82.63  ? 101 8OS B C3    1 
HETATM 722 C  C4    . 8OS C 3 .  ? 1.427   -6.182  5.228   1.00 83.51  ? 101 8OS B C4    1 
HETATM 723 N  N4    . 8OS C 3 .  ? 0.518   -7.057  4.801   1.00 85.94  ? 101 8OS B N4    1 
HETATM 724 C  C5    . 8OS C 3 .  ? 0.593   -8.108  5.602   1.00 87.07  ? 101 8OS B C5    1 
HETATM 725 N  N5    . 8OS C 3 .  ? 1.542   -7.899  6.504   1.00 84.12  ? 101 8OS B N5    1 
HETATM 726 C  C6    . 8OS C 3 .  ? 1.997   -8.737  7.682   1.00 75.15  ? 101 8OS B C6    1 
HETATM 727 O  O2    . 8OS C 3 .  ? 1.572   -10.106 7.621   1.00 73.98  ? 101 8OS B O2    1 
HETATM 728 C  C7    . 8OS C 3 .  ? 1.280   -8.142  8.965   1.00 72.26  ? 101 8OS B C7    1 
HETATM 729 O  O3    . 8OS C 3 .  ? 1.993   -8.369  10.189  1.00 74.27  ? 101 8OS B O3    1 
HETATM 730 C  C8    . 8OS C 3 .  ? -0.004  -8.903  8.940   1.00 71.26  ? 101 8OS B C8    1 
HETATM 731 O  O4    . 8OS C 3 .  ? -0.684  -8.910  10.202  1.00 71.67  ? 101 8OS B O4    1 
HETATM 732 C  C9    . 8OS C 3 .  ? 0.533   -10.265 8.653   1.00 71.35  ? 101 8OS B C9    1 
HETATM 733 C  C10   . 8OS C 3 .  ? -0.652  -11.203 8.330   1.00 79.82  ? 101 8OS B C10   1 
HETATM 734 O  O5    . 8OS C 3 .  ? -0.964  -11.466 6.955   1.00 78.95  ? 101 8OS B O5    1 
HETATM 735 P  P1    . 8OS C 3 .  ? -2.213  -10.718 6.331   1.00 93.74  ? 101 8OS B P1    1 
HETATM 736 O  O6    . 8OS C 3 .  ? -2.190  -10.847 4.954   1.00 94.74  ? 101 8OS B O6    1 
HETATM 737 O  O7    . 8OS C 3 .  ? -2.580  -9.388  7.111   1.00 95.95  ? 101 8OS B O7    1 
HETATM 738 C  C11   . 8OS C 3 .  ? -3.510  -11.786 7.218   1.00 108.41 ? 101 8OS B C11   1 
HETATM 739 N  N6    . 8OS C 3 .  ? -4.473  -11.360 8.081   1.00 94.68  ? 101 8OS B N6    1 
HETATM 740 C  C12   . 8OS C 3 .  ? -5.180  -12.433 8.406   1.00 97.31  ? 101 8OS B C12   1 
HETATM 741 N  N7    . 8OS C 3 .  ? -4.670  -13.502 7.745   1.00 106.24 ? 101 8OS B N7    1 
HETATM 742 C  C13   . 8OS C 3 .  ? -3.643  -13.107 6.999   1.00 102.94 ? 101 8OS B C13   1 
HETATM 743 C  C14   . 8OS C 3 .  ? -2.776  -14.034 6.088   1.00 94.61  ? 101 8OS B C14   1 
HETATM 744 O  O     . HOH D 4 .  ? 11.666  -0.474  -5.008  1.00 54.01  ? 101 HOH A O     1 
# 
loop_
_pdbx_poly_seq_scheme.asym_id 
_pdbx_poly_seq_scheme.entity_id 
_pdbx_poly_seq_scheme.seq_id 
_pdbx_poly_seq_scheme.mon_id 
_pdbx_poly_seq_scheme.ndb_seq_num 
_pdbx_poly_seq_scheme.pdb_seq_num 
_pdbx_poly_seq_scheme.auth_seq_num 
_pdbx_poly_seq_scheme.pdb_mon_id 
_pdbx_poly_seq_scheme.auth_mon_id 
_pdbx_poly_seq_scheme.pdb_strand_id 
_pdbx_poly_seq_scheme.pdb_ins_code 
_pdbx_poly_seq_scheme.hetero 
A 1 1  U   1  1  1  U   U   A . n 
A 1 2  G   2  2  2  G   G   A . n 
A 1 3  A   3  3  3  A   A   A . n 
A 1 4  G   4  4  4  G   G   A . n 
A 1 5  G   5  5  5  G   G   A . n 
A 1 6  5BU 6  6  6  5BU 5BU A . n 
A 1 7  G   7  7  7  G   G   A . n 
A 1 8  LCC 8  8  8  LCC LCC A . n 
A 1 9  LCC 9  9  9  LCC LCC A . n 
A 1 10 G   10 10 10 G   G   A . n 
A 1 11 A   11 11 11 A   A   A . n 
A 1 12 G   12 12 12 G   G   A . n 
A 1 13 C   13 13 13 C   C   A . n 
A 1 14 G   14 14 14 G   G   A . n 
A 1 15 C   15 15 15 C   C   A . n 
A 1 16 G   16 16 16 G   G   A . n 
A 1 17 A   17 17 17 A   A   A . n 
A 1 18 A   18 18 18 A   A   A . n 
A 1 19 A   19 19 19 A   A   A . n 
A 1 20 G   20 20 20 G   G   A . n 
A 1 21 C   21 21 21 C   C   A . n 
A 1 22 G   22 22 22 G   G   A . n 
A 1 23 C   23 23 23 C   C   A . n 
A 1 24 U   24 24 24 U   U   A . n 
A 1 25 C   25 25 25 C   C   A . n 
B 2 1  8OS 1  1  1  8OS rG  B . n 
B 2 2  C   2  2  2  C   C   B . n 
B 2 3  A   3  3  3  A   A   B . n 
B 2 4  C   4  4  4  C   C   B . n 
B 2 5  C   5  5  5  C   C   B . n 
B 2 6  U   6  6  6  U   U   B . n 
B 2 7  C   7  7  7  C   C   B . n 
B 2 8  A   8  8  8  A   A   B . n 
# 
loop_
_pdbx_nonpoly_scheme.asym_id 
_pdbx_nonpoly_scheme.entity_id 
_pdbx_nonpoly_scheme.mon_id 
_pdbx_nonpoly_scheme.ndb_seq_num 
_pdbx_nonpoly_scheme.pdb_seq_num 
_pdbx_nonpoly_scheme.auth_seq_num 
_pdbx_nonpoly_scheme.pdb_mon_id 
_pdbx_nonpoly_scheme.auth_mon_id 
_pdbx_nonpoly_scheme.pdb_strand_id 
_pdbx_nonpoly_scheme.pdb_ins_code 
C 3 8OS 1 101 1 8OS rG  B . 
D 4 HOH 1 101 1 HOH HOH A . 
# 
_pdbx_struct_assembly.id                   1 
_pdbx_struct_assembly.details              author_and_software_defined_assembly 
_pdbx_struct_assembly.method_details       PISA 
_pdbx_struct_assembly.oligomeric_details   dimeric 
_pdbx_struct_assembly.oligomeric_count     2 
# 
_pdbx_struct_assembly_gen.assembly_id       1 
_pdbx_struct_assembly_gen.oper_expression   1 
_pdbx_struct_assembly_gen.asym_id_list      A,B,C,D 
# 
loop_
_pdbx_struct_assembly_prop.biol_id 
_pdbx_struct_assembly_prop.type 
_pdbx_struct_assembly_prop.value 
_pdbx_struct_assembly_prop.details 
1 'ABSA (A^2)' 1600 ? 
1 MORE         5    ? 
1 'SSA (A^2)'  6290 ? 
# 
_pdbx_struct_oper_list.id                   1 
_pdbx_struct_oper_list.type                 'identity operation' 
_pdbx_struct_oper_list.name                 1_555 
_pdbx_struct_oper_list.symmetry_operation   x,y,z 
_pdbx_struct_oper_list.matrix[1][1]         1.0000000000 
_pdbx_struct_oper_list.matrix[1][2]         0.0000000000 
_pdbx_struct_oper_list.matrix[1][3]         0.0000000000 
_pdbx_struct_oper_list.vector[1]            0.0000000000 
_pdbx_struct_oper_list.matrix[2][1]         0.0000000000 
_pdbx_struct_oper_list.matrix[2][2]         1.0000000000 
_pdbx_struct_oper_list.matrix[2][3]         0.0000000000 
_pdbx_struct_oper_list.vector[2]            0.0000000000 
_pdbx_struct_oper_list.matrix[3][1]         0.0000000000 
_pdbx_struct_oper_list.matrix[3][2]         0.0000000000 
_pdbx_struct_oper_list.matrix[3][3]         1.0000000000 
_pdbx_struct_oper_list.vector[3]            0.0000000000 
# 
loop_
_pdbx_audit_revision_history.ordinal 
_pdbx_audit_revision_history.data_content_type 
_pdbx_audit_revision_history.major_revision 
_pdbx_audit_revision_history.minor_revision 
_pdbx_audit_revision_history.revision_date 
1 'Structure model' 1 0 2018-02-21 
2 'Structure model' 1 1 2018-03-14 
3 'Structure model' 1 2 2020-01-01 
4 'Structure model' 1 3 2023-10-04 
# 
_pdbx_audit_revision_details.ordinal             1 
_pdbx_audit_revision_details.revision_ordinal    1 
_pdbx_audit_revision_details.data_content_type   'Structure model' 
_pdbx_audit_revision_details.provider            repository 
_pdbx_audit_revision_details.type                'Initial release' 
_pdbx_audit_revision_details.description         ? 
_pdbx_audit_revision_details.details             ? 
# 
loop_
_pdbx_audit_revision_group.ordinal 
_pdbx_audit_revision_group.revision_ordinal 
_pdbx_audit_revision_group.data_content_type 
_pdbx_audit_revision_group.group 
1 2 'Structure model' 'Database references'        
2 3 'Structure model' 'Author supporting evidence' 
3 4 'Structure model' 'Data collection'            
4 4 'Structure model' 'Database references'        
5 4 'Structure model' 'Refinement description'     
# 
loop_
_pdbx_audit_revision_category.ordinal 
_pdbx_audit_revision_category.revision_ordinal 
_pdbx_audit_revision_category.data_content_type 
_pdbx_audit_revision_category.category 
1 2 'Structure model' citation                      
2 3 'Structure model' pdbx_audit_support            
3 4 'Structure model' chem_comp_atom                
4 4 'Structure model' chem_comp_bond                
5 4 'Structure model' database_2                    
6 4 'Structure model' pdbx_initial_refinement_model 
# 
loop_
_pdbx_audit_revision_item.ordinal 
_pdbx_audit_revision_item.revision_ordinal 
_pdbx_audit_revision_item.data_content_type 
_pdbx_audit_revision_item.item 
1 2 'Structure model' '_citation.journal_volume'                 
2 2 'Structure model' '_citation.page_first'                     
3 2 'Structure model' '_citation.page_last'                      
4 2 'Structure model' '_citation.title'                          
5 3 'Structure model' '_pdbx_audit_support.funding_organization' 
6 4 'Structure model' '_database_2.pdbx_DOI'                     
7 4 'Structure model' '_database_2.pdbx_database_accession'      
# 
loop_
_software.citation_id 
_software.classification 
_software.compiler_name 
_software.compiler_version 
_software.contact_author 
_software.contact_author_email 
_software.date 
_software.description 
_software.dependencies 
_software.hardware 
_software.language 
_software.location 
_software.mods 
_software.name 
_software.os 
_software.os_version 
_software.type 
_software.version 
_software.pdbx_ordinal 
? refinement       ? ? ? ? ? ? ? ? ? ? ? REFMAC   ? ? ? 5.8.0135 1 
? 'data reduction' ? ? ? ? ? ? ? ? ? ? ? HKL-2000 ? ? ? .        2 
? 'data scaling'   ? ? ? ? ? ? ? ? ? ? ? HKL-2000 ? ? ? .        3 
? phasing          ? ? ? ? ? ? ? ? ? ? ? PHASER   ? ? ? v3.0     4 
# 
_pdbx_validate_symm_contact.id                1 
_pdbx_validate_symm_contact.PDB_model_num     1 
_pdbx_validate_symm_contact.auth_atom_id_1    O2 
_pdbx_validate_symm_contact.auth_asym_id_1    A 
_pdbx_validate_symm_contact.auth_comp_id_1    C 
_pdbx_validate_symm_contact.auth_seq_id_1     25 
_pdbx_validate_symm_contact.PDB_ins_code_1    ? 
_pdbx_validate_symm_contact.label_alt_id_1    ? 
_pdbx_validate_symm_contact.site_symmetry_1   1_555 
_pdbx_validate_symm_contact.auth_atom_id_2    "O3'" 
_pdbx_validate_symm_contact.auth_asym_id_2    B 
_pdbx_validate_symm_contact.auth_comp_id_2    A 
_pdbx_validate_symm_contact.auth_seq_id_2     8 
_pdbx_validate_symm_contact.PDB_ins_code_2    ? 
_pdbx_validate_symm_contact.label_alt_id_2    ? 
_pdbx_validate_symm_contact.site_symmetry_2   6_567 
_pdbx_validate_symm_contact.dist              2.11 
# 
loop_
_pdbx_validate_rmsd_bond.id 
_pdbx_validate_rmsd_bond.PDB_model_num 
_pdbx_validate_rmsd_bond.auth_atom_id_1 
_pdbx_validate_rmsd_bond.auth_asym_id_1 
_pdbx_validate_rmsd_bond.auth_comp_id_1 
_pdbx_validate_rmsd_bond.auth_seq_id_1 
_pdbx_validate_rmsd_bond.PDB_ins_code_1 
_pdbx_validate_rmsd_bond.label_alt_id_1 
_pdbx_validate_rmsd_bond.auth_atom_id_2 
_pdbx_validate_rmsd_bond.auth_asym_id_2 
_pdbx_validate_rmsd_bond.auth_comp_id_2 
_pdbx_validate_rmsd_bond.auth_seq_id_2 
_pdbx_validate_rmsd_bond.PDB_ins_code_2 
_pdbx_validate_rmsd_bond.label_alt_id_2 
_pdbx_validate_rmsd_bond.bond_value 
_pdbx_validate_rmsd_bond.bond_target_value 
_pdbx_validate_rmsd_bond.bond_deviation 
_pdbx_validate_rmsd_bond.bond_standard_deviation 
_pdbx_validate_rmsd_bond.linker_flag 
1 1 "O3'" A 5BU 6 ? ? P     A G 7  ? ? 1.705 1.607 0.098 0.012 Y 
2 1 P     A G   7 ? ? OP2   A G 7  ? ? 1.657 1.485 0.172 0.017 N 
3 1 P     A G   7 ? ? "O5'" A G 7  ? ? 1.715 1.593 0.122 0.010 N 
4 1 "O3'" A LCC 9 ? ? P     A G 10 ? ? 1.704 1.607 0.097 0.012 Y 
# 
loop_
_pdbx_validate_rmsd_angle.id 
_pdbx_validate_rmsd_angle.PDB_model_num 
_pdbx_validate_rmsd_angle.auth_atom_id_1 
_pdbx_validate_rmsd_angle.auth_asym_id_1 
_pdbx_validate_rmsd_angle.auth_comp_id_1 
_pdbx_validate_rmsd_angle.auth_seq_id_1 
_pdbx_validate_rmsd_angle.PDB_ins_code_1 
_pdbx_validate_rmsd_angle.label_alt_id_1 
_pdbx_validate_rmsd_angle.auth_atom_id_2 
_pdbx_validate_rmsd_angle.auth_asym_id_2 
_pdbx_validate_rmsd_angle.auth_comp_id_2 
_pdbx_validate_rmsd_angle.auth_seq_id_2 
_pdbx_validate_rmsd_angle.PDB_ins_code_2 
_pdbx_validate_rmsd_angle.label_alt_id_2 
_pdbx_validate_rmsd_angle.auth_atom_id_3 
_pdbx_validate_rmsd_angle.auth_asym_id_3 
_pdbx_validate_rmsd_angle.auth_comp_id_3 
_pdbx_validate_rmsd_angle.auth_seq_id_3 
_pdbx_validate_rmsd_angle.PDB_ins_code_3 
_pdbx_validate_rmsd_angle.label_alt_id_3 
_pdbx_validate_rmsd_angle.angle_value 
_pdbx_validate_rmsd_angle.angle_target_value 
_pdbx_validate_rmsd_angle.angle_deviation 
_pdbx_validate_rmsd_angle.angle_standard_deviation 
_pdbx_validate_rmsd_angle.linker_flag 
1  1 "O3'" A G   5 ? ? P     A 5BU 6  ? ? "O5'" A 5BU 6  ? ? 77.41  104.00 -26.59 1.90 Y 
2  1 "O3'" A G   5 ? ? P     A 5BU 6  ? ? OP2   A 5BU 6  ? ? 121.47 110.50 10.97  1.10 Y 
3  1 "O3'" A 5BU 6 ? ? P     A G   7  ? ? OP2   A G   7  ? ? 121.55 110.50 11.05  1.10 Y 
4  1 "O5'" A G   7 ? ? P     A G   7  ? ? OP1   A G   7  ? ? 119.52 110.70 8.82   1.20 N 
5  1 "O5'" A G   7 ? ? P     A G   7  ? ? OP2   A G   7  ? ? 87.13  105.70 -18.57 0.90 N 
6  1 P     A G   7 ? ? "O5'" A G   7  ? ? "C5'" A G   7  ? ? 103.49 120.90 -17.41 1.60 N 
7  1 "C3'" A LCC 8 ? ? "O3'" A LCC 8  ? ? P     A LCC 9  ? ? 128.10 119.70 8.40   1.20 Y 
8  1 "O3'" A LCC 8 ? ? P     A LCC 9  ? ? "O5'" A LCC 9  ? ? 90.85  104.00 -13.15 1.90 Y 
9  1 "C3'" A LCC 9 ? ? "O3'" A LCC 9  ? ? P     A G   10 ? ? 138.35 119.70 18.65  1.20 Y 
10 1 "O3'" A LCC 9 ? ? P     A G   10 ? ? OP1   A G   10 ? ? 138.45 110.50 27.95  1.10 Y 
# 
_pdbx_unobs_or_zero_occ_atoms.id               1 
_pdbx_unobs_or_zero_occ_atoms.PDB_model_num    1 
_pdbx_unobs_or_zero_occ_atoms.polymer_flag     Y 
_pdbx_unobs_or_zero_occ_atoms.occupancy_flag   1 
_pdbx_unobs_or_zero_occ_atoms.auth_asym_id     A 
_pdbx_unobs_or_zero_occ_atoms.auth_comp_id     5BU 
_pdbx_unobs_or_zero_occ_atoms.auth_seq_id      6 
_pdbx_unobs_or_zero_occ_atoms.PDB_ins_code     ? 
_pdbx_unobs_or_zero_occ_atoms.auth_atom_id     O2 
_pdbx_unobs_or_zero_occ_atoms.label_alt_id     ? 
_pdbx_unobs_or_zero_occ_atoms.label_asym_id    A 
_pdbx_unobs_or_zero_occ_atoms.label_comp_id    5BU 
_pdbx_unobs_or_zero_occ_atoms.label_seq_id     6 
_pdbx_unobs_or_zero_occ_atoms.label_atom_id    O2 
# 
loop_
_chem_comp_atom.comp_id 
_chem_comp_atom.atom_id 
_chem_comp_atom.type_symbol 
_chem_comp_atom.pdbx_aromatic_flag 
_chem_comp_atom.pdbx_stereo_config 
_chem_comp_atom.pdbx_ordinal 
5BU P      P  N N 1   
5BU OP1    O  N N 2   
5BU OP2    O  N N 3   
5BU OP3    O  N N 4   
5BU "O5'"  O  N N 5   
5BU "C5'"  C  N N 6   
5BU "C4'"  C  N R 7   
5BU "O4'"  O  N N 8   
5BU "C3'"  C  N S 9   
5BU "O3'"  O  N N 10  
5BU "C2'"  C  N R 11  
5BU "O2'"  O  N N 12  
5BU "C1'"  C  N R 13  
5BU N1     N  N N 14  
5BU C2     C  N N 15  
5BU O2     O  N N 16  
5BU N3     N  N N 17  
5BU C4     C  N N 18  
5BU O4     O  N N 19  
5BU C5     C  N N 20  
5BU C6     C  N N 21  
5BU BR     BR N N 22  
5BU HOP2   H  N N 23  
5BU HOP3   H  N N 24  
5BU "H5'"  H  N N 25  
5BU "H5''" H  N N 26  
5BU "H4'"  H  N N 27  
5BU "H3'"  H  N N 28  
5BU "HO3'" H  N N 29  
5BU "H2'"  H  N N 30  
5BU "HO2'" H  N N 31  
5BU "H1'"  H  N N 32  
5BU H3     H  N N 33  
5BU H6     H  N N 34  
8OS O1     O  N N 35  
8OS C1     C  N N 36  
8OS N1     N  N N 37  
8OS C2     C  N N 38  
8OS N2     N  N N 39  
8OS N3     N  N N 40  
8OS C3     C  Y N 41  
8OS C4     C  Y N 42  
8OS N4     N  Y N 43  
8OS C5     C  Y N 44  
8OS N5     N  Y N 45  
8OS C6     C  N R 46  
8OS O2     O  N N 47  
8OS C7     C  N R 48  
8OS O3     O  N N 49  
8OS C8     C  N S 50  
8OS O4     O  N N 51  
8OS C9     C  N R 52  
8OS C10    C  N N 53  
8OS O5     O  N N 54  
8OS P1     P  N N 55  
8OS O6     O  N N 56  
8OS O7     O  N N 57  
8OS C11    C  Y N 58  
8OS N6     N  Y N 59  
8OS C12    C  Y N 60  
8OS N7     N  Y N 61  
8OS C13    C  Y N 62  
8OS C14    C  N N 63  
8OS H1     H  N N 64  
8OS H2     H  N N 65  
8OS H3     H  N N 66  
8OS H4     H  N N 67  
8OS H5     H  N N 68  
8OS H6     H  N N 69  
8OS H7     H  N N 70  
8OS H8     H  N N 71  
8OS H9     H  N N 72  
8OS H10    H  N N 73  
8OS H11    H  N N 74  
8OS H12    H  N N 75  
8OS H13    H  N N 76  
8OS H14    H  N N 77  
8OS H15    H  N N 78  
8OS H17    H  N N 79  
8OS H18    H  N N 80  
8OS H19    H  N N 81  
A   OP3    O  N N 82  
A   P      P  N N 83  
A   OP1    O  N N 84  
A   OP2    O  N N 85  
A   "O5'"  O  N N 86  
A   "C5'"  C  N N 87  
A   "C4'"  C  N R 88  
A   "O4'"  O  N N 89  
A   "C3'"  C  N S 90  
A   "O3'"  O  N N 91  
A   "C2'"  C  N R 92  
A   "O2'"  O  N N 93  
A   "C1'"  C  N R 94  
A   N9     N  Y N 95  
A   C8     C  Y N 96  
A   N7     N  Y N 97  
A   C5     C  Y N 98  
A   C6     C  Y N 99  
A   N6     N  N N 100 
A   N1     N  Y N 101 
A   C2     C  Y N 102 
A   N3     N  Y N 103 
A   C4     C  Y N 104 
A   HOP3   H  N N 105 
A   HOP2   H  N N 106 
A   "H5'"  H  N N 107 
A   "H5''" H  N N 108 
A   "H4'"  H  N N 109 
A   "H3'"  H  N N 110 
A   "HO3'" H  N N 111 
A   "H2'"  H  N N 112 
A   "HO2'" H  N N 113 
A   "H1'"  H  N N 114 
A   H8     H  N N 115 
A   H61    H  N N 116 
A   H62    H  N N 117 
A   H2     H  N N 118 
C   OP3    O  N N 119 
C   P      P  N N 120 
C   OP1    O  N N 121 
C   OP2    O  N N 122 
C   "O5'"  O  N N 123 
C   "C5'"  C  N N 124 
C   "C4'"  C  N R 125 
C   "O4'"  O  N N 126 
C   "C3'"  C  N S 127 
C   "O3'"  O  N N 128 
C   "C2'"  C  N R 129 
C   "O2'"  O  N N 130 
C   "C1'"  C  N R 131 
C   N1     N  N N 132 
C   C2     C  N N 133 
C   O2     O  N N 134 
C   N3     N  N N 135 
C   C4     C  N N 136 
C   N4     N  N N 137 
C   C5     C  N N 138 
C   C6     C  N N 139 
C   HOP3   H  N N 140 
C   HOP2   H  N N 141 
C   "H5'"  H  N N 142 
C   "H5''" H  N N 143 
C   "H4'"  H  N N 144 
C   "H3'"  H  N N 145 
C   "HO3'" H  N N 146 
C   "H2'"  H  N N 147 
C   "HO2'" H  N N 148 
C   "H1'"  H  N N 149 
C   H41    H  N N 150 
C   H42    H  N N 151 
C   H5     H  N N 152 
C   H6     H  N N 153 
G   OP3    O  N N 154 
G   P      P  N N 155 
G   OP1    O  N N 156 
G   OP2    O  N N 157 
G   "O5'"  O  N N 158 
G   "C5'"  C  N N 159 
G   "C4'"  C  N R 160 
G   "O4'"  O  N N 161 
G   "C3'"  C  N S 162 
G   "O3'"  O  N N 163 
G   "C2'"  C  N R 164 
G   "O2'"  O  N N 165 
G   "C1'"  C  N R 166 
G   N9     N  Y N 167 
G   C8     C  Y N 168 
G   N7     N  Y N 169 
G   C5     C  Y N 170 
G   C6     C  N N 171 
G   O6     O  N N 172 
G   N1     N  N N 173 
G   C2     C  N N 174 
G   N2     N  N N 175 
G   N3     N  N N 176 
G   C4     C  Y N 177 
G   HOP3   H  N N 178 
G   HOP2   H  N N 179 
G   "H5'"  H  N N 180 
G   "H5''" H  N N 181 
G   "H4'"  H  N N 182 
G   "H3'"  H  N N 183 
G   "HO3'" H  N N 184 
G   "H2'"  H  N N 185 
G   "HO2'" H  N N 186 
G   "H1'"  H  N N 187 
G   H8     H  N N 188 
G   H1     H  N N 189 
G   H21    H  N N 190 
G   H22    H  N N 191 
HOH O      O  N N 192 
HOH H1     H  N N 193 
HOH H2     H  N N 194 
LCC "O5'"  O  N N 195 
LCC "C5'"  C  N N 196 
LCC "C4'"  C  N R 197 
LCC "O4'"  O  N N 198 
LCC "C1'"  C  N R 199 
LCC N1     N  N N 200 
LCC C6     C  N N 201 
LCC C5     C  N N 202 
LCC C5M    C  N N 203 
LCC C4     C  N N 204 
LCC N4     N  N N 205 
LCC N3     N  N N 206 
LCC C2     C  N N 207 
LCC O2     O  N N 208 
LCC "C3'"  C  N S 209 
LCC "C2'"  C  N R 210 
LCC "O2'"  O  N N 211 
LCC "O3'"  O  N N 212 
LCC "C6'"  C  N N 213 
LCC P      P  N N 214 
LCC O1P    O  N N 215 
LCC O2P    O  N N 216 
LCC OXT    O  N N 217 
LCC "H5'1" H  N N 218 
LCC "H5'2" H  N N 219 
LCC "H1'"  H  N N 220 
LCC H6     H  N N 221 
LCC H5M1   H  N N 222 
LCC H5M2   H  N N 223 
LCC H5M3   H  N N 224 
LCC H41    H  N N 225 
LCC H42    H  N N 226 
LCC "H3'"  H  N N 227 
LCC "H2'1" H  N N 228 
LCC H3T    H  N N 229 
LCC "H6'1" H  N N 230 
LCC "H6'2" H  N N 231 
LCC H1P    H  N N 232 
LCC HXT    H  N N 233 
U   OP3    O  N N 234 
U   P      P  N N 235 
U   OP1    O  N N 236 
U   OP2    O  N N 237 
U   "O5'"  O  N N 238 
U   "C5'"  C  N N 239 
U   "C4'"  C  N R 240 
U   "O4'"  O  N N 241 
U   "C3'"  C  N S 242 
U   "O3'"  O  N N 243 
U   "C2'"  C  N R 244 
U   "O2'"  O  N N 245 
U   "C1'"  C  N R 246 
U   N1     N  N N 247 
U   C2     C  N N 248 
U   O2     O  N N 249 
U   N3     N  N N 250 
U   C4     C  N N 251 
U   O4     O  N N 252 
U   C5     C  N N 253 
U   C6     C  N N 254 
U   HOP3   H  N N 255 
U   HOP2   H  N N 256 
U   "H5'"  H  N N 257 
U   "H5''" H  N N 258 
U   "H4'"  H  N N 259 
U   "H3'"  H  N N 260 
U   "HO3'" H  N N 261 
U   "H2'"  H  N N 262 
U   "HO2'" H  N N 263 
U   "H1'"  H  N N 264 
U   H3     H  N N 265 
U   H5     H  N N 266 
U   H6     H  N N 267 
# 
loop_
_chem_comp_bond.comp_id 
_chem_comp_bond.atom_id_1 
_chem_comp_bond.atom_id_2 
_chem_comp_bond.value_order 
_chem_comp_bond.pdbx_aromatic_flag 
_chem_comp_bond.pdbx_stereo_config 
_chem_comp_bond.pdbx_ordinal 
5BU P     OP1    doub N N 1   
5BU P     OP2    sing N N 2   
5BU P     OP3    sing N N 3   
5BU P     "O5'"  sing N N 4   
5BU OP2   HOP2   sing N N 5   
5BU OP3   HOP3   sing N N 6   
5BU "O5'" "C5'"  sing N N 7   
5BU "C5'" "C4'"  sing N N 8   
5BU "C5'" "H5'"  sing N N 9   
5BU "C5'" "H5''" sing N N 10  
5BU "C4'" "O4'"  sing N N 11  
5BU "C4'" "C3'"  sing N N 12  
5BU "C4'" "H4'"  sing N N 13  
5BU "O4'" "C1'"  sing N N 14  
5BU "C3'" "O3'"  sing N N 15  
5BU "C3'" "C2'"  sing N N 16  
5BU "C3'" "H3'"  sing N N 17  
5BU "O3'" "HO3'" sing N N 18  
5BU "C2'" "O2'"  sing N N 19  
5BU "C2'" "C1'"  sing N N 20  
5BU "C2'" "H2'"  sing N N 21  
5BU "O2'" "HO2'" sing N N 22  
5BU "C1'" N1     sing N N 23  
5BU "C1'" "H1'"  sing N N 24  
5BU N1    C2     sing N N 25  
5BU N1    C6     sing N N 26  
5BU C2    O2     doub N N 27  
5BU C2    N3     sing N N 28  
5BU N3    C4     sing N N 29  
5BU N3    H3     sing N N 30  
5BU C4    O4     doub N N 31  
5BU C4    C5     sing N N 32  
5BU C5    C6     doub N N 33  
5BU C5    BR     sing N N 34  
5BU C6    H6     sing N N 35  
8OS C14   C13    sing N N 36  
8OS O7    P1     doub N N 37  
8OS C13   N7     sing Y N 38  
8OS C13   C11    doub Y N 39  
8OS C10   C9     sing N N 40  
8OS C10   O5     sing N N 41  
8OS N7    C12    doub Y N 42  
8OS O4    C8     sing N N 43  
8OS P1    C11    sing N N 44  
8OS P1    O5     sing N N 45  
8OS P1    O6     sing N N 46  
8OS C11   N6     sing Y N 47  
8OS C9    C8     sing N N 48  
8OS C9    O2     sing N N 49  
8OS C8    C7     sing N N 50  
8OS C12   N6     sing Y N 51  
8OS O2    C6     sing N N 52  
8OS O3    C7     sing N N 53  
8OS C7    C6     sing N N 54  
8OS C6    N5     sing N N 55  
8OS C5    N5     sing Y N 56  
8OS C5    N4     doub Y N 57  
8OS N5    C3     sing Y N 58  
8OS N4    C4     sing Y N 59  
8OS C3    N3     sing N N 60  
8OS C3    C4     doub Y N 61  
8OS N3    C2     doub N N 62  
8OS C4    C1     sing N N 63  
8OS C2    N2     sing N N 64  
8OS C2    N1     sing N N 65  
8OS C1    N1     sing N N 66  
8OS C1    O1     doub N N 67  
8OS N1    H1     sing N N 68  
8OS N2    H2     sing N N 69  
8OS N2    H3     sing N N 70  
8OS C5    H4     sing N N 71  
8OS C6    H5     sing N N 72  
8OS C7    H6     sing N N 73  
8OS O3    H7     sing N N 74  
8OS C8    H8     sing N N 75  
8OS O4    H9     sing N N 76  
8OS C9    H10    sing N N 77  
8OS C10   H11    sing N N 78  
8OS C10   H12    sing N N 79  
8OS O6    H13    sing N N 80  
8OS N6    H14    sing N N 81  
8OS C12   H15    sing N N 82  
8OS C14   H17    sing N N 83  
8OS C14   H18    sing N N 84  
8OS C14   H19    sing N N 85  
A   OP3   P      sing N N 86  
A   OP3   HOP3   sing N N 87  
A   P     OP1    doub N N 88  
A   P     OP2    sing N N 89  
A   P     "O5'"  sing N N 90  
A   OP2   HOP2   sing N N 91  
A   "O5'" "C5'"  sing N N 92  
A   "C5'" "C4'"  sing N N 93  
A   "C5'" "H5'"  sing N N 94  
A   "C5'" "H5''" sing N N 95  
A   "C4'" "O4'"  sing N N 96  
A   "C4'" "C3'"  sing N N 97  
A   "C4'" "H4'"  sing N N 98  
A   "O4'" "C1'"  sing N N 99  
A   "C3'" "O3'"  sing N N 100 
A   "C3'" "C2'"  sing N N 101 
A   "C3'" "H3'"  sing N N 102 
A   "O3'" "HO3'" sing N N 103 
A   "C2'" "O2'"  sing N N 104 
A   "C2'" "C1'"  sing N N 105 
A   "C2'" "H2'"  sing N N 106 
A   "O2'" "HO2'" sing N N 107 
A   "C1'" N9     sing N N 108 
A   "C1'" "H1'"  sing N N 109 
A   N9    C8     sing Y N 110 
A   N9    C4     sing Y N 111 
A   C8    N7     doub Y N 112 
A   C8    H8     sing N N 113 
A   N7    C5     sing Y N 114 
A   C5    C6     sing Y N 115 
A   C5    C4     doub Y N 116 
A   C6    N6     sing N N 117 
A   C6    N1     doub Y N 118 
A   N6    H61    sing N N 119 
A   N6    H62    sing N N 120 
A   N1    C2     sing Y N 121 
A   C2    N3     doub Y N 122 
A   C2    H2     sing N N 123 
A   N3    C4     sing Y N 124 
C   OP3   P      sing N N 125 
C   OP3   HOP3   sing N N 126 
C   P     OP1    doub N N 127 
C   P     OP2    sing N N 128 
C   P     "O5'"  sing N N 129 
C   OP2   HOP2   sing N N 130 
C   "O5'" "C5'"  sing N N 131 
C   "C5'" "C4'"  sing N N 132 
C   "C5'" "H5'"  sing N N 133 
C   "C5'" "H5''" sing N N 134 
C   "C4'" "O4'"  sing N N 135 
C   "C4'" "C3'"  sing N N 136 
C   "C4'" "H4'"  sing N N 137 
C   "O4'" "C1'"  sing N N 138 
C   "C3'" "O3'"  sing N N 139 
C   "C3'" "C2'"  sing N N 140 
C   "C3'" "H3'"  sing N N 141 
C   "O3'" "HO3'" sing N N 142 
C   "C2'" "O2'"  sing N N 143 
C   "C2'" "C1'"  sing N N 144 
C   "C2'" "H2'"  sing N N 145 
C   "O2'" "HO2'" sing N N 146 
C   "C1'" N1     sing N N 147 
C   "C1'" "H1'"  sing N N 148 
C   N1    C2     sing N N 149 
C   N1    C6     sing N N 150 
C   C2    O2     doub N N 151 
C   C2    N3     sing N N 152 
C   N3    C4     doub N N 153 
C   C4    N4     sing N N 154 
C   C4    C5     sing N N 155 
C   N4    H41    sing N N 156 
C   N4    H42    sing N N 157 
C   C5    C6     doub N N 158 
C   C5    H5     sing N N 159 
C   C6    H6     sing N N 160 
G   OP3   P      sing N N 161 
G   OP3   HOP3   sing N N 162 
G   P     OP1    doub N N 163 
G   P     OP2    sing N N 164 
G   P     "O5'"  sing N N 165 
G   OP2   HOP2   sing N N 166 
G   "O5'" "C5'"  sing N N 167 
G   "C5'" "C4'"  sing N N 168 
G   "C5'" "H5'"  sing N N 169 
G   "C5'" "H5''" sing N N 170 
G   "C4'" "O4'"  sing N N 171 
G   "C4'" "C3'"  sing N N 172 
G   "C4'" "H4'"  sing N N 173 
G   "O4'" "C1'"  sing N N 174 
G   "C3'" "O3'"  sing N N 175 
G   "C3'" "C2'"  sing N N 176 
G   "C3'" "H3'"  sing N N 177 
G   "O3'" "HO3'" sing N N 178 
G   "C2'" "O2'"  sing N N 179 
G   "C2'" "C1'"  sing N N 180 
G   "C2'" "H2'"  sing N N 181 
G   "O2'" "HO2'" sing N N 182 
G   "C1'" N9     sing N N 183 
G   "C1'" "H1'"  sing N N 184 
G   N9    C8     sing Y N 185 
G   N9    C4     sing Y N 186 
G   C8    N7     doub Y N 187 
G   C8    H8     sing N N 188 
G   N7    C5     sing Y N 189 
G   C5    C6     sing N N 190 
G   C5    C4     doub Y N 191 
G   C6    O6     doub N N 192 
G   C6    N1     sing N N 193 
G   N1    C2     sing N N 194 
G   N1    H1     sing N N 195 
G   C2    N2     sing N N 196 
G   C2    N3     doub N N 197 
G   N2    H21    sing N N 198 
G   N2    H22    sing N N 199 
G   N3    C4     sing N N 200 
HOH O     H1     sing N N 201 
HOH O     H2     sing N N 202 
LCC "O5'" "C5'"  sing N N 203 
LCC "O5'" P      sing N N 204 
LCC "C5'" "C4'"  sing N N 205 
LCC "C5'" "H5'1" sing N N 206 
LCC "C5'" "H5'2" sing N N 207 
LCC "C4'" "O4'"  sing N N 208 
LCC "C4'" "C3'"  sing N N 209 
LCC "C4'" "C6'"  sing N N 210 
LCC "O4'" "C1'"  sing N N 211 
LCC "C1'" N1     sing N N 212 
LCC "C1'" "C2'"  sing N N 213 
LCC "C1'" "H1'"  sing N N 214 
LCC N1    C6     sing N N 215 
LCC N1    C2     sing N N 216 
LCC C6    C5     doub N N 217 
LCC C6    H6     sing N N 218 
LCC C5    C5M    sing N N 219 
LCC C5    C4     sing N N 220 
LCC C5M   H5M1   sing N N 221 
LCC C5M   H5M2   sing N N 222 
LCC C5M   H5M3   sing N N 223 
LCC C4    N4     sing N N 224 
LCC C4    N3     doub N N 225 
LCC N4    H41    sing N N 226 
LCC N4    H42    sing N N 227 
LCC N3    C2     sing N N 228 
LCC C2    O2     doub N N 229 
LCC "C3'" "C2'"  sing N N 230 
LCC "C3'" "O3'"  sing N N 231 
LCC "C3'" "H3'"  sing N N 232 
LCC "C2'" "O2'"  sing N N 233 
LCC "C2'" "H2'1" sing N N 234 
LCC "O2'" "C6'"  sing N N 235 
LCC "O3'" H3T    sing N N 236 
LCC "C6'" "H6'1" sing N N 237 
LCC "C6'" "H6'2" sing N N 238 
LCC P     O1P    sing N N 239 
LCC P     O2P    doub N N 240 
LCC P     OXT    sing N N 241 
LCC O1P   H1P    sing N N 242 
LCC OXT   HXT    sing N N 243 
U   OP3   P      sing N N 244 
U   OP3   HOP3   sing N N 245 
U   P     OP1    doub N N 246 
U   P     OP2    sing N N 247 
U   P     "O5'"  sing N N 248 
U   OP2   HOP2   sing N N 249 
U   "O5'" "C5'"  sing N N 250 
U   "C5'" "C4'"  sing N N 251 
U   "C5'" "H5'"  sing N N 252 
U   "C5'" "H5''" sing N N 253 
U   "C4'" "O4'"  sing N N 254 
U   "C4'" "C3'"  sing N N 255 
U   "C4'" "H4'"  sing N N 256 
U   "O4'" "C1'"  sing N N 257 
U   "C3'" "O3'"  sing N N 258 
U   "C3'" "C2'"  sing N N 259 
U   "C3'" "H3'"  sing N N 260 
U   "O3'" "HO3'" sing N N 261 
U   "C2'" "O2'"  sing N N 262 
U   "C2'" "C1'"  sing N N 263 
U   "C2'" "H2'"  sing N N 264 
U   "O2'" "HO2'" sing N N 265 
U   "C1'" N1     sing N N 266 
U   "C1'" "H1'"  sing N N 267 
U   N1    C2     sing N N 268 
U   N1    C6     sing N N 269 
U   C2    O2     doub N N 270 
U   C2    N3     sing N N 271 
U   N3    C4     sing N N 272 
U   N3    H3     sing N N 273 
U   C4    O4     doub N N 274 
U   C4    C5     sing N N 275 
U   C5    C6     doub N N 276 
U   C5    H5     sing N N 277 
U   C6    H6     sing N N 278 
# 
loop_
_ndb_struct_conf_na.entry_id 
_ndb_struct_conf_na.feature 
5UX3 'a-form double helix'  
5UX3 tetraloop              
5UX3 'mismatched base pair' 
# 
loop_
_ndb_struct_na_base_pair.model_number 
_ndb_struct_na_base_pair.i_label_asym_id 
_ndb_struct_na_base_pair.i_label_comp_id 
_ndb_struct_na_base_pair.i_label_seq_id 
_ndb_struct_na_base_pair.i_symmetry 
_ndb_struct_na_base_pair.j_label_asym_id 
_ndb_struct_na_base_pair.j_label_comp_id 
_ndb_struct_na_base_pair.j_label_seq_id 
_ndb_struct_na_base_pair.j_symmetry 
_ndb_struct_na_base_pair.shear 
_ndb_struct_na_base_pair.stretch 
_ndb_struct_na_base_pair.stagger 
_ndb_struct_na_base_pair.buckle 
_ndb_struct_na_base_pair.propeller 
_ndb_struct_na_base_pair.opening 
_ndb_struct_na_base_pair.pair_number 
_ndb_struct_na_base_pair.pair_name 
_ndb_struct_na_base_pair.i_auth_asym_id 
_ndb_struct_na_base_pair.i_auth_seq_id 
_ndb_struct_na_base_pair.i_PDB_ins_code 
_ndb_struct_na_base_pair.j_auth_asym_id 
_ndb_struct_na_base_pair.j_auth_seq_id 
_ndb_struct_na_base_pair.j_PDB_ins_code 
_ndb_struct_na_base_pair.hbond_type_28 
_ndb_struct_na_base_pair.hbond_type_12 
1 A G   2  1_555 B C 7  1_555 -0.130 -0.085 -0.177 -8.848 -5.075  -1.248  1  A_G2:C7_B   A 2  ? B 7  ? 19 1 
1 A A   3  1_555 B U 6  1_555 0.101  -0.201 -0.262 -7.459 -15.654 3.879   2  A_A3:U6_B   A 3  ? B 6  ? 20 1 
1 A G   4  1_555 B C 5  1_555 -0.190 -0.101 0.017  -4.044 -9.573  -0.276  3  A_G4:C5_B   A 4  ? B 5  ? 19 1 
1 A G   5  1_555 B C 4  1_555 0.038  -0.118 0.144  -7.814 -13.333 0.726   4  A_G5:C4_B   A 5  ? B 4  ? 19 1 
1 A 5BU 6  1_555 B A 3  1_555 -0.061 -0.110 0.411  -5.221 -10.848 -0.710  5  A_5BU6:A3_B A 6  ? B 3  ? 20 1 
1 A G   7  1_555 B C 2  1_555 0.012  0.008  0.521  -5.948 -11.141 -2.679  6  A_G7:C2_B   A 7  ? B 2  ? 19 1 
1 A G   10 1_555 A C 25 1_555 -0.058 -0.025 -0.103 -6.066 -16.421 1.647   7  A_G10:C25_A A 10 ? A 25 ? 19 1 
1 A A   11 1_555 A U 24 1_555 -0.324 -0.153 0.092  -2.772 -10.928 2.209   8  A_A11:U24_A A 11 ? A 24 ? 20 1 
1 A G   12 1_555 A C 23 1_555 -0.177 -0.049 -0.425 -9.937 -21.303 5.544   9  A_G12:C23_A A 12 ? A 23 ? 19 1 
1 A C   13 1_555 A G 22 1_555 0.168  -0.032 -0.120 -3.428 -13.674 3.385   10 A_C13:G22_A A 13 ? A 22 ? 19 1 
1 A G   14 1_555 A C 21 1_555 0.084  0.008  -0.277 -4.915 -0.964  0.403   11 A_G14:C21_A A 14 ? A 21 ? 19 1 
1 A C   15 1_555 A G 20 1_555 0.297  0.012  -0.058 0.208  9.857   1.810   12 A_C15:G20_A A 15 ? A 20 ? 19 1 
1 A G   16 1_555 A A 19 1_555 7.020  -5.667 0.768  14.079 5.529   -15.368 13 A_G16:A19_A A 16 ? A 19 ? ?  ? 
# 
loop_
_ndb_struct_na_base_pair_step.model_number 
_ndb_struct_na_base_pair_step.i_label_asym_id_1 
_ndb_struct_na_base_pair_step.i_label_comp_id_1 
_ndb_struct_na_base_pair_step.i_label_seq_id_1 
_ndb_struct_na_base_pair_step.i_symmetry_1 
_ndb_struct_na_base_pair_step.j_label_asym_id_1 
_ndb_struct_na_base_pair_step.j_label_comp_id_1 
_ndb_struct_na_base_pair_step.j_label_seq_id_1 
_ndb_struct_na_base_pair_step.j_symmetry_1 
_ndb_struct_na_base_pair_step.i_label_asym_id_2 
_ndb_struct_na_base_pair_step.i_label_comp_id_2 
_ndb_struct_na_base_pair_step.i_label_seq_id_2 
_ndb_struct_na_base_pair_step.i_symmetry_2 
_ndb_struct_na_base_pair_step.j_label_asym_id_2 
_ndb_struct_na_base_pair_step.j_label_comp_id_2 
_ndb_struct_na_base_pair_step.j_label_seq_id_2 
_ndb_struct_na_base_pair_step.j_symmetry_2 
_ndb_struct_na_base_pair_step.shift 
_ndb_struct_na_base_pair_step.slide 
_ndb_struct_na_base_pair_step.rise 
_ndb_struct_na_base_pair_step.tilt 
_ndb_struct_na_base_pair_step.roll 
_ndb_struct_na_base_pair_step.twist 
_ndb_struct_na_base_pair_step.x_displacement 
_ndb_struct_na_base_pair_step.y_displacement 
_ndb_struct_na_base_pair_step.helical_rise 
_ndb_struct_na_base_pair_step.inclination 
_ndb_struct_na_base_pair_step.tip 
_ndb_struct_na_base_pair_step.helical_twist 
_ndb_struct_na_base_pair_step.step_number 
_ndb_struct_na_base_pair_step.step_name 
_ndb_struct_na_base_pair_step.i_auth_asym_id_1 
_ndb_struct_na_base_pair_step.i_auth_seq_id_1 
_ndb_struct_na_base_pair_step.i_PDB_ins_code_1 
_ndb_struct_na_base_pair_step.j_auth_asym_id_1 
_ndb_struct_na_base_pair_step.j_auth_seq_id_1 
_ndb_struct_na_base_pair_step.j_PDB_ins_code_1 
_ndb_struct_na_base_pair_step.i_auth_asym_id_2 
_ndb_struct_na_base_pair_step.i_auth_seq_id_2 
_ndb_struct_na_base_pair_step.i_PDB_ins_code_2 
_ndb_struct_na_base_pair_step.j_auth_asym_id_2 
_ndb_struct_na_base_pair_step.j_auth_seq_id_2 
_ndb_struct_na_base_pair_step.j_PDB_ins_code_2 
1 A G   2  1_555 B C 7  1_555 A A   3  1_555 B U 6  1_555 0.466  -1.311 3.511 -0.214 8.175  32.101 -3.714 -0.855 3.090 14.492 
0.379  33.099 1  AA_G2A3:U6C7_BB     A 2  ? B 7  ? A 3  ? B 6  ? 
1 A A   3  1_555 B U 6  1_555 A G   4  1_555 B C 5  1_555 -0.097 -1.737 3.149 -1.474 8.674  31.167 -4.486 -0.059 2.586 15.755 
2.676  32.356 2  AA_A3G4:C5U6_BB     A 3  ? B 6  ? A 4  ? B 5  ? 
1 A G   4  1_555 B C 5  1_555 A G   5  1_555 B C 4  1_555 0.969  -2.386 3.187 3.345  5.632  27.471 -6.098 -1.271 2.749 11.651 
-6.919 28.227 3  AA_G4G5:C4C5_BB     A 4  ? B 5  ? A 5  ? B 4  ? 
1 A G   5  1_555 B C 4  1_555 A 5BU 6  1_555 B A 3  1_555 -0.282 -1.680 3.160 -0.632 2.107  32.526 -3.341 0.397  3.053 3.756  
1.127  32.598 4  AA_G55BU6:A3C4_BB   A 5  ? B 4  ? A 6  ? B 3  ? 
1 A 5BU 6  1_555 B A 3  1_555 A G   7  1_555 B C 2  1_555 0.060  -1.714 3.147 0.433  2.404  33.263 -3.363 -0.036 3.020 4.192  
-0.756 33.350 5  AA_5BU6G7:C2A3_BB   A 6  ? B 3  ? A 7  ? B 2  ? 
1 A G   10 1_555 A C 25 1_555 A A   11 1_555 A U 24 1_555 -0.008 -1.118 3.076 -4.759 9.631  29.625 -3.664 -0.777 2.566 18.103 
8.945  31.472 6  AA_G10A11:U24C25_AA A 10 ? A 25 ? A 11 ? A 24 ? 
1 A A   11 1_555 A U 24 1_555 A G   12 1_555 A C 23 1_555 0.267  -1.408 3.553 3.973  10.208 32.614 -4.027 0.188  3.001 17.571 
-6.838 34.357 7  AA_A11G12:C23U24_AA A 11 ? A 24 ? A 12 ? A 23 ? 
1 A G   12 1_555 A C 23 1_555 A C   13 1_555 A G 22 1_555 0.068  -1.033 3.195 -1.390 2.703  34.009 -2.172 -0.329 3.101 4.609  
2.371  34.140 8  AA_G12C13:G22C23_AA A 12 ? A 23 ? A 13 ? A 22 ? 
1 A C   13 1_555 A G 22 1_555 A G   14 1_555 A C 21 1_555 0.635  -2.177 3.296 1.614  6.516  28.850 -5.557 -0.921 2.778 12.860 
-3.185 29.605 9  AA_C13G14:C21G22_AA A 13 ? A 22 ? A 14 ? A 21 ? 
1 A G   14 1_555 A C 21 1_555 A C   15 1_555 A G 20 1_555 0.176  -2.501 3.305 -0.465 0.776  27.619 -5.424 -0.481 3.232 1.626  
0.974  27.633 10 AA_G14C15:G20C21_AA A 14 ? A 21 ? A 15 ? A 20 ? 
1 A C   15 1_555 A G 20 1_555 A G   16 1_555 A A 19 1_555 -1.855 -1.184 2.777 -3.117 7.022  55.807 -1.590 1.818  2.714 7.463  
3.313  56.291 11 AA_C15G16:A19G20_AA A 15 ? A 20 ? A 16 ? A 19 ? 
# 
_pdbx_audit_support.funding_organization   'National Aeronautic Space Administration (NASA, United States)' 
_pdbx_audit_support.country                'United States' 
_pdbx_audit_support.grant_number           ? 
_pdbx_audit_support.ordinal                1 
# 
loop_
_pdbx_entity_nonpoly.entity_id 
_pdbx_entity_nonpoly.name 
_pdbx_entity_nonpoly.comp_id 
3 "5'-O-[(S)-hydroxy(4-methyl-1H-imidazol-5-yl)phosphoryl]guanosine" 8OS 
4 water                                                              HOH 
# 
_pdbx_initial_refinement_model.id               1 
_pdbx_initial_refinement_model.entity_id_list   ? 
_pdbx_initial_refinement_model.type             'experimental model' 
_pdbx_initial_refinement_model.source_name      PDB 
_pdbx_initial_refinement_model.accession_code   4FNJ 
_pdbx_initial_refinement_model.details          ? 
# 
